data_8RLL
#
_entry.id   8RLL
#
_cell.length_a   149.491
_cell.length_b   149.491
_cell.length_c   247.014
_cell.angle_alpha   90.000
_cell.angle_beta   90.000
_cell.angle_gamma   120.000
#
_symmetry.space_group_name_H-M   'H 3'
#
loop_
_entity.id
_entity.type
_entity.pdbx_description
1 polymer 'Class C beta-lactamase-related serine hydrolase'
2 water water
#
_entity_poly.entity_id   1
_entity_poly.type   'polypeptide(L)'
_entity_poly.pdbx_seq_one_letter_code
;GPDAAVENPRIGRAADLYELIPEYQPDTYRNMDKVYPTRVIHKGTKVRPLPAGVAIAPRYRIGGEEYGVDDFMRRNRVGG
VLVLKDGKVALERYGLGNDERTRWTSFSVVKSISSTLVGAAVQQGLLALDQPVDKYLPSLAGSAYQGVTVEQVLQMSSGV
RWNETYRDPKSDRRQMFDAQLAERPGGILRLLASLPRQYPSGTHFTYSTGESHLQSELLHAATRIPVSDYLSERIWARMG
MESDGFWQLESPAGQEIGSSGLSATLRDYGRFGQFVLEDGVIDGERILPEGWVDRASRVEASSHLAPGKLYDGEYALGYG
YQWWTFPVGAKALPEHDGGAFEAQGIFGQYLYINRKEKIVAVVWSAWPKPEMDDREEETYAFLGAAVKALR
;
_entity_poly.pdbx_strand_id   A,B,C,D
#
# COMPACT_ATOMS: atom_id res chain seq x y z
N GLU A 7 -34.24 -15.15 -14.99
CA GLU A 7 -35.06 -14.29 -15.84
C GLU A 7 -34.60 -14.34 -17.31
N ASN A 8 -35.36 -13.69 -18.20
CA ASN A 8 -35.13 -13.82 -19.64
C ASN A 8 -33.85 -13.09 -20.05
N PRO A 9 -32.92 -13.77 -20.72
CA PRO A 9 -31.68 -13.10 -21.13
C PRO A 9 -31.94 -11.93 -22.08
N ARG A 10 -31.15 -10.86 -21.89
CA ARG A 10 -31.31 -9.59 -22.58
C ARG A 10 -30.24 -9.51 -23.65
N ILE A 11 -30.52 -10.10 -24.80
CA ILE A 11 -29.55 -10.24 -25.87
C ILE A 11 -30.03 -9.41 -27.05
N GLY A 12 -29.14 -8.60 -27.61
CA GLY A 12 -29.52 -7.63 -28.61
C GLY A 12 -29.28 -8.12 -30.01
N ARG A 13 -29.71 -7.32 -30.99
CA ARG A 13 -29.57 -7.75 -32.38
C ARG A 13 -28.10 -7.76 -32.78
N ALA A 14 -27.78 -8.61 -33.75
CA ALA A 14 -26.40 -8.72 -34.21
C ALA A 14 -25.79 -7.37 -34.58
N ALA A 15 -26.59 -6.47 -35.13
CA ALA A 15 -26.09 -5.20 -35.65
C ALA A 15 -25.89 -4.14 -34.57
N ASP A 16 -26.26 -4.43 -33.32
CA ASP A 16 -26.15 -3.44 -32.24
C ASP A 16 -25.01 -3.73 -31.27
N LEU A 17 -24.04 -4.57 -31.64
CA LEU A 17 -22.99 -4.98 -30.71
C LEU A 17 -22.28 -3.76 -30.10
N TYR A 18 -21.86 -2.83 -30.93
CA TYR A 18 -21.16 -1.63 -30.47
C TYR A 18 -22.10 -0.55 -29.98
N GLU A 19 -23.37 -0.85 -29.69
CA GLU A 19 -24.32 0.20 -29.32
C GLU A 19 -25.35 -0.21 -28.29
N LEU A 20 -25.23 -1.39 -27.69
CA LEU A 20 -26.18 -1.85 -26.71
C LEU A 20 -26.33 -0.90 -25.54
N ILE A 21 -27.58 -0.71 -25.09
CA ILE A 21 -27.89 -0.08 -23.80
C ILE A 21 -27.34 -0.97 -22.68
N PRO A 22 -27.10 -0.44 -21.47
CA PRO A 22 -26.42 -1.25 -20.45
C PRO A 22 -27.18 -2.49 -20.03
N GLU A 23 -28.51 -2.46 -20.00
CA GLU A 23 -29.26 -3.65 -19.59
C GLU A 23 -28.91 -4.87 -20.44
N TYR A 24 -28.41 -4.66 -21.67
CA TYR A 24 -28.18 -5.74 -22.60
C TYR A 24 -26.73 -6.17 -22.71
N GLN A 25 -25.78 -5.36 -22.26
CA GLN A 25 -24.38 -5.68 -22.52
C GLN A 25 -23.93 -6.96 -21.86
N PRO A 26 -24.12 -7.17 -20.54
CA PRO A 26 -23.68 -8.44 -19.95
C PRO A 26 -24.23 -9.66 -20.66
N ASP A 27 -25.54 -9.71 -20.89
CA ASP A 27 -26.14 -10.91 -21.48
C ASP A 27 -25.60 -11.15 -22.89
N THR A 28 -25.52 -10.10 -23.70
CA THR A 28 -24.98 -10.29 -25.05
C THR A 28 -23.53 -10.78 -25.00
N TYR A 29 -22.70 -10.16 -24.15
CA TYR A 29 -21.27 -10.43 -24.17
C TYR A 29 -20.96 -11.87 -23.72
N ARG A 30 -21.78 -12.47 -22.87
CA ARG A 30 -21.57 -13.87 -22.50
C ARG A 30 -22.50 -14.82 -23.22
N ASN A 31 -23.05 -14.41 -24.39
CA ASN A 31 -23.91 -15.28 -25.19
C ASN A 31 -23.74 -15.00 -26.68
N MET A 32 -22.52 -14.67 -27.11
CA MET A 32 -22.29 -14.26 -28.49
C MET A 32 -22.58 -15.37 -29.50
N ASP A 33 -22.53 -16.63 -29.06
CA ASP A 33 -22.83 -17.72 -29.98
C ASP A 33 -24.33 -17.84 -30.27
N LYS A 34 -25.15 -17.11 -29.54
CA LYS A 34 -26.58 -17.03 -29.78
C LYS A 34 -26.96 -15.85 -30.69
N VAL A 35 -25.97 -15.16 -31.30
CA VAL A 35 -26.26 -14.06 -32.21
C VAL A 35 -25.33 -14.03 -33.42
N TYR A 36 -24.27 -14.83 -33.41
CA TYR A 36 -23.28 -14.83 -34.47
C TYR A 36 -22.86 -16.26 -34.77
N PRO A 37 -22.45 -16.54 -36.00
CA PRO A 37 -21.81 -17.83 -36.27
C PRO A 37 -20.49 -17.93 -35.53
N THR A 38 -20.23 -19.10 -34.95
CA THR A 38 -19.03 -19.32 -34.17
C THR A 38 -18.51 -20.72 -34.41
N ARG A 39 -17.19 -20.87 -34.25
CA ARG A 39 -16.56 -22.18 -34.15
C ARG A 39 -16.08 -22.42 -32.74
N VAL A 40 -16.07 -23.66 -32.31
CA VAL A 40 -15.65 -24.02 -30.97
C VAL A 40 -14.16 -24.22 -30.94
N ILE A 41 -13.49 -23.64 -29.95
CA ILE A 41 -12.09 -23.93 -29.62
C ILE A 41 -12.10 -25.03 -28.57
N HIS A 42 -11.71 -26.24 -28.97
CA HIS A 42 -11.82 -27.37 -28.05
C HIS A 42 -10.68 -27.38 -27.06
N LYS A 43 -11.02 -27.63 -25.79
CA LYS A 43 -10.02 -27.93 -24.78
C LYS A 43 -9.54 -29.37 -24.95
N GLY A 44 -8.95 -29.94 -23.92
CA GLY A 44 -8.40 -31.27 -24.05
C GLY A 44 -8.56 -32.05 -22.77
N THR A 45 -7.80 -33.14 -22.64
CA THR A 45 -7.95 -33.98 -21.45
C THR A 45 -7.19 -33.41 -20.26
N LYS A 46 -5.99 -32.88 -20.50
CA LYS A 46 -5.21 -32.27 -19.45
C LYS A 46 -5.63 -30.81 -19.23
N VAL A 47 -5.61 -30.38 -17.98
CA VAL A 47 -5.91 -29.01 -17.60
C VAL A 47 -4.79 -28.50 -16.71
N ARG A 48 -4.09 -27.42 -17.14
CA ARG A 48 -3.03 -27.01 -16.24
C ARG A 48 -3.59 -26.30 -15.01
N PRO A 49 -3.06 -26.60 -13.83
CA PRO A 49 -3.58 -26.00 -12.61
C PRO A 49 -3.29 -24.51 -12.52
N LEU A 50 -4.20 -23.82 -11.81
CA LEU A 50 -4.02 -22.46 -11.33
C LEU A 50 -4.24 -22.51 -9.83
N PRO A 51 -3.27 -23.03 -9.06
CA PRO A 51 -3.46 -23.15 -7.62
C PRO A 51 -3.66 -21.79 -6.97
N ALA A 52 -4.30 -21.79 -5.80
CA ALA A 52 -4.39 -20.57 -5.03
C ALA A 52 -2.99 -20.16 -4.60
N GLY A 53 -2.85 -18.89 -4.28
CA GLY A 53 -1.56 -18.37 -3.82
C GLY A 53 -1.74 -17.27 -2.80
N VAL A 54 -0.74 -16.38 -2.74
CA VAL A 54 -0.78 -15.21 -1.88
C VAL A 54 -2.06 -14.45 -2.19
N ALA A 55 -3.01 -14.42 -1.25
CA ALA A 55 -4.26 -13.69 -1.45
C ALA A 55 -4.12 -12.23 -1.01
N ILE A 56 -4.70 -11.32 -1.79
CA ILE A 56 -4.52 -9.89 -1.59
C ILE A 56 -5.87 -9.22 -1.53
N ALA A 57 -5.99 -8.19 -0.70
CA ALA A 57 -7.18 -7.34 -0.65
C ALA A 57 -6.77 -5.93 -1.07
N PRO A 58 -6.46 -5.74 -2.36
CA PRO A 58 -5.90 -4.46 -2.80
C PRO A 58 -6.88 -3.31 -2.58
N ARG A 59 -6.34 -2.18 -2.13
CA ARG A 59 -7.07 -0.93 -1.97
C ARG A 59 -6.31 0.17 -2.68
N TYR A 60 -6.99 1.28 -2.97
CA TYR A 60 -6.34 2.40 -3.63
C TYR A 60 -7.26 3.62 -3.52
N ARG A 61 -6.76 4.77 -3.95
CA ARG A 61 -7.45 6.04 -3.68
C ARG A 61 -8.02 6.68 -4.93
N ILE A 62 -9.17 7.30 -4.74
CA ILE A 62 -9.92 8.02 -5.77
C ILE A 62 -10.61 9.18 -5.07
N GLY A 63 -10.54 10.38 -5.66
CA GLY A 63 -11.13 11.55 -5.04
C GLY A 63 -10.71 11.77 -3.60
N GLY A 64 -9.45 11.43 -3.29
CA GLY A 64 -8.92 11.58 -1.96
C GLY A 64 -9.45 10.61 -0.94
N GLU A 65 -10.08 9.51 -1.38
CA GLU A 65 -10.71 8.53 -0.51
C GLU A 65 -10.24 7.12 -0.89
N GLU A 66 -10.18 6.23 0.10
CA GLU A 66 -9.68 4.88 -0.14
C GLU A 66 -10.83 3.91 -0.43
N TYR A 67 -10.59 2.99 -1.36
CA TYR A 67 -11.64 2.15 -1.93
C TYR A 67 -11.01 0.84 -2.40
N GLY A 68 -11.70 -0.27 -2.16
CA GLY A 68 -11.20 -1.58 -2.49
C GLY A 68 -11.97 -2.22 -3.63
N VAL A 69 -11.69 -3.52 -3.84
CA VAL A 69 -12.13 -4.24 -5.04
C VAL A 69 -13.60 -3.98 -5.36
N ASP A 70 -14.47 -4.03 -4.35
CA ASP A 70 -15.91 -3.91 -4.58
C ASP A 70 -16.25 -2.57 -5.22
N ASP A 71 -15.63 -1.51 -4.72
CA ASP A 71 -15.95 -0.19 -5.26
C ASP A 71 -15.38 -0.02 -6.66
N PHE A 72 -14.23 -0.64 -6.94
CA PHE A 72 -13.73 -0.64 -8.31
C PHE A 72 -14.71 -1.35 -9.24
N MET A 73 -15.13 -2.57 -8.89
CA MET A 73 -16.13 -3.31 -9.69
C MET A 73 -17.38 -2.45 -9.92
N ARG A 74 -17.88 -1.80 -8.86
CA ARG A 74 -19.10 -1.01 -9.00
C ARG A 74 -18.87 0.21 -9.87
N ARG A 75 -17.74 0.90 -9.68
CA ARG A 75 -17.47 2.13 -10.41
C ARG A 75 -17.28 1.86 -11.90
N ASN A 76 -16.52 0.81 -12.24
CA ASN A 76 -16.15 0.52 -13.61
C ASN A 76 -16.96 -0.62 -14.23
N ARG A 77 -18.12 -0.93 -13.67
CA ARG A 77 -19.02 -1.98 -14.17
C ARG A 77 -18.23 -3.21 -14.62
N VAL A 78 -17.51 -3.79 -13.66
CA VAL A 78 -16.57 -4.86 -13.95
C VAL A 78 -17.27 -6.20 -13.85
N GLY A 79 -17.01 -7.07 -14.82
CA GLY A 79 -17.63 -8.38 -14.88
C GLY A 79 -16.71 -9.48 -14.41
N GLY A 80 -15.40 -9.23 -14.42
CA GLY A 80 -14.47 -10.22 -13.91
C GLY A 80 -13.10 -9.62 -13.66
N VAL A 81 -12.42 -10.11 -12.62
CA VAL A 81 -11.02 -9.77 -12.37
C VAL A 81 -10.27 -11.02 -11.93
N LEU A 82 -9.16 -11.30 -12.61
CA LEU A 82 -8.29 -12.39 -12.19
C LEU A 82 -6.89 -11.82 -12.10
N VAL A 83 -6.27 -11.93 -10.93
CA VAL A 83 -4.85 -11.63 -10.80
C VAL A 83 -4.15 -12.94 -10.46
N LEU A 84 -3.19 -13.31 -11.32
CA LEU A 84 -2.23 -14.39 -11.10
C LEU A 84 -0.87 -13.79 -10.75
N LYS A 85 -0.23 -14.35 -9.73
CA LYS A 85 1.15 -14.04 -9.36
C LYS A 85 1.93 -15.35 -9.24
N ASP A 86 3.03 -15.47 -9.98
CA ASP A 86 3.85 -16.69 -10.00
C ASP A 86 3.04 -17.91 -10.45
N GLY A 87 2.03 -17.71 -11.30
CA GLY A 87 1.21 -18.80 -11.76
C GLY A 87 0.13 -19.27 -10.80
N LYS A 88 -0.01 -18.61 -9.65
CA LYS A 88 -1.05 -18.93 -8.68
C LYS A 88 -2.05 -17.78 -8.58
N VAL A 89 -3.29 -18.12 -8.24
CA VAL A 89 -4.40 -17.15 -8.22
C VAL A 89 -4.31 -16.29 -6.96
N ALA A 90 -4.00 -15.01 -7.13
CA ALA A 90 -4.01 -14.04 -6.02
C ALA A 90 -5.37 -13.36 -5.85
N LEU A 91 -6.13 -13.19 -6.92
CA LEU A 91 -7.44 -12.57 -6.76
C LEU A 91 -8.38 -13.07 -7.86
N GLU A 92 -9.66 -13.25 -7.53
CA GLU A 92 -10.59 -13.83 -8.50
C GLU A 92 -12.01 -13.40 -8.16
N ARG A 93 -12.56 -12.49 -8.94
CA ARG A 93 -13.92 -12.03 -8.74
C ARG A 93 -14.72 -12.17 -10.03
N TYR A 94 -16.01 -12.45 -9.87
CA TYR A 94 -17.01 -12.40 -10.92
C TYR A 94 -18.08 -11.37 -10.58
N GLY A 95 -18.54 -10.64 -11.59
CA GLY A 95 -19.58 -9.66 -11.41
C GLY A 95 -20.61 -9.73 -12.55
N LEU A 96 -21.61 -8.85 -12.45
CA LEU A 96 -22.61 -8.66 -13.49
C LEU A 96 -23.32 -9.94 -13.87
N GLY A 97 -23.51 -10.85 -12.93
CA GLY A 97 -24.12 -12.12 -13.23
C GLY A 97 -23.17 -13.25 -13.55
N ASN A 98 -21.92 -12.97 -13.93
CA ASN A 98 -21.00 -14.02 -14.35
C ASN A 98 -20.60 -14.94 -13.20
N ASP A 99 -19.97 -16.06 -13.57
CA ASP A 99 -19.33 -16.98 -12.62
C ASP A 99 -18.25 -17.79 -13.37
N GLU A 100 -17.75 -18.83 -12.70
CA GLU A 100 -16.60 -19.57 -13.21
C GLU A 100 -16.82 -20.14 -14.59
N ARG A 101 -18.08 -20.36 -15.00
CA ARG A 101 -18.34 -21.02 -16.27
C ARG A 101 -18.67 -20.06 -17.41
N THR A 102 -19.11 -18.84 -17.11
CA THR A 102 -19.29 -17.79 -18.09
C THR A 102 -18.16 -17.76 -19.12
N ARG A 103 -18.51 -17.62 -20.39
CA ARG A 103 -17.56 -17.16 -21.39
C ARG A 103 -17.95 -15.77 -21.83
N TRP A 104 -16.96 -14.90 -21.92
CA TRP A 104 -17.11 -13.48 -22.15
C TRP A 104 -16.39 -13.15 -23.46
N THR A 105 -16.98 -12.28 -24.28
CA THR A 105 -16.31 -11.94 -25.54
C THR A 105 -15.12 -11.02 -25.27
N SER A 106 -14.09 -11.19 -26.08
CA SER A 106 -12.80 -10.52 -25.91
C SER A 106 -12.74 -9.14 -26.53
N PHE A 107 -13.64 -8.85 -27.44
CA PHE A 107 -13.41 -7.83 -28.45
C PHE A 107 -11.98 -7.88 -28.93
N SER A 108 -11.35 -6.71 -29.03
CA SER A 108 -10.06 -6.60 -29.70
C SER A 108 -8.93 -7.31 -28.95
N VAL A 109 -9.19 -7.83 -27.74
CA VAL A 109 -8.19 -8.63 -27.01
C VAL A 109 -7.71 -9.78 -27.89
N VAL A 110 -8.61 -10.36 -28.69
CA VAL A 110 -8.22 -11.52 -29.49
C VAL A 110 -7.07 -11.17 -30.44
N LYS A 111 -6.96 -9.89 -30.82
CA LYS A 111 -5.82 -9.41 -31.61
C LYS A 111 -4.52 -10.02 -31.13
N SER A 112 -4.27 -9.89 -29.82
CA SER A 112 -3.01 -10.36 -29.28
C SER A 112 -2.92 -11.87 -29.36
N ILE A 113 -4.02 -12.56 -29.04
CA ILE A 113 -4.09 -14.01 -29.22
C ILE A 113 -3.70 -14.38 -30.65
N SER A 114 -4.30 -13.72 -31.62
CA SER A 114 -4.03 -14.21 -32.96
C SER A 114 -2.62 -13.83 -33.37
N SER A 115 -2.12 -12.70 -32.84
CA SER A 115 -0.70 -12.36 -32.96
C SER A 115 0.16 -13.50 -32.40
N THR A 116 -0.19 -13.99 -31.21
CA THR A 116 0.54 -15.12 -30.64
C THR A 116 0.50 -16.31 -31.57
N LEU A 117 -0.68 -16.58 -32.19
CA LEU A 117 -0.79 -17.72 -33.07
C LEU A 117 0.13 -17.56 -34.27
N VAL A 118 0.22 -16.35 -34.82
CA VAL A 118 1.21 -16.10 -35.87
C VAL A 118 2.58 -16.58 -35.39
N GLY A 119 2.95 -16.18 -34.17
CA GLY A 119 4.20 -16.64 -33.60
C GLY A 119 4.36 -18.14 -33.64
N ALA A 120 3.35 -18.88 -33.19
CA ALA A 120 3.46 -20.34 -33.20
C ALA A 120 3.64 -20.86 -34.62
N ALA A 121 2.90 -20.26 -35.58
CA ALA A 121 3.11 -20.60 -36.98
C ALA A 121 4.54 -20.32 -37.41
N VAL A 122 5.10 -19.20 -36.95
CA VAL A 122 6.48 -18.88 -37.28
C VAL A 122 7.42 -19.91 -36.68
N GLN A 123 7.09 -20.43 -35.50
CA GLN A 123 7.92 -21.47 -34.92
C GLN A 123 7.92 -22.70 -35.81
N GLN A 124 6.82 -22.96 -36.52
CA GLN A 124 6.62 -24.17 -37.33
C GLN A 124 7.06 -24.01 -38.79
N GLY A 125 7.38 -22.79 -39.21
CA GLY A 125 7.83 -22.56 -40.57
C GLY A 125 6.74 -22.18 -41.54
N LEU A 126 5.51 -22.01 -41.07
CA LEU A 126 4.43 -21.70 -41.98
C LEU A 126 4.33 -20.21 -42.26
N LEU A 127 4.98 -19.36 -41.46
CA LEU A 127 4.98 -17.93 -41.69
C LEU A 127 6.35 -17.36 -41.35
N ALA A 128 6.70 -16.31 -42.06
CA ALA A 128 7.91 -15.54 -41.75
C ALA A 128 7.55 -14.07 -41.66
N LEU A 129 8.13 -13.37 -40.69
CA LEU A 129 7.78 -11.97 -40.47
C LEU A 129 8.21 -11.09 -41.64
N ASP A 130 9.27 -11.49 -42.36
CA ASP A 130 9.77 -10.70 -43.47
C ASP A 130 9.07 -10.99 -44.78
N GLN A 131 8.18 -12.03 -44.82
CA GLN A 131 7.56 -12.40 -46.09
C GLN A 131 6.43 -11.45 -46.45
N PRO A 132 6.17 -11.27 -47.74
CA PRO A 132 5.07 -10.38 -48.15
C PRO A 132 3.73 -11.06 -47.92
N VAL A 133 2.77 -10.25 -47.48
CA VAL A 133 1.48 -10.79 -47.06
C VAL A 133 0.72 -11.36 -48.27
N ASP A 134 1.11 -11.00 -49.48
CA ASP A 134 0.46 -11.53 -50.67
C ASP A 134 1.12 -12.80 -51.19
N LYS A 135 2.30 -13.17 -50.69
CA LYS A 135 2.82 -14.52 -50.96
C LYS A 135 1.98 -15.60 -50.27
N TYR A 136 1.12 -15.23 -49.32
CA TYR A 136 0.24 -16.17 -48.64
C TYR A 136 -1.24 -15.98 -49.00
N LEU A 137 -1.66 -14.74 -49.27
CA LEU A 137 -3.01 -14.44 -49.75
C LEU A 137 -2.86 -13.79 -51.12
N PRO A 138 -2.84 -14.59 -52.20
CA PRO A 138 -2.68 -14.01 -53.54
C PRO A 138 -3.84 -13.10 -53.95
N SER A 139 -4.97 -13.14 -53.24
CA SER A 139 -6.04 -12.17 -53.43
C SER A 139 -5.59 -10.73 -53.20
N LEU A 140 -4.51 -10.53 -52.44
CA LEU A 140 -4.03 -9.19 -52.15
C LEU A 140 -2.90 -8.76 -53.06
N ALA A 141 -2.75 -9.42 -54.21
CA ALA A 141 -1.78 -8.98 -55.20
C ALA A 141 -2.35 -7.81 -55.99
N GLY A 142 -1.49 -6.83 -56.27
CA GLY A 142 -1.97 -5.62 -56.90
C GLY A 142 -2.90 -4.76 -56.06
N SER A 143 -3.08 -5.07 -54.77
CA SER A 143 -3.75 -4.20 -53.82
C SER A 143 -2.71 -3.37 -53.07
N ALA A 144 -3.18 -2.46 -52.21
CA ALA A 144 -2.23 -1.71 -51.40
C ALA A 144 -1.39 -2.64 -50.54
N TYR A 145 -1.93 -3.81 -50.19
CA TYR A 145 -1.22 -4.70 -49.29
C TYR A 145 -0.16 -5.55 -49.98
N GLN A 146 0.06 -5.38 -51.29
CA GLN A 146 1.08 -6.15 -51.97
C GLN A 146 2.46 -5.71 -51.51
N GLY A 147 3.33 -6.68 -51.20
CA GLY A 147 4.65 -6.37 -50.69
C GLY A 147 4.73 -6.07 -49.21
N VAL A 148 3.61 -5.68 -48.58
CA VAL A 148 3.57 -5.52 -47.13
C VAL A 148 3.94 -6.83 -46.45
N THR A 149 4.67 -6.74 -45.34
CA THR A 149 5.15 -7.95 -44.68
C THR A 149 4.17 -8.40 -43.60
N VAL A 150 4.29 -9.69 -43.24
CA VAL A 150 3.63 -10.19 -42.04
C VAL A 150 3.96 -9.30 -40.84
N GLU A 151 5.23 -8.92 -40.72
CA GLU A 151 5.67 -8.14 -39.55
C GLU A 151 5.06 -6.75 -39.54
N GLN A 152 4.92 -6.11 -40.70
CA GLN A 152 4.26 -4.81 -40.72
C GLN A 152 2.79 -4.91 -40.36
N VAL A 153 2.15 -6.04 -40.69
CA VAL A 153 0.73 -6.20 -40.37
C VAL A 153 0.56 -6.45 -38.87
N LEU A 154 1.42 -7.31 -38.29
CA LEU A 154 1.46 -7.45 -36.84
C LEU A 154 1.59 -6.12 -36.12
N GLN A 155 2.36 -5.20 -36.69
CA GLN A 155 2.69 -3.92 -36.08
C GLN A 155 1.72 -2.81 -36.47
N MET A 156 0.62 -3.16 -37.13
CA MET A 156 -0.38 -2.19 -37.53
C MET A 156 0.25 -1.04 -38.32
N SER A 157 1.25 -1.37 -39.15
CA SER A 157 2.08 -0.36 -39.81
C SER A 157 2.09 -0.49 -41.33
N SER A 158 1.04 -1.11 -41.91
CA SER A 158 1.01 -1.30 -43.36
C SER A 158 1.01 0.02 -44.12
N GLY A 159 0.47 1.07 -43.51
CA GLY A 159 0.39 2.33 -44.22
C GLY A 159 -0.73 2.41 -45.22
N VAL A 160 -1.67 1.46 -45.21
CA VAL A 160 -2.86 1.52 -46.02
C VAL A 160 -3.86 2.47 -45.37
N ARG A 161 -4.58 3.24 -46.19
CA ARG A 161 -5.60 4.15 -45.69
C ARG A 161 -6.76 3.39 -45.06
N TRP A 162 -6.95 3.58 -43.75
CA TRP A 162 -8.03 2.91 -43.03
C TRP A 162 -8.71 3.92 -42.12
N ASN A 163 -9.93 4.31 -42.47
CA ASN A 163 -10.78 5.13 -41.61
C ASN A 163 -11.43 4.23 -40.56
N GLU A 164 -11.08 4.43 -39.28
CA GLU A 164 -11.53 3.53 -38.23
C GLU A 164 -12.75 4.04 -37.48
N THR A 165 -13.16 5.28 -37.73
CA THR A 165 -14.34 5.86 -37.08
C THR A 165 -15.51 4.89 -37.13
N TYR A 166 -16.18 4.73 -36.00
CA TYR A 166 -17.38 3.93 -36.02
C TYR A 166 -18.59 4.76 -36.42
N ARG A 167 -18.67 6.00 -35.95
CA ARG A 167 -19.88 6.79 -36.11
C ARG A 167 -20.00 7.41 -37.50
N ASP A 168 -19.04 7.16 -38.38
CA ASP A 168 -19.15 7.54 -39.79
C ASP A 168 -19.71 6.34 -40.55
N PRO A 169 -20.93 6.40 -41.08
CA PRO A 169 -21.51 5.19 -41.71
C PRO A 169 -20.73 4.70 -42.92
N LYS A 170 -20.03 5.56 -43.66
CA LYS A 170 -19.25 5.08 -44.80
C LYS A 170 -17.76 4.90 -44.48
N SER A 171 -17.41 4.70 -43.20
CA SER A 171 -16.05 4.43 -42.80
C SER A 171 -15.66 2.99 -43.14
N ASP A 172 -14.36 2.71 -43.06
CA ASP A 172 -13.89 1.37 -43.38
C ASP A 172 -14.26 0.38 -42.26
N ARG A 173 -14.19 0.82 -41.01
CA ARG A 173 -14.62 -0.04 -39.90
C ARG A 173 -16.06 -0.47 -40.06
N ARG A 174 -16.93 0.46 -40.47
CA ARG A 174 -18.36 0.22 -40.55
C ARG A 174 -18.69 -0.65 -41.76
N GLN A 175 -18.01 -0.41 -42.89
CA GLN A 175 -18.04 -1.32 -44.03
C GLN A 175 -17.65 -2.74 -43.64
N MET A 176 -16.54 -2.90 -42.90
CA MET A 176 -16.18 -4.23 -42.40
C MET A 176 -17.29 -4.83 -41.54
N PHE A 177 -17.92 -4.01 -40.69
CA PHE A 177 -18.99 -4.54 -39.86
C PHE A 177 -20.16 -4.98 -40.73
N ASP A 178 -20.41 -4.24 -41.80
CA ASP A 178 -21.42 -4.63 -42.77
C ASP A 178 -21.11 -6.00 -43.37
N ALA A 179 -19.89 -6.17 -43.90
CA ALA A 179 -19.48 -7.48 -44.42
C ALA A 179 -19.73 -8.59 -43.42
N GLN A 180 -19.33 -8.38 -42.16
CA GLN A 180 -19.63 -9.36 -41.13
C GLN A 180 -21.12 -9.67 -41.06
N LEU A 181 -21.95 -8.62 -40.98
CA LEU A 181 -23.38 -8.83 -40.79
C LEU A 181 -24.02 -9.48 -42.00
N ALA A 182 -23.36 -9.43 -43.16
CA ALA A 182 -23.84 -10.05 -44.38
C ALA A 182 -23.51 -11.54 -44.43
N GLU A 183 -22.52 -11.97 -43.64
CA GLU A 183 -22.08 -13.37 -43.56
C GLU A 183 -21.64 -13.94 -44.91
N ARG A 184 -21.09 -13.10 -45.79
CA ARG A 184 -20.64 -13.61 -47.07
C ARG A 184 -19.17 -13.95 -46.99
N PRO A 185 -18.77 -15.18 -47.32
CA PRO A 185 -17.36 -15.54 -47.25
C PRO A 185 -16.49 -14.61 -48.09
N GLY A 186 -15.36 -14.21 -47.53
CA GLY A 186 -14.41 -13.39 -48.25
C GLY A 186 -14.78 -11.93 -48.41
N GLY A 187 -15.88 -11.48 -47.79
CA GLY A 187 -16.25 -10.07 -47.89
C GLY A 187 -15.18 -9.14 -47.33
N ILE A 188 -14.77 -9.39 -46.07
CA ILE A 188 -13.75 -8.57 -45.42
C ILE A 188 -12.50 -8.47 -46.29
N LEU A 189 -12.02 -9.63 -46.78
CA LEU A 189 -10.81 -9.65 -47.59
C LEU A 189 -10.95 -8.79 -48.84
N ARG A 190 -12.16 -8.77 -49.43
CA ARG A 190 -12.38 -7.95 -50.61
C ARG A 190 -12.33 -6.46 -50.27
N LEU A 191 -13.02 -6.04 -49.18
CA LEU A 191 -12.89 -4.66 -48.74
C LEU A 191 -11.42 -4.27 -48.55
N LEU A 192 -10.65 -5.15 -47.89
CA LEU A 192 -9.24 -4.86 -47.65
C LEU A 192 -8.51 -4.62 -48.96
N ALA A 193 -8.70 -5.52 -49.94
CA ALA A 193 -8.01 -5.38 -51.23
C ALA A 193 -8.45 -4.16 -52.03
N SER A 194 -9.57 -3.51 -51.71
CA SER A 194 -9.94 -2.26 -52.40
C SER A 194 -9.51 -1.00 -51.65
N LEU A 195 -8.54 -1.09 -50.69
CA LEU A 195 -8.28 0.17 -50.01
C LEU A 195 -7.01 0.81 -50.53
N PRO A 196 -6.96 2.15 -50.53
CA PRO A 196 -5.79 2.86 -51.10
C PRO A 196 -4.63 3.04 -50.12
N ARG A 197 -3.43 3.13 -50.69
CA ARG A 197 -2.25 3.40 -49.87
C ARG A 197 -2.25 4.84 -49.39
N GLN A 198 -1.60 5.08 -48.25
CA GLN A 198 -1.56 6.41 -47.64
C GLN A 198 -0.18 6.80 -47.13
N TYR A 199 0.53 5.88 -46.47
CA TYR A 199 1.88 6.14 -45.99
C TYR A 199 2.82 5.04 -46.46
N PRO A 200 4.12 5.30 -46.47
CA PRO A 200 5.09 4.24 -46.69
C PRO A 200 4.96 3.14 -45.64
N SER A 201 4.78 1.91 -46.11
CA SER A 201 4.71 0.76 -45.22
C SER A 201 5.91 0.75 -44.27
N GLY A 202 5.63 0.51 -42.98
CA GLY A 202 6.66 0.38 -41.97
C GLY A 202 6.93 1.63 -41.17
N THR A 203 6.19 2.71 -41.39
CA THR A 203 6.57 4.03 -40.91
C THR A 203 5.46 4.72 -40.11
N HIS A 204 4.21 4.37 -40.39
CA HIS A 204 3.11 5.01 -39.69
C HIS A 204 2.12 3.97 -39.19
N PHE A 205 1.54 4.23 -38.01
CA PHE A 205 0.69 3.31 -37.28
C PHE A 205 -0.77 3.71 -37.46
N THR A 206 -1.59 2.79 -37.96
CA THR A 206 -3.04 3.00 -38.02
C THR A 206 -3.73 1.77 -37.43
N TYR A 207 -4.55 1.99 -36.41
CA TYR A 207 -5.36 0.91 -35.86
C TYR A 207 -6.40 0.51 -36.87
N SER A 208 -6.33 -0.73 -37.37
CA SER A 208 -7.25 -1.17 -38.41
C SER A 208 -7.67 -2.59 -38.07
N THR A 209 -8.93 -2.76 -37.65
CA THR A 209 -9.39 -4.11 -37.35
C THR A 209 -9.43 -5.00 -38.58
N GLY A 210 -9.53 -4.43 -39.78
CA GLY A 210 -9.39 -5.24 -41.00
C GLY A 210 -7.97 -5.78 -41.15
N GLU A 211 -6.99 -4.90 -41.00
CA GLU A 211 -5.60 -5.34 -40.99
C GLU A 211 -5.34 -6.37 -39.90
N SER A 212 -5.99 -6.22 -38.76
CA SER A 212 -5.83 -7.26 -37.76
C SER A 212 -6.38 -8.60 -38.25
N HIS A 213 -7.59 -8.57 -38.86
CA HIS A 213 -8.22 -9.78 -39.38
C HIS A 213 -7.33 -10.51 -40.39
N LEU A 214 -6.56 -9.77 -41.18
CA LEU A 214 -5.55 -10.39 -42.03
C LEU A 214 -4.79 -11.49 -41.30
N GLN A 215 -4.61 -11.35 -39.98
CA GLN A 215 -3.88 -12.36 -39.22
C GLN A 215 -4.59 -13.69 -39.29
N SER A 216 -5.92 -13.67 -39.13
CA SER A 216 -6.71 -14.89 -39.27
C SER A 216 -6.58 -15.48 -40.67
N GLU A 217 -6.79 -14.64 -41.68
CA GLU A 217 -6.64 -15.08 -43.07
C GLU A 217 -5.28 -15.74 -43.33
N LEU A 218 -4.20 -15.14 -42.81
CA LEU A 218 -2.87 -15.70 -43.01
C LEU A 218 -2.71 -17.01 -42.27
N LEU A 219 -3.19 -17.06 -41.04
CA LEU A 219 -3.08 -18.29 -40.28
C LEU A 219 -3.76 -19.43 -41.01
N HIS A 220 -4.92 -19.16 -41.61
CA HIS A 220 -5.60 -20.21 -42.36
C HIS A 220 -4.83 -20.58 -43.62
N ALA A 221 -4.43 -19.59 -44.42
CA ALA A 221 -3.60 -19.85 -45.59
C ALA A 221 -2.38 -20.70 -45.26
N ALA A 222 -1.81 -20.54 -44.07
CA ALA A 222 -0.58 -21.20 -43.70
C ALA A 222 -0.80 -22.60 -43.13
N THR A 223 -1.76 -22.74 -42.22
CA THR A 223 -2.04 -24.01 -41.56
C THR A 223 -3.07 -24.83 -42.30
N ARG A 224 -3.86 -24.18 -43.16
CA ARG A 224 -4.95 -24.78 -43.92
C ARG A 224 -5.88 -25.58 -43.03
N ILE A 225 -6.05 -25.11 -41.80
CA ILE A 225 -7.11 -25.61 -40.92
C ILE A 225 -7.86 -24.41 -40.34
N PRO A 226 -9.04 -24.60 -39.76
CA PRO A 226 -9.70 -23.47 -39.09
C PRO A 226 -8.82 -22.96 -37.96
N VAL A 227 -8.78 -21.62 -37.80
CA VAL A 227 -7.92 -21.03 -36.78
C VAL A 227 -8.30 -21.51 -35.38
N SER A 228 -9.60 -21.75 -35.13
CA SER A 228 -10.00 -22.28 -33.82
C SER A 228 -9.30 -23.59 -33.52
N ASP A 229 -9.17 -24.45 -34.53
CA ASP A 229 -8.51 -25.73 -34.32
C ASP A 229 -7.02 -25.54 -34.11
N TYR A 230 -6.41 -24.57 -34.80
CA TYR A 230 -4.99 -24.30 -34.60
C TYR A 230 -4.74 -23.82 -33.18
N LEU A 231 -5.49 -22.81 -32.75
CA LEU A 231 -5.52 -22.38 -31.34
C LEU A 231 -5.62 -23.58 -30.39
N SER A 232 -6.56 -24.49 -30.65
CA SER A 232 -6.72 -25.66 -29.78
C SER A 232 -5.47 -26.52 -29.76
N GLU A 233 -4.90 -26.79 -30.94
CA GLU A 233 -3.80 -27.74 -31.04
C GLU A 233 -2.53 -27.19 -30.42
N ARG A 234 -2.23 -25.89 -30.65
CA ARG A 234 -1.01 -25.28 -30.12
C ARG A 234 -1.13 -24.98 -28.63
N ILE A 235 -2.21 -24.34 -28.21
CA ILE A 235 -2.32 -23.87 -26.83
C ILE A 235 -3.43 -24.58 -26.05
N TRP A 236 -4.67 -24.53 -26.57
CA TRP A 236 -5.86 -24.73 -25.75
C TRP A 236 -5.98 -26.16 -25.24
N ALA A 237 -5.55 -27.13 -26.02
CA ALA A 237 -5.60 -28.53 -25.60
C ALA A 237 -4.24 -29.05 -25.19
N ARG A 238 -3.22 -28.21 -25.22
CA ARG A 238 -1.85 -28.61 -24.90
C ARG A 238 -1.57 -28.23 -23.46
N MET A 239 -1.41 -26.92 -23.25
CA MET A 239 -1.36 -26.35 -21.90
C MET A 239 -2.48 -26.90 -21.04
N GLY A 240 -3.67 -26.97 -21.62
CA GLY A 240 -4.83 -27.46 -20.91
C GLY A 240 -5.71 -26.33 -20.39
N MET A 241 -6.50 -25.71 -21.27
CA MET A 241 -7.58 -24.86 -20.79
C MET A 241 -8.67 -25.73 -20.16
N GLU A 242 -9.36 -25.17 -19.15
CA GLU A 242 -10.28 -25.94 -18.32
C GLU A 242 -11.66 -26.13 -18.98
N SER A 243 -11.95 -25.31 -19.99
CA SER A 243 -13.28 -25.24 -20.57
C SER A 243 -13.13 -24.82 -22.02
N ASP A 244 -14.05 -25.28 -22.85
CA ASP A 244 -14.03 -24.92 -24.26
C ASP A 244 -14.23 -23.42 -24.43
N GLY A 245 -13.61 -22.88 -25.47
CA GLY A 245 -13.91 -21.55 -25.94
C GLY A 245 -14.68 -21.58 -27.24
N PHE A 246 -14.92 -20.39 -27.77
CA PHE A 246 -15.46 -20.31 -29.12
C PHE A 246 -15.13 -18.95 -29.69
N TRP A 247 -15.14 -18.89 -31.02
CA TRP A 247 -14.62 -17.77 -31.79
C TRP A 247 -15.69 -17.37 -32.78
N GLN A 248 -16.04 -16.08 -32.80
CA GLN A 248 -17.02 -15.56 -33.74
C GLN A 248 -16.49 -15.65 -35.17
N LEU A 249 -17.39 -15.96 -36.11
CA LEU A 249 -17.08 -16.17 -37.52
C LEU A 249 -17.65 -15.05 -38.39
N GLU A 250 -17.01 -14.87 -39.56
CA GLU A 250 -17.48 -13.96 -40.58
C GLU A 250 -18.69 -14.52 -41.35
N SER A 251 -18.91 -15.83 -41.28
CA SER A 251 -20.01 -16.47 -41.99
C SER A 251 -20.25 -17.83 -41.35
N PRO A 252 -21.42 -18.44 -41.59
CA PRO A 252 -21.68 -19.78 -41.02
C PRO A 252 -20.64 -20.78 -41.47
N ALA A 253 -19.94 -21.38 -40.48
CA ALA A 253 -18.83 -22.32 -40.69
C ALA A 253 -17.72 -21.68 -41.51
N GLY A 254 -17.67 -20.35 -41.54
CA GLY A 254 -16.65 -19.59 -42.25
C GLY A 254 -15.40 -19.27 -41.45
N GLN A 255 -14.84 -18.08 -41.67
CA GLN A 255 -13.51 -17.73 -41.20
C GLN A 255 -13.58 -16.89 -39.93
N GLU A 256 -12.81 -17.30 -38.91
CA GLU A 256 -12.66 -16.56 -37.65
C GLU A 256 -12.34 -15.08 -37.87
N ILE A 257 -13.08 -14.18 -37.20
CA ILE A 257 -12.64 -12.79 -37.14
C ILE A 257 -11.33 -12.69 -36.39
N GLY A 258 -10.27 -12.26 -37.07
CA GLY A 258 -8.98 -12.19 -36.41
C GLY A 258 -8.87 -11.02 -35.43
N SER A 259 -9.80 -10.08 -35.49
CA SER A 259 -9.75 -8.85 -34.73
C SER A 259 -10.76 -8.79 -33.59
N SER A 260 -11.84 -9.57 -33.63
CA SER A 260 -12.81 -9.51 -32.54
C SER A 260 -13.34 -10.91 -32.26
N GLY A 261 -14.16 -11.03 -31.22
CA GLY A 261 -15.11 -12.13 -31.12
C GLY A 261 -14.64 -13.46 -30.57
N LEU A 262 -13.70 -13.48 -29.62
CA LEU A 262 -13.37 -14.70 -28.90
C LEU A 262 -14.04 -14.70 -27.52
N SER A 263 -14.42 -15.87 -27.05
CA SER A 263 -15.09 -16.01 -25.75
C SER A 263 -14.45 -17.16 -25.01
N ALA A 264 -14.03 -16.91 -23.77
CA ALA A 264 -13.46 -17.96 -22.94
C ALA A 264 -13.84 -17.66 -21.51
N THR A 265 -13.58 -18.61 -20.62
CA THR A 265 -13.74 -18.31 -19.20
C THR A 265 -12.60 -17.42 -18.72
N LEU A 266 -12.81 -16.79 -17.57
CA LEU A 266 -11.82 -15.89 -16.97
C LEU A 266 -10.51 -16.62 -16.71
N ARG A 267 -10.60 -17.81 -16.12
CA ARG A 267 -9.37 -18.54 -15.82
C ARG A 267 -8.69 -19.05 -17.08
N ASP A 268 -9.45 -19.27 -18.16
CA ASP A 268 -8.81 -19.65 -19.43
C ASP A 268 -8.05 -18.46 -20.04
N TYR A 269 -8.65 -17.26 -19.99
CA TYR A 269 -7.93 -16.05 -20.37
C TYR A 269 -6.64 -15.94 -19.58
N GLY A 270 -6.73 -16.16 -18.27
CA GLY A 270 -5.54 -16.14 -17.45
C GLY A 270 -4.53 -17.21 -17.85
N ARG A 271 -5.03 -18.39 -18.27
CA ARG A 271 -4.12 -19.47 -18.66
C ARG A 271 -3.38 -19.12 -19.93
N PHE A 272 -4.04 -18.45 -20.87
CA PHE A 272 -3.34 -17.94 -22.03
C PHE A 272 -2.29 -16.92 -21.61
N GLY A 273 -2.67 -15.96 -20.77
CA GLY A 273 -1.70 -14.98 -20.30
C GLY A 273 -0.50 -15.65 -19.65
N GLN A 274 -0.76 -16.72 -18.91
CA GLN A 274 0.31 -17.47 -18.26
C GLN A 274 1.19 -18.16 -19.29
N PHE A 275 0.57 -18.72 -20.32
CA PHE A 275 1.33 -19.23 -21.45
C PHE A 275 2.31 -18.17 -21.96
N VAL A 276 1.85 -16.93 -22.08
CA VAL A 276 2.68 -15.89 -22.66
C VAL A 276 3.81 -15.50 -21.70
N LEU A 277 3.48 -15.33 -20.41
CA LEU A 277 4.48 -15.03 -19.41
C LEU A 277 5.64 -16.02 -19.45
N GLU A 278 5.34 -17.30 -19.65
CA GLU A 278 6.35 -18.35 -19.64
C GLU A 278 7.02 -18.53 -21.00
N ASP A 279 6.98 -17.49 -21.85
CA ASP A 279 7.67 -17.45 -23.15
C ASP A 279 7.22 -18.57 -24.08
N GLY A 280 5.96 -18.96 -23.98
CA GLY A 280 5.39 -19.89 -24.95
C GLY A 280 5.84 -21.30 -24.80
N VAL A 281 6.28 -21.70 -23.61
CA VAL A 281 6.77 -23.05 -23.37
C VAL A 281 5.70 -23.82 -22.62
N ILE A 282 5.34 -25.00 -23.15
CA ILE A 282 4.42 -25.92 -22.51
C ILE A 282 5.12 -27.27 -22.40
N ASP A 283 5.07 -27.89 -21.23
CA ASP A 283 5.62 -29.23 -21.00
C ASP A 283 7.03 -29.40 -21.57
N GLY A 284 7.75 -28.31 -21.82
CA GLY A 284 9.13 -28.36 -22.27
C GLY A 284 9.34 -28.07 -23.74
N GLU A 285 8.32 -28.28 -24.58
CA GLU A 285 8.41 -27.90 -25.97
C GLU A 285 8.06 -26.41 -26.13
N ARG A 286 8.73 -25.74 -27.07
CA ARG A 286 8.55 -24.31 -27.30
C ARG A 286 7.48 -24.11 -28.36
N ILE A 287 6.32 -23.57 -27.96
CA ILE A 287 5.34 -23.20 -28.96
C ILE A 287 5.70 -21.87 -29.61
N LEU A 288 6.36 -20.99 -28.90
CA LEU A 288 6.73 -19.70 -29.45
C LEU A 288 8.21 -19.66 -29.75
N PRO A 289 8.62 -18.89 -30.77
CA PRO A 289 10.05 -18.76 -31.05
C PRO A 289 10.80 -18.09 -29.91
N GLU A 290 12.08 -18.41 -29.81
CA GLU A 290 12.98 -17.74 -28.89
C GLU A 290 12.89 -16.23 -29.06
N GLY A 291 12.72 -15.52 -27.96
CA GLY A 291 12.58 -14.09 -28.02
C GLY A 291 11.35 -13.59 -28.75
N TRP A 292 10.36 -14.45 -29.04
CA TRP A 292 9.13 -13.96 -29.65
C TRP A 292 8.47 -12.93 -28.75
N VAL A 293 8.26 -13.27 -27.48
CA VAL A 293 7.63 -12.31 -26.57
C VAL A 293 8.42 -11.01 -26.50
N ASP A 294 9.76 -11.08 -26.64
CA ASP A 294 10.56 -9.86 -26.51
C ASP A 294 10.30 -8.90 -27.67
N ARG A 295 10.34 -9.41 -28.91
CA ARG A 295 10.05 -8.53 -30.04
C ARG A 295 8.57 -8.20 -30.16
N ALA A 296 7.72 -9.02 -29.55
CA ALA A 296 6.28 -8.74 -29.57
C ALA A 296 5.95 -7.49 -28.75
N SER A 297 6.76 -7.18 -27.76
CA SER A 297 6.52 -6.05 -26.87
C SER A 297 7.75 -5.16 -26.78
N ARG A 298 8.53 -5.07 -27.85
CA ARG A 298 9.69 -4.20 -27.85
C ARG A 298 9.27 -2.76 -27.57
N VAL A 299 10.05 -2.10 -26.73
CA VAL A 299 10.01 -0.66 -26.60
C VAL A 299 11.37 -0.13 -27.03
N GLU A 300 11.36 0.81 -27.97
CA GLU A 300 12.61 1.36 -28.48
C GLU A 300 12.34 2.81 -28.83
N ALA A 301 13.10 3.72 -28.21
CA ALA A 301 12.78 5.15 -28.29
C ALA A 301 12.73 5.65 -29.73
N SER A 302 13.51 5.03 -30.62
CA SER A 302 13.61 5.51 -32.01
C SER A 302 12.45 5.07 -32.91
N SER A 303 11.67 4.06 -32.53
CA SER A 303 10.62 3.51 -33.38
C SER A 303 9.34 4.35 -33.34
N HIS A 304 8.61 4.36 -34.47
CA HIS A 304 7.33 5.06 -34.56
C HIS A 304 6.24 4.39 -33.75
N LEU A 305 6.58 3.31 -33.05
CA LEU A 305 5.66 2.55 -32.24
C LEU A 305 5.87 2.76 -30.74
N ALA A 306 6.99 3.36 -30.35
CA ALA A 306 7.35 3.53 -28.94
C ALA A 306 6.27 4.30 -28.19
N PRO A 307 6.06 3.97 -26.89
CA PRO A 307 5.05 4.69 -26.10
C PRO A 307 5.23 6.19 -26.22
N GLY A 308 4.11 6.92 -26.19
CA GLY A 308 4.10 8.36 -26.37
C GLY A 308 3.98 8.82 -27.81
N LYS A 309 4.44 8.02 -28.78
CA LYS A 309 4.40 8.42 -30.19
C LYS A 309 3.09 8.11 -30.92
N LEU A 310 2.23 7.22 -30.41
CA LEU A 310 1.03 6.90 -31.18
C LEU A 310 -0.07 7.95 -30.99
N TYR A 311 -1.00 7.97 -31.94
CA TYR A 311 -2.13 8.89 -31.96
C TYR A 311 -1.66 10.35 -31.82
N ASP A 312 -0.53 10.66 -32.46
CA ASP A 312 0.08 12.00 -32.41
C ASP A 312 0.34 12.44 -30.97
N GLY A 313 0.82 11.50 -30.15
CA GLY A 313 1.15 11.83 -28.78
C GLY A 313 -0.01 12.09 -27.86
N GLU A 314 -1.24 11.72 -28.22
CA GLU A 314 -2.38 11.88 -27.32
C GLU A 314 -2.76 10.57 -26.64
N TYR A 315 -1.80 9.64 -26.53
CA TYR A 315 -2.03 8.34 -25.91
C TYR A 315 -0.70 7.84 -25.40
N ALA A 316 -0.71 7.31 -24.18
CA ALA A 316 0.55 7.06 -23.48
C ALA A 316 1.15 5.68 -23.76
N LEU A 317 0.47 4.81 -24.48
CA LEU A 317 0.96 3.44 -24.70
C LEU A 317 1.48 3.30 -26.12
N GLY A 318 2.56 2.52 -26.29
CA GLY A 318 3.10 2.19 -27.59
C GLY A 318 2.52 0.88 -28.09
N TYR A 319 3.09 0.39 -29.20
CA TYR A 319 2.55 -0.82 -29.84
C TYR A 319 3.66 -1.81 -30.17
N GLY A 320 3.35 -3.10 -30.04
CA GLY A 320 4.22 -4.16 -30.46
C GLY A 320 3.60 -5.04 -31.54
N TYR A 321 3.58 -6.35 -31.32
CA TYR A 321 2.95 -7.28 -32.24
C TYR A 321 1.51 -7.48 -31.79
N GLN A 322 0.66 -6.50 -32.10
CA GLN A 322 -0.74 -6.50 -31.68
C GLN A 322 -0.87 -6.57 -30.16
N TRP A 323 0.11 -6.01 -29.46
CA TRP A 323 0.03 -5.76 -28.02
C TRP A 323 0.25 -4.27 -27.77
N TRP A 324 -0.35 -3.77 -26.70
CA TRP A 324 -0.05 -2.41 -26.25
C TRP A 324 1.06 -2.45 -25.19
N THR A 325 2.02 -1.53 -25.32
CA THR A 325 3.20 -1.51 -24.47
C THR A 325 3.13 -0.33 -23.50
N PHE A 326 3.49 -0.56 -22.24
CA PHE A 326 3.48 0.53 -21.26
C PHE A 326 4.78 1.34 -21.32
N PRO A 327 4.72 2.64 -21.09
CA PRO A 327 5.95 3.45 -21.08
C PRO A 327 6.87 3.04 -19.95
N VAL A 328 8.17 3.26 -20.16
CA VAL A 328 9.21 2.77 -19.27
C VAL A 328 10.01 3.96 -18.70
N GLY A 329 10.86 3.67 -17.71
CA GLY A 329 11.73 4.70 -17.18
C GLY A 329 10.97 5.82 -16.48
N ALA A 330 11.42 7.06 -16.70
CA ALA A 330 10.73 8.20 -16.12
C ALA A 330 9.33 8.37 -16.68
N LYS A 331 9.06 7.76 -17.83
CA LYS A 331 7.74 7.84 -18.45
C LYS A 331 6.77 6.79 -17.94
N ALA A 332 7.20 5.87 -17.07
CA ALA A 332 6.37 4.76 -16.65
C ALA A 332 5.23 5.21 -15.75
N LEU A 333 4.09 4.53 -15.87
CA LEU A 333 3.03 4.69 -14.89
C LEU A 333 3.49 4.09 -13.56
N PRO A 334 2.99 4.60 -12.44
CA PRO A 334 3.31 3.98 -11.14
C PRO A 334 2.99 2.51 -11.12
N GLU A 335 3.99 1.70 -10.78
CA GLU A 335 3.96 0.23 -10.67
C GLU A 335 3.96 -0.48 -12.02
N HIS A 336 4.03 0.21 -13.16
CA HIS A 336 3.94 -0.48 -14.44
C HIS A 336 5.22 -0.28 -15.26
N ASP A 337 6.37 -0.59 -14.66
CA ASP A 337 7.65 -0.22 -15.23
C ASP A 337 8.45 -1.39 -15.79
N GLY A 338 8.22 -2.60 -15.33
CA GLY A 338 9.12 -3.65 -15.79
C GLY A 338 9.22 -3.90 -17.29
N GLY A 339 8.37 -3.26 -18.09
CA GLY A 339 8.19 -3.63 -19.48
C GLY A 339 6.86 -4.35 -19.63
N ALA A 340 5.85 -3.83 -18.95
CA ALA A 340 4.55 -4.48 -18.98
C ALA A 340 3.84 -4.18 -20.30
N PHE A 341 3.03 -5.14 -20.74
CA PHE A 341 2.29 -4.94 -21.98
C PHE A 341 0.93 -5.61 -21.84
N GLU A 342 -0.01 -5.16 -22.64
CA GLU A 342 -1.36 -5.65 -22.49
C GLU A 342 -2.01 -5.90 -23.84
N ALA A 343 -2.98 -6.81 -23.83
CA ALA A 343 -4.05 -6.79 -24.80
C ALA A 343 -5.20 -5.96 -24.24
N GLN A 344 -5.93 -5.29 -25.13
CA GLN A 344 -7.18 -4.68 -24.68
C GLN A 344 -8.24 -4.69 -25.78
N GLY A 345 -9.48 -4.50 -25.34
CA GLY A 345 -10.60 -4.40 -26.25
C GLY A 345 -11.69 -3.51 -25.66
N ILE A 346 -12.47 -2.90 -26.55
CA ILE A 346 -13.43 -1.85 -26.18
C ILE A 346 -14.34 -2.29 -25.03
N PHE A 347 -14.97 -1.32 -24.38
CA PHE A 347 -15.90 -1.47 -23.25
C PHE A 347 -15.22 -1.95 -21.97
N GLY A 348 -13.89 -2.10 -21.95
CA GLY A 348 -13.16 -2.38 -20.73
C GLY A 348 -12.51 -3.75 -20.59
N GLN A 349 -11.92 -4.26 -21.66
CA GLN A 349 -11.35 -5.60 -21.66
C GLN A 349 -9.85 -5.45 -21.60
N TYR A 350 -9.21 -6.17 -20.68
CA TYR A 350 -7.77 -6.08 -20.51
C TYR A 350 -7.21 -7.45 -20.20
N LEU A 351 -6.06 -7.75 -20.81
CA LEU A 351 -5.22 -8.88 -20.42
C LEU A 351 -3.81 -8.33 -20.29
N TYR A 352 -3.40 -8.05 -19.06
CA TYR A 352 -2.16 -7.35 -18.75
C TYR A 352 -1.10 -8.34 -18.30
N ILE A 353 0.11 -8.18 -18.83
CA ILE A 353 1.19 -9.10 -18.59
C ILE A 353 2.41 -8.31 -18.13
N ASN A 354 3.03 -8.77 -17.03
CA ASN A 354 4.13 -8.07 -16.36
C ASN A 354 5.18 -9.14 -16.03
N ARG A 355 6.15 -9.30 -16.93
CA ARG A 355 7.12 -10.38 -16.76
C ARG A 355 8.02 -10.12 -15.56
N LYS A 356 8.40 -8.86 -15.34
CA LYS A 356 9.21 -8.48 -14.19
C LYS A 356 8.60 -9.04 -12.90
N GLU A 357 7.37 -8.66 -12.61
CA GLU A 357 6.66 -9.11 -11.40
C GLU A 357 6.05 -10.49 -11.53
N LYS A 358 6.14 -11.14 -12.71
CA LYS A 358 5.50 -12.43 -12.98
C LYS A 358 3.99 -12.37 -12.71
N ILE A 359 3.34 -11.32 -13.23
CA ILE A 359 1.92 -11.09 -12.99
C ILE A 359 1.14 -11.18 -14.29
N VAL A 360 -0.03 -11.81 -14.22
CA VAL A 360 -1.05 -11.75 -15.25
C VAL A 360 -2.30 -11.19 -14.60
N ALA A 361 -2.95 -10.25 -15.28
CA ALA A 361 -4.26 -9.76 -14.84
C ALA A 361 -5.23 -9.80 -16.00
N VAL A 362 -6.45 -10.24 -15.73
CA VAL A 362 -7.56 -10.25 -16.70
C VAL A 362 -8.67 -9.37 -16.13
N VAL A 363 -9.22 -8.49 -16.96
CA VAL A 363 -10.35 -7.65 -16.55
C VAL A 363 -11.42 -7.68 -17.61
N TRP A 364 -12.62 -8.13 -17.22
CA TRP A 364 -13.84 -8.04 -18.02
C TRP A 364 -14.68 -6.89 -17.49
N SER A 365 -15.14 -6.02 -18.40
CA SER A 365 -15.94 -4.86 -18.06
C SER A 365 -17.06 -4.70 -19.07
N ALA A 366 -18.05 -3.84 -18.70
CA ALA A 366 -19.15 -3.45 -19.57
C ALA A 366 -19.39 -1.94 -19.37
N TRP A 367 -18.41 -1.12 -19.78
CA TRP A 367 -18.60 0.33 -19.75
C TRP A 367 -19.76 0.75 -20.66
N PRO A 368 -20.35 1.92 -20.43
CA PRO A 368 -21.38 2.39 -21.37
C PRO A 368 -20.82 2.81 -22.73
N LYS A 369 -19.71 3.55 -22.77
CA LYS A 369 -19.05 3.86 -24.03
C LYS A 369 -17.84 2.95 -24.26
N PRO A 370 -17.34 2.83 -25.48
CA PRO A 370 -16.23 1.90 -25.73
C PRO A 370 -14.86 2.44 -25.34
N GLU A 371 -14.73 3.74 -25.14
CA GLU A 371 -13.48 4.36 -24.68
C GLU A 371 -13.83 5.33 -23.57
N MET A 372 -13.21 5.17 -22.41
CA MET A 372 -13.39 6.13 -21.32
C MET A 372 -12.06 6.29 -20.60
N ASP A 373 -11.45 7.48 -20.73
CA ASP A 373 -10.13 7.72 -20.17
C ASP A 373 -10.14 7.59 -18.65
N ASP A 374 -11.13 8.18 -17.98
CA ASP A 374 -11.32 7.99 -16.54
C ASP A 374 -11.23 6.51 -16.15
N ARG A 375 -11.93 5.66 -16.90
CA ARG A 375 -12.04 4.26 -16.48
C ARG A 375 -10.80 3.44 -16.84
N GLU A 376 -10.13 3.76 -17.95
CA GLU A 376 -8.85 3.13 -18.21
C GLU A 376 -7.80 3.51 -17.16
N GLU A 377 -7.65 4.81 -16.85
CA GLU A 377 -6.64 5.15 -15.85
C GLU A 377 -7.02 4.58 -14.49
N GLU A 378 -8.31 4.53 -14.16
CA GLU A 378 -8.67 3.89 -12.90
C GLU A 378 -8.36 2.40 -12.93
N THR A 379 -8.48 1.75 -14.08
CA THR A 379 -8.10 0.34 -14.14
C THR A 379 -6.59 0.17 -13.93
N TYR A 380 -5.80 1.06 -14.54
CA TYR A 380 -4.37 1.02 -14.32
C TYR A 380 -4.05 1.25 -12.86
N ALA A 381 -4.80 2.15 -12.20
CA ALA A 381 -4.65 2.38 -10.75
C ALA A 381 -4.90 1.10 -9.96
N PHE A 382 -6.05 0.46 -10.19
CA PHE A 382 -6.34 -0.79 -9.50
C PHE A 382 -5.21 -1.80 -9.71
N LEU A 383 -4.77 -1.97 -10.96
CA LEU A 383 -3.79 -3.01 -11.25
C LEU A 383 -2.45 -2.69 -10.62
N GLY A 384 -2.11 -1.40 -10.55
CA GLY A 384 -0.91 -1.00 -9.84
C GLY A 384 -1.01 -1.26 -8.35
N ALA A 385 -2.19 -1.00 -7.77
CA ALA A 385 -2.39 -1.37 -6.37
C ALA A 385 -2.16 -2.86 -6.16
N ALA A 386 -2.59 -3.69 -7.12
CA ALA A 386 -2.37 -5.13 -6.98
C ALA A 386 -0.89 -5.49 -7.08
N VAL A 387 -0.20 -5.01 -8.11
CA VAL A 387 1.25 -5.21 -8.23
C VAL A 387 1.94 -4.83 -6.93
N LYS A 388 1.66 -3.62 -6.44
CA LYS A 388 2.28 -3.11 -5.21
C LYS A 388 1.99 -4.01 -4.02
N ALA A 389 0.79 -4.60 -3.98
CA ALA A 389 0.41 -5.47 -2.88
C ALA A 389 1.02 -6.86 -2.99
N LEU A 390 1.57 -7.21 -4.15
CA LEU A 390 2.05 -8.56 -4.35
C LEU A 390 3.56 -8.68 -4.29
N ARG A 391 4.29 -7.56 -4.34
CA ARG A 391 5.75 -7.60 -4.27
C ARG A 391 6.22 -8.33 -3.02
N GLU B 7 -51.09 -20.92 25.18
CA GLU B 7 -50.51 -20.37 26.40
C GLU B 7 -49.84 -19.02 26.10
N ASN B 8 -49.83 -18.11 27.09
CA ASN B 8 -49.37 -16.73 26.88
C ASN B 8 -47.85 -16.65 26.87
N PRO B 9 -47.25 -15.98 25.88
CA PRO B 9 -45.79 -16.00 25.76
C PRO B 9 -45.16 -15.29 26.93
N ARG B 10 -44.10 -15.90 27.45
CA ARG B 10 -43.38 -15.37 28.60
C ARG B 10 -42.06 -14.82 28.07
N ILE B 11 -42.07 -13.53 27.72
CA ILE B 11 -40.93 -12.85 27.10
C ILE B 11 -40.39 -11.80 28.07
N GLY B 12 -39.09 -11.90 28.40
CA GLY B 12 -38.48 -11.03 29.40
C GLY B 12 -38.19 -9.62 28.91
N ARG B 13 -37.78 -8.78 29.86
CA ARG B 13 -37.36 -7.42 29.51
C ARG B 13 -36.04 -7.47 28.75
N ALA B 14 -35.82 -6.48 27.89
CA ALA B 14 -34.56 -6.43 27.16
C ALA B 14 -33.35 -6.50 28.10
N ALA B 15 -33.41 -5.83 29.26
CA ALA B 15 -32.21 -5.81 30.11
C ALA B 15 -31.97 -7.14 30.83
N ASP B 16 -32.90 -8.09 30.79
CA ASP B 16 -32.76 -9.27 31.63
C ASP B 16 -32.28 -10.49 30.86
N LEU B 17 -31.75 -10.29 29.65
CA LEU B 17 -31.39 -11.40 28.78
C LEU B 17 -30.53 -12.43 29.47
N TYR B 18 -29.60 -11.98 30.30
CA TYR B 18 -28.65 -12.86 30.95
C TYR B 18 -29.12 -13.31 32.32
N GLU B 19 -30.38 -13.04 32.67
CA GLU B 19 -30.89 -13.32 34.01
C GLU B 19 -32.31 -13.83 34.01
N LEU B 20 -32.87 -14.22 32.87
CA LEU B 20 -34.24 -14.72 32.88
C LEU B 20 -34.33 -15.91 33.81
N ILE B 21 -35.48 -16.04 34.47
CA ILE B 21 -35.77 -17.25 35.23
C ILE B 21 -36.13 -18.30 34.20
N PRO B 22 -35.99 -19.61 34.51
CA PRO B 22 -36.25 -20.64 33.50
C PRO B 22 -37.53 -20.47 32.69
N GLU B 23 -38.63 -20.05 33.31
CA GLU B 23 -39.89 -19.99 32.57
C GLU B 23 -39.86 -18.95 31.46
N TYR B 24 -38.88 -18.05 31.45
CA TYR B 24 -38.82 -17.02 30.44
C TYR B 24 -37.79 -17.33 29.36
N GLN B 25 -36.94 -18.35 29.57
CA GLN B 25 -35.84 -18.57 28.63
C GLN B 25 -36.33 -19.04 27.26
N PRO B 26 -37.15 -20.10 27.14
CA PRO B 26 -37.57 -20.52 25.78
C PRO B 26 -38.28 -19.44 24.98
N ASP B 27 -39.29 -18.80 25.57
CA ASP B 27 -40.09 -17.84 24.84
C ASP B 27 -39.25 -16.64 24.41
N THR B 28 -38.32 -16.22 25.26
CA THR B 28 -37.45 -15.11 24.91
C THR B 28 -36.45 -15.50 23.84
N TYR B 29 -35.82 -16.67 24.00
CA TYR B 29 -34.81 -17.07 23.02
C TYR B 29 -35.41 -17.23 21.62
N ARG B 30 -36.70 -17.54 21.51
CA ARG B 30 -37.27 -17.70 20.19
C ARG B 30 -38.17 -16.53 19.80
N ASN B 31 -38.04 -15.40 20.46
CA ASN B 31 -38.82 -14.22 20.11
C ASN B 31 -37.98 -12.96 20.27
N MET B 32 -36.68 -13.06 19.95
CA MET B 32 -35.79 -11.94 20.23
C MET B 32 -36.15 -10.72 19.40
N ASP B 33 -36.73 -10.92 18.23
CA ASP B 33 -37.22 -9.82 17.41
C ASP B 33 -38.32 -9.00 18.08
N LYS B 34 -38.95 -9.53 19.13
CA LYS B 34 -39.92 -8.77 19.91
C LYS B 34 -39.26 -8.04 21.08
N VAL B 35 -37.94 -8.13 21.21
CA VAL B 35 -37.21 -7.49 22.30
C VAL B 35 -36.20 -6.48 21.79
N TYR B 36 -35.42 -6.84 20.79
CA TYR B 36 -34.32 -6.01 20.30
C TYR B 36 -34.53 -5.65 18.83
N PRO B 37 -33.93 -4.56 18.37
CA PRO B 37 -33.93 -4.29 16.94
C PRO B 37 -33.22 -5.40 16.19
N THR B 38 -33.80 -5.80 15.05
CA THR B 38 -33.25 -6.90 14.27
C THR B 38 -33.24 -6.53 12.78
N ARG B 39 -32.45 -7.29 12.01
CA ARG B 39 -32.46 -7.25 10.55
C ARG B 39 -32.75 -8.65 10.01
N VAL B 40 -33.53 -8.75 8.92
CA VAL B 40 -33.80 -10.06 8.35
C VAL B 40 -32.59 -10.54 7.55
N ILE B 41 -32.20 -11.79 7.79
CA ILE B 41 -31.31 -12.54 6.94
C ILE B 41 -32.21 -13.27 5.95
N HIS B 42 -32.18 -12.85 4.68
CA HIS B 42 -33.17 -13.29 3.70
C HIS B 42 -32.77 -14.61 3.06
N LYS B 43 -33.74 -15.51 2.91
CA LYS B 43 -33.51 -16.78 2.24
C LYS B 43 -33.59 -16.61 0.73
N GLY B 44 -33.23 -17.66 0.01
CA GLY B 44 -33.24 -17.66 -1.44
C GLY B 44 -34.40 -18.45 -2.06
N THR B 45 -34.18 -18.91 -3.29
CA THR B 45 -35.22 -19.57 -4.06
C THR B 45 -35.10 -21.09 -3.96
N LYS B 46 -33.90 -21.64 -4.16
CA LYS B 46 -33.68 -23.05 -3.92
C LYS B 46 -33.15 -23.27 -2.51
N VAL B 47 -33.74 -24.24 -1.82
CA VAL B 47 -33.34 -24.66 -0.50
C VAL B 47 -32.49 -25.92 -0.66
N ARG B 48 -31.31 -25.94 -0.03
CA ARG B 48 -30.52 -27.17 0.00
C ARG B 48 -31.28 -28.25 0.77
N PRO B 49 -31.41 -29.46 0.24
CA PRO B 49 -32.08 -30.53 0.98
C PRO B 49 -31.19 -31.10 2.08
N LEU B 50 -31.83 -31.75 3.04
CA LEU B 50 -31.15 -32.50 4.09
C LEU B 50 -31.90 -33.81 4.20
N PRO B 51 -31.72 -34.71 3.24
CA PRO B 51 -32.51 -35.95 3.22
C PRO B 51 -32.31 -36.72 4.51
N ALA B 52 -33.28 -37.60 4.79
CA ALA B 52 -33.08 -38.49 5.91
C ALA B 52 -31.96 -39.47 5.59
N GLY B 53 -31.36 -40.00 6.64
CA GLY B 53 -30.35 -41.01 6.49
C GLY B 53 -30.51 -42.02 7.60
N VAL B 54 -29.52 -42.88 7.80
CA VAL B 54 -29.51 -43.85 8.87
C VAL B 54 -29.86 -43.16 10.19
N ALA B 55 -31.04 -43.44 10.73
CA ALA B 55 -31.41 -42.91 12.02
C ALA B 55 -30.70 -43.67 13.14
N ILE B 56 -30.33 -42.95 14.21
CA ILE B 56 -29.73 -43.57 15.37
C ILE B 56 -30.57 -43.26 16.62
N ALA B 57 -30.36 -44.08 17.65
CA ALA B 57 -30.90 -43.84 18.99
C ALA B 57 -29.75 -43.90 20.00
N PRO B 58 -28.89 -42.88 20.03
CA PRO B 58 -27.69 -42.96 20.86
C PRO B 58 -28.03 -43.12 22.34
N ARG B 59 -27.23 -43.93 23.03
CA ARG B 59 -27.31 -44.07 24.46
C ARG B 59 -25.90 -43.94 25.01
N TYR B 60 -25.78 -43.38 26.21
CA TYR B 60 -24.44 -43.07 26.70
C TYR B 60 -24.41 -43.20 28.20
N ARG B 61 -23.20 -43.39 28.74
CA ARG B 61 -22.98 -43.66 30.16
C ARG B 61 -22.48 -42.41 30.86
N ILE B 62 -23.10 -42.08 32.00
CA ILE B 62 -22.60 -41.06 32.92
C ILE B 62 -22.79 -41.58 34.34
N GLY B 63 -21.83 -41.30 35.21
CA GLY B 63 -21.78 -41.97 36.50
C GLY B 63 -21.66 -43.46 36.26
N GLY B 64 -22.74 -44.20 36.54
CA GLY B 64 -22.79 -45.59 36.19
C GLY B 64 -24.04 -45.87 35.37
N GLU B 65 -24.90 -44.86 35.23
CA GLU B 65 -26.18 -45.00 34.55
C GLU B 65 -26.06 -44.80 33.04
N GLU B 66 -27.03 -45.36 32.33
CA GLU B 66 -27.17 -45.16 30.89
C GLU B 66 -28.35 -44.24 30.62
N TYR B 67 -28.19 -43.41 29.59
CA TYR B 67 -29.19 -42.40 29.26
C TYR B 67 -29.46 -42.43 27.77
N GLY B 68 -30.75 -42.23 27.42
CA GLY B 68 -31.18 -42.07 26.06
C GLY B 68 -31.41 -40.59 25.70
N VAL B 69 -31.83 -40.38 24.46
CA VAL B 69 -31.98 -39.02 23.95
C VAL B 69 -33.00 -38.24 24.79
N ASP B 70 -34.10 -38.90 25.19
CA ASP B 70 -35.09 -38.24 26.01
C ASP B 70 -34.49 -37.82 27.36
N ASP B 71 -33.68 -38.68 27.97
CA ASP B 71 -33.07 -38.33 29.24
C ASP B 71 -32.09 -37.16 29.08
N PHE B 72 -31.29 -37.18 28.02
CA PHE B 72 -30.41 -36.05 27.73
C PHE B 72 -31.19 -34.76 27.63
N MET B 73 -32.25 -34.76 26.83
CA MET B 73 -33.06 -33.56 26.66
C MET B 73 -33.73 -33.13 27.96
N ARG B 74 -34.09 -34.10 28.82
CA ARG B 74 -34.68 -33.75 30.11
C ARG B 74 -33.66 -33.06 31.00
N ARG B 75 -32.48 -33.67 31.15
CA ARG B 75 -31.50 -33.20 32.13
C ARG B 75 -30.95 -31.83 31.78
N ASN B 76 -30.44 -31.66 30.56
CA ASN B 76 -29.76 -30.44 30.17
C ASN B 76 -30.70 -29.41 29.55
N ARG B 77 -31.99 -29.54 29.80
CA ARG B 77 -33.04 -28.64 29.31
C ARG B 77 -32.84 -28.28 27.82
N VAL B 78 -32.85 -29.31 26.97
CA VAL B 78 -32.53 -29.15 25.56
C VAL B 78 -33.79 -28.73 24.80
N GLY B 79 -33.63 -27.82 23.85
CA GLY B 79 -34.74 -27.34 23.03
C GLY B 79 -34.66 -27.86 21.61
N GLY B 80 -33.46 -28.30 21.21
CA GLY B 80 -33.33 -28.86 19.88
C GLY B 80 -32.03 -29.60 19.68
N VAL B 81 -32.07 -30.69 18.93
CA VAL B 81 -30.84 -31.41 18.64
C VAL B 81 -30.94 -31.92 17.22
N LEU B 82 -29.91 -31.66 16.44
CA LEU B 82 -29.81 -32.13 15.06
C LEU B 82 -28.46 -32.81 14.91
N VAL B 83 -28.45 -34.02 14.39
CA VAL B 83 -27.21 -34.69 14.01
C VAL B 83 -27.34 -35.04 12.54
N LEU B 84 -26.38 -34.56 11.72
CA LEU B 84 -26.31 -34.85 10.31
C LEU B 84 -25.07 -35.67 10.03
N LYS B 85 -25.26 -36.86 9.43
CA LYS B 85 -24.16 -37.65 8.92
C LYS B 85 -24.17 -37.54 7.41
N ASP B 86 -22.98 -37.34 6.82
CA ASP B 86 -22.79 -37.24 5.37
C ASP B 86 -23.86 -36.38 4.70
N GLY B 87 -24.20 -35.28 5.36
CA GLY B 87 -25.17 -34.33 4.84
C GLY B 87 -26.61 -34.76 4.99
N LYS B 88 -26.88 -35.93 5.54
CA LYS B 88 -28.25 -36.43 5.70
C LYS B 88 -28.60 -36.42 7.19
N VAL B 89 -29.88 -36.29 7.51
CA VAL B 89 -30.30 -36.18 8.91
C VAL B 89 -30.23 -37.55 9.57
N ALA B 90 -29.41 -37.65 10.61
CA ALA B 90 -29.37 -38.86 11.42
C ALA B 90 -30.26 -38.75 12.64
N LEU B 91 -30.52 -37.53 13.10
CA LEU B 91 -31.31 -37.33 14.31
C LEU B 91 -31.83 -35.90 14.32
N GLU B 92 -33.07 -35.73 14.74
CA GLU B 92 -33.66 -34.39 14.80
C GLU B 92 -34.77 -34.43 15.83
N ARG B 93 -34.58 -33.68 16.92
CA ARG B 93 -35.52 -33.63 18.01
C ARG B 93 -35.70 -32.19 18.43
N TYR B 94 -36.86 -31.88 19.00
CA TYR B 94 -37.19 -30.55 19.46
C TYR B 94 -37.73 -30.62 20.88
N GLY B 95 -37.34 -29.65 21.71
CA GLY B 95 -37.80 -29.58 23.08
C GLY B 95 -38.41 -28.22 23.40
N LEU B 96 -38.86 -28.11 24.66
CA LEU B 96 -39.27 -26.83 25.25
C LEU B 96 -40.30 -26.10 24.42
N GLY B 97 -41.15 -26.84 23.71
CA GLY B 97 -42.18 -26.26 22.85
C GLY B 97 -41.71 -25.71 21.52
N ASN B 98 -40.51 -26.05 21.06
CA ASN B 98 -40.06 -25.57 19.76
C ASN B 98 -40.61 -26.52 18.71
N ASP B 99 -40.36 -26.19 17.44
CA ASP B 99 -40.67 -27.06 16.31
C ASP B 99 -39.69 -26.73 15.18
N GLU B 100 -39.95 -27.26 13.99
CA GLU B 100 -39.08 -27.02 12.84
C GLU B 100 -39.16 -25.59 12.33
N ARG B 101 -40.06 -24.78 12.86
CA ARG B 101 -40.17 -23.39 12.43
C ARG B 101 -39.62 -22.41 13.46
N THR B 102 -39.24 -22.90 14.64
CA THR B 102 -38.71 -22.04 15.67
C THR B 102 -37.40 -21.42 15.19
N ARG B 103 -37.21 -20.16 15.54
CA ARG B 103 -35.95 -19.48 15.32
C ARG B 103 -35.36 -19.21 16.69
N TRP B 104 -34.24 -19.86 17.00
CA TRP B 104 -33.67 -19.88 18.33
C TRP B 104 -32.41 -19.03 18.31
N THR B 105 -32.25 -18.16 19.33
CA THR B 105 -31.17 -17.18 19.31
C THR B 105 -29.84 -17.89 19.55
N SER B 106 -28.81 -17.44 18.86
CA SER B 106 -27.52 -18.14 18.83
C SER B 106 -26.67 -17.88 20.06
N PHE B 107 -26.69 -16.65 20.59
CA PHE B 107 -25.59 -16.13 21.39
C PHE B 107 -24.28 -16.33 20.62
N SER B 108 -23.25 -16.77 21.34
CA SER B 108 -21.90 -16.66 20.81
C SER B 108 -21.62 -17.64 19.68
N VAL B 109 -22.56 -18.55 19.37
CA VAL B 109 -22.44 -19.35 18.16
C VAL B 109 -22.20 -18.44 16.96
N VAL B 110 -22.88 -17.29 16.92
CA VAL B 110 -22.75 -16.39 15.78
C VAL B 110 -21.31 -15.90 15.58
N LYS B 111 -20.46 -15.98 16.61
CA LYS B 111 -19.06 -15.60 16.44
C LYS B 111 -18.38 -16.41 15.35
N SER B 112 -18.76 -17.67 15.21
CA SER B 112 -18.21 -18.49 14.13
C SER B 112 -18.79 -18.07 12.79
N ILE B 113 -20.09 -17.76 12.75
CA ILE B 113 -20.70 -17.39 11.49
C ILE B 113 -20.03 -16.14 10.92
N SER B 114 -19.92 -15.09 11.73
CA SER B 114 -19.25 -13.89 11.24
C SER B 114 -17.79 -14.16 10.92
N SER B 115 -17.14 -15.07 11.66
CA SER B 115 -15.78 -15.43 11.28
C SER B 115 -15.73 -16.03 9.89
N THR B 116 -16.64 -16.98 9.62
CA THR B 116 -16.81 -17.54 8.28
C THR B 116 -17.07 -16.43 7.27
N LEU B 117 -17.84 -15.43 7.68
CA LEU B 117 -18.07 -14.32 6.78
C LEU B 117 -16.78 -13.54 6.52
N VAL B 118 -15.93 -13.35 7.54
CA VAL B 118 -14.63 -12.76 7.25
C VAL B 118 -13.90 -13.63 6.24
N GLY B 119 -13.98 -14.96 6.43
CA GLY B 119 -13.52 -15.88 5.39
C GLY B 119 -14.03 -15.53 4.01
N ALA B 120 -15.35 -15.39 3.86
CA ALA B 120 -15.91 -15.01 2.57
C ALA B 120 -15.29 -13.69 2.06
N ALA B 121 -15.16 -12.69 2.95
CA ALA B 121 -14.59 -11.42 2.55
C ALA B 121 -13.12 -11.56 2.13
N VAL B 122 -12.41 -12.50 2.73
CA VAL B 122 -11.04 -12.72 2.29
C VAL B 122 -11.06 -13.30 0.88
N GLN B 123 -11.99 -14.21 0.61
CA GLN B 123 -12.11 -14.76 -0.74
C GLN B 123 -12.38 -13.68 -1.77
N GLN B 124 -13.32 -12.79 -1.48
CA GLN B 124 -13.62 -11.72 -2.43
C GLN B 124 -12.55 -10.63 -2.49
N GLY B 125 -11.46 -10.73 -1.73
CA GLY B 125 -10.44 -9.70 -1.78
C GLY B 125 -10.83 -8.40 -1.12
N LEU B 126 -11.80 -8.45 -0.19
CA LEU B 126 -12.21 -7.29 0.61
C LEU B 126 -11.43 -7.14 1.92
N LEU B 127 -10.94 -8.24 2.49
CA LEU B 127 -10.22 -8.23 3.75
C LEU B 127 -9.02 -9.14 3.60
N ALA B 128 -7.89 -8.72 4.16
CA ALA B 128 -6.71 -9.57 4.25
C ALA B 128 -6.38 -9.80 5.72
N LEU B 129 -6.16 -11.06 6.08
CA LEU B 129 -5.90 -11.47 7.46
C LEU B 129 -4.70 -10.73 8.08
N ASP B 130 -3.74 -10.29 7.25
CA ASP B 130 -2.56 -9.63 7.77
C ASP B 130 -2.68 -8.11 7.84
N GLN B 131 -3.86 -7.52 7.54
CA GLN B 131 -3.91 -6.06 7.56
C GLN B 131 -4.53 -5.54 8.85
N PRO B 132 -4.09 -4.37 9.32
CA PRO B 132 -4.62 -3.83 10.58
C PRO B 132 -6.10 -3.49 10.47
N VAL B 133 -6.81 -3.59 11.60
CA VAL B 133 -8.22 -3.27 11.58
C VAL B 133 -8.43 -1.78 11.41
N ASP B 134 -7.41 -0.96 11.66
CA ASP B 134 -7.57 0.47 11.43
C ASP B 134 -7.42 0.85 9.97
N LYS B 135 -6.92 -0.05 9.11
CA LYS B 135 -7.00 0.19 7.67
C LYS B 135 -8.45 0.22 7.18
N TYR B 136 -9.34 -0.56 7.82
CA TYR B 136 -10.75 -0.62 7.44
C TYR B 136 -11.65 0.16 8.38
N LEU B 137 -11.19 0.45 9.60
CA LEU B 137 -11.98 1.13 10.63
C LEU B 137 -11.13 2.30 11.14
N PRO B 138 -11.21 3.44 10.48
CA PRO B 138 -10.39 4.59 10.91
C PRO B 138 -10.71 5.04 12.31
N SER B 139 -11.94 4.84 12.75
CA SER B 139 -12.34 5.20 14.11
C SER B 139 -11.42 4.57 15.15
N LEU B 140 -10.79 3.45 14.82
CA LEU B 140 -9.86 2.82 15.74
C LEU B 140 -8.45 3.36 15.64
N ALA B 141 -8.19 4.33 14.76
CA ALA B 141 -6.87 4.95 14.69
C ALA B 141 -6.59 5.71 15.98
N GLY B 142 -5.45 5.44 16.61
CA GLY B 142 -5.08 6.03 17.88
C GLY B 142 -5.37 5.14 19.08
N SER B 143 -6.35 4.24 18.94
CA SER B 143 -6.73 3.32 19.99
C SER B 143 -5.68 2.22 20.15
N ALA B 144 -5.88 1.41 21.18
CA ALA B 144 -5.06 0.22 21.36
C ALA B 144 -5.27 -0.83 20.27
N TYR B 145 -6.24 -0.65 19.34
CA TYR B 145 -6.42 -1.61 18.25
C TYR B 145 -5.59 -1.26 17.02
N GLN B 146 -5.02 -0.05 16.97
CA GLN B 146 -4.18 0.35 15.85
C GLN B 146 -3.07 -0.67 15.62
N GLY B 147 -3.00 -1.19 14.40
CA GLY B 147 -1.99 -2.18 14.06
C GLY B 147 -2.33 -3.60 14.43
N VAL B 148 -3.40 -3.81 15.21
CA VAL B 148 -3.93 -5.16 15.42
C VAL B 148 -4.47 -5.70 14.10
N THR B 149 -3.87 -6.79 13.62
CA THR B 149 -4.23 -7.40 12.36
C THR B 149 -5.55 -8.14 12.46
N VAL B 150 -6.19 -8.32 11.29
CA VAL B 150 -7.48 -8.99 11.19
C VAL B 150 -7.41 -10.39 11.78
N GLU B 151 -6.32 -11.11 11.49
CA GLU B 151 -6.18 -12.47 11.99
C GLU B 151 -6.10 -12.52 13.52
N GLN B 152 -5.51 -11.51 14.16
CA GLN B 152 -5.44 -11.53 15.61
C GLN B 152 -6.79 -11.26 16.25
N VAL B 153 -7.61 -10.42 15.62
CA VAL B 153 -9.00 -10.29 16.06
C VAL B 153 -9.75 -11.60 15.88
N LEU B 154 -9.58 -12.25 14.73
CA LEU B 154 -10.21 -13.56 14.53
C LEU B 154 -9.76 -14.56 15.59
N GLN B 155 -8.52 -14.44 16.07
CA GLN B 155 -7.97 -15.37 17.03
C GLN B 155 -8.15 -14.92 18.46
N MET B 156 -8.96 -13.89 18.71
CA MET B 156 -9.18 -13.39 20.06
C MET B 156 -7.85 -13.05 20.72
N SER B 157 -6.91 -12.49 19.94
CA SER B 157 -5.52 -12.36 20.40
C SER B 157 -4.98 -10.95 20.27
N SER B 158 -5.83 -9.94 20.40
CA SER B 158 -5.32 -8.59 20.22
C SER B 158 -4.47 -8.12 21.39
N GLY B 159 -4.59 -8.77 22.55
CA GLY B 159 -3.88 -8.27 23.69
C GLY B 159 -4.45 -6.98 24.25
N VAL B 160 -5.64 -6.57 23.81
CA VAL B 160 -6.34 -5.45 24.44
C VAL B 160 -6.93 -5.96 25.75
N ARG B 161 -6.98 -5.08 26.76
CA ARG B 161 -7.55 -5.45 28.06
C ARG B 161 -9.06 -5.50 27.95
N TRP B 162 -9.66 -6.54 28.51
CA TRP B 162 -11.10 -6.73 28.37
C TRP B 162 -11.62 -7.56 29.53
N ASN B 163 -12.47 -6.96 30.36
CA ASN B 163 -13.11 -7.67 31.45
C ASN B 163 -14.46 -8.19 30.97
N GLU B 164 -14.59 -9.52 30.87
CA GLU B 164 -15.76 -10.15 30.24
C GLU B 164 -16.78 -10.69 31.24
N THR B 165 -16.44 -10.78 32.53
CA THR B 165 -17.38 -11.35 33.50
C THR B 165 -18.66 -10.51 33.59
N TYR B 166 -19.80 -11.21 33.60
CA TYR B 166 -21.10 -10.56 33.68
C TYR B 166 -21.42 -10.05 35.08
N ARG B 167 -20.96 -10.76 36.13
CA ARG B 167 -21.28 -10.45 37.51
C ARG B 167 -20.68 -9.15 38.00
N ASP B 168 -19.77 -8.53 37.25
CA ASP B 168 -19.19 -7.28 37.69
C ASP B 168 -19.86 -6.12 36.98
N PRO B 169 -20.68 -5.33 37.67
CA PRO B 169 -21.36 -4.19 37.01
C PRO B 169 -20.44 -3.30 36.19
N LYS B 170 -19.17 -3.20 36.54
CA LYS B 170 -18.24 -2.28 35.88
C LYS B 170 -17.44 -2.94 34.77
N SER B 171 -17.64 -4.24 34.53
CA SER B 171 -16.91 -4.98 33.50
C SER B 171 -17.12 -4.37 32.12
N ASP B 172 -16.30 -4.81 31.18
CA ASP B 172 -16.38 -4.27 29.83
C ASP B 172 -17.54 -4.87 29.06
N ARG B 173 -17.87 -6.14 29.36
CA ARG B 173 -19.05 -6.75 28.75
C ARG B 173 -20.32 -6.06 29.19
N ARG B 174 -20.45 -5.79 30.50
CA ARG B 174 -21.65 -5.13 31.00
C ARG B 174 -21.77 -3.74 30.42
N GLN B 175 -20.64 -3.08 30.17
CA GLN B 175 -20.65 -1.78 29.51
C GLN B 175 -21.14 -1.90 28.08
N MET B 176 -20.62 -2.88 27.34
CA MET B 176 -21.08 -3.10 25.97
C MET B 176 -22.58 -3.36 25.95
N PHE B 177 -23.06 -4.15 26.91
CA PHE B 177 -24.47 -4.43 27.04
C PHE B 177 -25.28 -3.16 27.25
N ASP B 178 -24.85 -2.34 28.21
CA ASP B 178 -25.51 -1.06 28.45
C ASP B 178 -25.55 -0.22 27.19
N ALA B 179 -24.49 -0.30 26.38
CA ALA B 179 -24.42 0.50 25.16
C ALA B 179 -25.42 0.01 24.11
N GLN B 180 -25.63 -1.31 24.02
CA GLN B 180 -26.67 -1.78 23.09
C GLN B 180 -28.06 -1.41 23.60
N LEU B 181 -28.29 -1.53 24.92
CA LEU B 181 -29.57 -1.10 25.47
C LEU B 181 -29.80 0.39 25.28
N ALA B 182 -28.76 1.19 25.12
CA ALA B 182 -28.96 2.60 24.83
C ALA B 182 -29.53 2.81 23.43
N GLU B 183 -29.29 1.84 22.53
CA GLU B 183 -29.70 1.91 21.14
C GLU B 183 -29.28 3.23 20.50
N ARG B 184 -27.99 3.52 20.57
CA ARG B 184 -27.39 4.64 19.90
C ARG B 184 -26.33 4.09 18.95
N PRO B 185 -26.26 4.55 17.71
CA PRO B 185 -25.29 3.95 16.78
C PRO B 185 -23.87 4.30 17.18
N GLY B 186 -22.97 3.31 17.12
CA GLY B 186 -21.54 3.54 17.36
C GLY B 186 -21.07 3.39 18.81
N GLY B 187 -21.98 3.23 19.78
CA GLY B 187 -21.55 3.11 21.16
C GLY B 187 -20.58 1.97 21.41
N ILE B 188 -20.73 0.86 20.70
CA ILE B 188 -19.84 -0.26 20.93
C ILE B 188 -18.45 0.06 20.41
N LEU B 189 -18.37 0.71 19.25
CA LEU B 189 -17.06 1.13 18.73
C LEU B 189 -16.42 2.16 19.65
N ARG B 190 -17.18 3.16 20.13
CA ARG B 190 -16.61 4.13 21.07
C ARG B 190 -16.06 3.44 22.30
N LEU B 191 -16.81 2.49 22.87
CA LEU B 191 -16.30 1.76 24.02
C LEU B 191 -15.01 1.02 23.69
N LEU B 192 -14.96 0.38 22.52
CA LEU B 192 -13.74 -0.30 22.09
C LEU B 192 -12.57 0.66 21.98
N ALA B 193 -12.82 1.87 21.49
CA ALA B 193 -11.74 2.76 21.11
C ALA B 193 -10.94 3.26 22.31
N SER B 194 -11.48 3.11 23.51
CA SER B 194 -10.81 3.55 24.72
C SER B 194 -10.27 2.38 25.54
N LEU B 195 -10.20 1.20 24.98
CA LEU B 195 -9.70 0.17 25.87
C LEU B 195 -8.18 0.19 25.90
N PRO B 196 -7.57 0.06 27.07
CA PRO B 196 -6.11 0.05 27.16
C PRO B 196 -5.51 -1.25 26.64
N ARG B 197 -4.25 -1.16 26.20
CA ARG B 197 -3.49 -2.35 25.84
C ARG B 197 -3.05 -3.10 27.10
N GLN B 198 -2.84 -4.40 26.96
CA GLN B 198 -2.41 -5.19 28.11
C GLN B 198 -1.37 -6.24 27.76
N TYR B 199 -1.39 -6.81 26.56
CA TYR B 199 -0.34 -7.70 26.11
C TYR B 199 0.11 -7.24 24.74
N PRO B 200 1.26 -7.71 24.27
CA PRO B 200 1.59 -7.57 22.86
C PRO B 200 0.57 -8.32 22.00
N SER B 201 0.01 -7.61 21.03
CA SER B 201 -0.90 -8.25 20.11
C SER B 201 -0.27 -9.52 19.54
N GLY B 202 -1.11 -10.55 19.38
CA GLY B 202 -0.70 -11.83 18.87
C GLY B 202 -0.09 -12.77 19.89
N THR B 203 -0.18 -12.47 21.18
CA THR B 203 0.48 -13.32 22.16
C THR B 203 -0.46 -13.91 23.21
N HIS B 204 -1.60 -13.29 23.48
CA HIS B 204 -2.46 -13.75 24.57
C HIS B 204 -3.93 -13.85 24.16
N PHE B 205 -4.52 -15.00 24.43
CA PHE B 205 -5.94 -15.21 24.21
C PHE B 205 -6.75 -14.53 25.30
N THR B 206 -7.63 -13.60 24.89
CA THR B 206 -8.61 -12.96 25.76
C THR B 206 -9.96 -13.07 25.05
N TYR B 207 -10.88 -13.81 25.65
CA TYR B 207 -12.21 -13.98 25.07
C TYR B 207 -12.95 -12.66 25.24
N SER B 208 -12.99 -11.87 24.17
CA SER B 208 -13.66 -10.57 24.20
C SER B 208 -14.89 -10.58 23.30
N THR B 209 -16.03 -10.18 23.87
CA THR B 209 -17.25 -10.07 23.08
C THR B 209 -17.23 -8.81 22.19
N GLY B 210 -16.55 -7.74 22.62
CA GLY B 210 -16.40 -6.58 21.75
C GLY B 210 -15.36 -6.77 20.67
N GLU B 211 -14.33 -7.56 20.95
CA GLU B 211 -13.44 -7.96 19.88
C GLU B 211 -14.18 -8.77 18.84
N SER B 212 -15.07 -9.67 19.26
CA SER B 212 -15.90 -10.37 18.28
C SER B 212 -16.73 -9.38 17.46
N HIS B 213 -17.38 -8.42 18.13
CA HIS B 213 -18.17 -7.44 17.40
C HIS B 213 -17.35 -6.69 16.34
N LEU B 214 -16.05 -6.59 16.55
CA LEU B 214 -15.22 -5.98 15.51
C LEU B 214 -15.32 -6.71 14.17
N GLN B 215 -15.57 -8.03 14.17
CA GLN B 215 -15.79 -8.73 12.90
C GLN B 215 -16.97 -8.14 12.13
N SER B 216 -18.10 -7.94 12.84
CA SER B 216 -19.26 -7.29 12.23
C SER B 216 -18.89 -5.94 11.63
N GLU B 217 -18.16 -5.12 12.39
CA GLU B 217 -17.85 -3.76 11.93
C GLU B 217 -16.91 -3.75 10.72
N LEU B 218 -15.92 -4.65 10.73
CA LEU B 218 -15.02 -4.82 9.59
C LEU B 218 -15.77 -5.28 8.36
N LEU B 219 -16.62 -6.30 8.51
CA LEU B 219 -17.42 -6.77 7.39
C LEU B 219 -18.20 -5.62 6.78
N HIS B 220 -18.87 -4.83 7.62
CA HIS B 220 -19.63 -3.72 7.08
C HIS B 220 -18.74 -2.70 6.37
N ALA B 221 -17.56 -2.42 6.94
CA ALA B 221 -16.68 -1.41 6.35
C ALA B 221 -16.06 -1.89 5.04
N ALA B 222 -15.90 -3.19 4.87
CA ALA B 222 -15.28 -3.78 3.69
C ALA B 222 -16.27 -4.13 2.59
N THR B 223 -17.53 -4.37 2.91
CA THR B 223 -18.53 -4.65 1.88
C THR B 223 -19.48 -3.48 1.64
N ARG B 224 -19.71 -2.65 2.66
CA ARG B 224 -20.64 -1.52 2.59
C ARG B 224 -22.08 -1.97 2.40
N ILE B 225 -22.41 -3.14 2.94
CA ILE B 225 -23.80 -3.60 3.04
C ILE B 225 -24.02 -4.17 4.42
N PRO B 226 -25.27 -4.19 4.89
CA PRO B 226 -25.53 -4.80 6.19
C PRO B 226 -25.10 -6.26 6.21
N VAL B 227 -24.52 -6.68 7.33
CA VAL B 227 -23.91 -8.00 7.42
C VAL B 227 -24.96 -9.09 7.25
N SER B 228 -26.22 -8.82 7.61
CA SER B 228 -27.31 -9.74 7.30
C SER B 228 -27.34 -10.02 5.81
N ASP B 229 -27.32 -8.95 5.01
CA ASP B 229 -27.42 -9.10 3.56
C ASP B 229 -26.18 -9.77 2.98
N TYR B 230 -25.00 -9.42 3.49
CA TYR B 230 -23.79 -10.12 3.05
C TYR B 230 -23.90 -11.61 3.32
N LEU B 231 -24.31 -11.98 4.55
CA LEU B 231 -24.57 -13.39 4.85
C LEU B 231 -25.59 -13.99 3.90
N SER B 232 -26.64 -13.23 3.58
CA SER B 232 -27.67 -13.74 2.68
C SER B 232 -27.07 -14.05 1.31
N GLU B 233 -26.25 -13.14 0.79
CA GLU B 233 -25.71 -13.31 -0.56
C GLU B 233 -24.65 -14.41 -0.60
N ARG B 234 -23.84 -14.53 0.46
CA ARG B 234 -22.77 -15.51 0.43
C ARG B 234 -23.27 -16.92 0.76
N ILE B 235 -24.26 -17.07 1.63
CA ILE B 235 -24.61 -18.40 2.14
C ILE B 235 -26.13 -18.58 2.21
N TRP B 236 -26.83 -17.70 2.93
CA TRP B 236 -28.21 -17.96 3.31
C TRP B 236 -29.13 -18.07 2.11
N ALA B 237 -28.80 -17.40 1.00
CA ALA B 237 -29.63 -17.43 -0.19
C ALA B 237 -28.96 -18.17 -1.35
N ARG B 238 -27.77 -18.72 -1.13
CA ARG B 238 -27.01 -19.40 -2.18
C ARG B 238 -27.08 -20.90 -1.98
N MET B 239 -26.37 -21.39 -0.97
CA MET B 239 -26.55 -22.76 -0.51
C MET B 239 -28.03 -23.11 -0.52
N GLY B 240 -28.85 -22.24 0.06
CA GLY B 240 -30.25 -22.47 0.26
C GLY B 240 -30.56 -22.79 1.70
N MET B 241 -31.22 -21.86 2.38
CA MET B 241 -31.74 -22.10 3.71
C MET B 241 -33.26 -22.13 3.63
N GLU B 242 -33.86 -23.07 4.37
CA GLU B 242 -35.32 -23.17 4.54
C GLU B 242 -35.97 -21.83 4.80
N SER B 243 -35.51 -21.16 5.84
CA SER B 243 -36.25 -20.10 6.49
C SER B 243 -35.41 -18.84 6.58
N ASP B 244 -36.10 -17.71 6.62
CA ASP B 244 -35.42 -16.48 6.97
C ASP B 244 -34.76 -16.64 8.34
N GLY B 245 -33.62 -15.98 8.49
CA GLY B 245 -33.07 -15.71 9.80
C GLY B 245 -33.32 -14.26 10.16
N PHE B 246 -32.85 -13.88 11.34
CA PHE B 246 -32.71 -12.46 11.64
C PHE B 246 -31.55 -12.30 12.60
N TRP B 247 -31.16 -11.04 12.83
CA TRP B 247 -29.90 -10.73 13.50
C TRP B 247 -30.10 -9.51 14.39
N GLN B 248 -29.79 -9.67 15.67
CA GLN B 248 -29.83 -8.56 16.62
C GLN B 248 -28.93 -7.40 16.20
N LEU B 249 -29.45 -6.19 16.30
CA LEU B 249 -28.69 -5.01 15.93
C LEU B 249 -28.38 -4.14 17.14
N GLU B 250 -27.32 -3.34 16.99
CA GLU B 250 -26.96 -2.38 18.02
C GLU B 250 -28.04 -1.32 18.20
N SER B 251 -28.80 -1.00 17.15
CA SER B 251 -29.76 0.10 17.20
C SER B 251 -30.79 -0.11 16.09
N PRO B 252 -31.96 0.56 16.16
CA PRO B 252 -32.97 0.43 15.09
C PRO B 252 -32.45 0.67 13.69
N ALA B 253 -32.51 -0.33 12.81
CA ALA B 253 -31.92 -0.25 11.47
C ALA B 253 -30.43 0.03 11.56
N GLY B 254 -29.81 -0.42 12.66
CA GLY B 254 -28.41 -0.24 12.94
C GLY B 254 -27.45 -1.31 12.47
N GLN B 255 -26.54 -1.74 13.34
CA GLN B 255 -25.40 -2.57 12.99
C GLN B 255 -25.46 -3.89 13.73
N GLU B 256 -25.21 -4.99 13.03
CA GLU B 256 -25.31 -6.31 13.63
C GLU B 256 -24.30 -6.45 14.78
N ILE B 257 -24.74 -7.14 15.83
CA ILE B 257 -23.85 -7.50 16.94
C ILE B 257 -23.06 -8.72 16.47
N GLY B 258 -21.81 -8.54 16.06
CA GLY B 258 -21.01 -9.64 15.56
C GLY B 258 -20.79 -10.75 16.57
N SER B 259 -21.10 -10.51 17.84
CA SER B 259 -20.80 -11.42 18.93
C SER B 259 -22.01 -12.18 19.48
N SER B 260 -23.24 -11.84 19.07
CA SER B 260 -24.41 -12.38 19.74
C SER B 260 -25.65 -12.17 18.87
N GLY B 261 -26.66 -13.00 19.11
CA GLY B 261 -28.01 -12.63 18.73
C GLY B 261 -28.46 -12.92 17.32
N LEU B 262 -28.01 -14.00 16.70
CA LEU B 262 -28.63 -14.44 15.45
C LEU B 262 -29.65 -15.54 15.74
N SER B 263 -30.75 -15.52 15.00
CA SER B 263 -31.85 -16.45 15.18
C SER B 263 -32.12 -17.20 13.88
N ALA B 264 -32.17 -18.54 13.97
CA ALA B 264 -32.34 -19.40 12.80
C ALA B 264 -33.03 -20.70 13.22
N THR B 265 -33.49 -21.46 12.23
CA THR B 265 -34.09 -22.75 12.50
C THR B 265 -33.02 -23.79 12.77
N LEU B 266 -33.40 -24.85 13.49
CA LEU B 266 -32.45 -25.90 13.81
C LEU B 266 -31.78 -26.43 12.54
N ARG B 267 -32.57 -26.65 11.48
CA ARG B 267 -32.02 -27.20 10.23
C ARG B 267 -31.21 -26.17 9.44
N ASP B 268 -31.52 -24.88 9.58
CA ASP B 268 -30.66 -23.86 8.95
C ASP B 268 -29.31 -23.70 9.68
N TYR B 269 -29.30 -23.83 11.00
CA TYR B 269 -28.03 -23.95 11.72
C TYR B 269 -27.23 -25.13 11.21
N GLY B 270 -27.90 -26.28 11.09
CA GLY B 270 -27.25 -27.43 10.47
C GLY B 270 -26.70 -27.15 9.09
N ARG B 271 -27.47 -26.45 8.25
CA ARG B 271 -27.02 -26.17 6.90
C ARG B 271 -25.78 -25.32 6.91
N PHE B 272 -25.73 -24.32 7.80
CA PHE B 272 -24.50 -23.57 7.97
C PHE B 272 -23.35 -24.49 8.38
N GLY B 273 -23.59 -25.32 9.39
CA GLY B 273 -22.57 -26.27 9.80
C GLY B 273 -22.08 -27.13 8.65
N GLN B 274 -23.00 -27.57 7.79
CA GLN B 274 -22.70 -28.45 6.67
C GLN B 274 -21.95 -27.72 5.57
N PHE B 275 -22.37 -26.49 5.26
CA PHE B 275 -21.55 -25.57 4.47
C PHE B 275 -20.12 -25.50 4.97
N VAL B 276 -19.94 -25.42 6.29
CA VAL B 276 -18.57 -25.34 6.80
C VAL B 276 -17.86 -26.67 6.62
N LEU B 277 -18.52 -27.77 7.01
CA LEU B 277 -17.95 -29.10 6.79
C LEU B 277 -17.55 -29.29 5.33
N GLU B 278 -18.33 -28.74 4.41
CA GLU B 278 -18.05 -28.87 2.98
C GLU B 278 -17.06 -27.85 2.49
N ASP B 279 -16.19 -27.33 3.38
CA ASP B 279 -15.07 -26.50 3.00
C ASP B 279 -15.51 -25.23 2.26
N GLY B 280 -16.72 -24.76 2.56
CA GLY B 280 -17.16 -23.49 2.01
C GLY B 280 -17.46 -23.53 0.53
N VAL B 281 -17.97 -24.66 0.04
CA VAL B 281 -18.21 -24.89 -1.37
C VAL B 281 -19.71 -25.05 -1.54
N ILE B 282 -20.32 -24.11 -2.25
CA ILE B 282 -21.71 -24.22 -2.65
C ILE B 282 -21.71 -24.47 -4.15
N ASP B 283 -22.39 -25.55 -4.58
CA ASP B 283 -22.33 -25.93 -5.98
C ASP B 283 -20.89 -26.38 -6.24
N GLY B 284 -20.15 -25.64 -7.06
CA GLY B 284 -18.77 -25.96 -7.32
C GLY B 284 -17.99 -24.68 -7.20
N GLU B 285 -18.72 -23.58 -7.04
CA GLU B 285 -18.05 -22.35 -6.67
C GLU B 285 -17.70 -22.38 -5.19
N ARG B 286 -16.75 -21.52 -4.84
CA ARG B 286 -16.10 -21.60 -3.55
C ARG B 286 -16.31 -20.26 -2.86
N ILE B 287 -16.90 -20.31 -1.66
CA ILE B 287 -17.19 -19.09 -0.93
C ILE B 287 -16.05 -18.72 0.02
N LEU B 288 -15.55 -19.70 0.75
CA LEU B 288 -14.42 -19.72 1.66
C LEU B 288 -13.12 -19.99 0.91
N PRO B 289 -12.03 -19.35 1.32
CA PRO B 289 -10.74 -19.59 0.68
C PRO B 289 -10.30 -21.05 0.82
N GLU B 290 -9.50 -21.51 -0.14
CA GLU B 290 -8.90 -22.83 -0.05
C GLU B 290 -8.15 -22.98 1.25
N GLY B 291 -8.47 -24.03 2.00
CA GLY B 291 -7.78 -24.29 3.25
C GLY B 291 -8.18 -23.38 4.39
N TRP B 292 -9.22 -22.56 4.22
CA TRP B 292 -9.66 -21.70 5.31
C TRP B 292 -10.14 -22.52 6.51
N VAL B 293 -10.86 -23.61 6.28
CA VAL B 293 -11.41 -24.33 7.43
C VAL B 293 -10.28 -24.90 8.28
N ASP B 294 -9.20 -25.35 7.64
CA ASP B 294 -8.03 -25.81 8.40
C ASP B 294 -7.38 -24.68 9.19
N ARG B 295 -7.22 -23.52 8.56
CA ARG B 295 -6.73 -22.33 9.26
C ARG B 295 -7.57 -22.02 10.49
N ALA B 296 -8.87 -21.88 10.30
CA ALA B 296 -9.80 -21.46 11.34
C ALA B 296 -9.98 -22.49 12.44
N SER B 297 -9.36 -23.66 12.32
CA SER B 297 -9.49 -24.72 13.31
C SER B 297 -8.14 -25.32 13.68
N ARG B 298 -7.05 -24.69 13.23
CA ARG B 298 -5.70 -25.21 13.43
C ARG B 298 -5.45 -25.57 14.87
N VAL B 299 -4.87 -26.75 15.07
CA VAL B 299 -4.37 -27.18 16.36
C VAL B 299 -2.87 -27.40 16.24
N GLU B 300 -2.07 -26.42 16.67
CA GLU B 300 -0.62 -26.53 16.68
C GLU B 300 -0.15 -26.45 18.12
N ALA B 301 0.50 -27.53 18.59
CA ALA B 301 0.84 -27.65 20.01
C ALA B 301 1.70 -26.50 20.51
N SER B 302 2.57 -25.94 19.66
CA SER B 302 3.39 -24.81 20.06
C SER B 302 2.63 -23.50 20.19
N SER B 303 1.38 -23.42 19.71
CA SER B 303 0.65 -22.16 19.68
C SER B 303 0.21 -21.76 21.09
N HIS B 304 0.07 -20.45 21.30
CA HIS B 304 -0.61 -20.06 22.52
C HIS B 304 -2.10 -20.34 22.48
N LEU B 305 -2.61 -20.91 21.39
CA LEU B 305 -4.01 -21.22 21.27
C LEU B 305 -4.29 -22.70 21.47
N ALA B 306 -3.25 -23.51 21.59
CA ALA B 306 -3.41 -24.95 21.49
C ALA B 306 -4.28 -25.49 22.61
N PRO B 307 -5.04 -26.55 22.35
CA PRO B 307 -5.95 -27.10 23.36
C PRO B 307 -5.18 -27.49 24.62
N GLY B 308 -5.71 -27.07 25.76
CA GLY B 308 -5.11 -27.37 27.02
C GLY B 308 -4.36 -26.22 27.63
N LYS B 309 -3.95 -25.23 26.81
CA LYS B 309 -3.28 -24.04 27.32
C LYS B 309 -4.24 -22.95 27.77
N LEU B 310 -5.52 -23.03 27.47
CA LEU B 310 -6.41 -21.94 27.75
C LEU B 310 -6.93 -22.04 29.18
N TYR B 311 -7.23 -20.88 29.76
CA TYR B 311 -7.86 -20.83 31.09
C TYR B 311 -6.98 -21.53 32.12
N ASP B 312 -5.69 -21.18 32.13
CA ASP B 312 -4.68 -21.77 33.00
C ASP B 312 -4.70 -23.31 32.95
N GLY B 313 -4.97 -23.85 31.77
CA GLY B 313 -4.93 -25.28 31.58
C GLY B 313 -6.04 -26.05 32.21
N GLU B 314 -7.08 -25.37 32.72
CA GLU B 314 -8.27 -26.02 33.27
C GLU B 314 -9.26 -26.47 32.20
N TYR B 315 -9.21 -25.90 31.01
CA TYR B 315 -10.18 -26.14 29.95
C TYR B 315 -9.52 -26.89 28.80
N ALA B 316 -10.18 -27.94 28.33
CA ALA B 316 -9.56 -28.84 27.36
C ALA B 316 -9.52 -28.27 25.95
N LEU B 317 -10.29 -27.23 25.66
CA LEU B 317 -10.52 -26.80 24.29
C LEU B 317 -9.60 -25.65 23.92
N GLY B 318 -9.03 -25.72 22.72
CA GLY B 318 -8.25 -24.63 22.16
C GLY B 318 -9.11 -23.67 21.38
N TYR B 319 -8.45 -22.73 20.69
CA TYR B 319 -9.16 -21.72 19.90
C TYR B 319 -8.54 -21.56 18.52
N GLY B 320 -9.41 -21.23 17.56
CA GLY B 320 -9.02 -20.92 16.19
C GLY B 320 -9.48 -19.55 15.74
N TYR B 321 -10.20 -19.47 14.61
CA TYR B 321 -10.76 -18.21 14.13
C TYR B 321 -12.20 -18.14 14.62
N GLN B 322 -12.35 -17.84 15.91
CA GLN B 322 -13.66 -17.85 16.58
C GLN B 322 -14.28 -19.24 16.64
N TRP B 323 -13.49 -20.30 16.50
CA TRP B 323 -13.95 -21.66 16.77
C TRP B 323 -13.18 -22.25 17.95
N TRP B 324 -13.89 -22.99 18.80
CA TRP B 324 -13.23 -23.80 19.83
C TRP B 324 -12.77 -25.10 19.19
N THR B 325 -11.54 -25.53 19.48
CA THR B 325 -10.99 -26.74 18.89
C THR B 325 -10.90 -27.84 19.93
N PHE B 326 -11.19 -29.06 19.49
CA PHE B 326 -11.07 -30.19 20.37
C PHE B 326 -9.64 -30.69 20.40
N PRO B 327 -9.19 -31.21 21.54
CA PRO B 327 -7.82 -31.74 21.62
C PRO B 327 -7.64 -32.93 20.70
N VAL B 328 -6.48 -32.99 20.05
CA VAL B 328 -6.12 -34.10 19.17
C VAL B 328 -5.11 -34.98 19.90
N GLY B 329 -5.04 -36.24 19.49
CA GLY B 329 -4.05 -37.14 20.01
C GLY B 329 -4.36 -37.71 21.38
N ALA B 330 -3.31 -37.88 22.18
CA ALA B 330 -3.39 -38.64 23.42
C ALA B 330 -4.25 -37.99 24.49
N LYS B 331 -4.62 -36.72 24.34
CA LYS B 331 -5.50 -36.08 25.31
C LYS B 331 -6.87 -35.76 24.72
N ALA B 332 -7.21 -36.38 23.58
CA ALA B 332 -8.50 -36.12 22.95
C ALA B 332 -9.64 -36.70 23.76
N LEU B 333 -10.78 -36.02 23.73
CA LEU B 333 -11.97 -36.58 24.34
C LEU B 333 -12.43 -37.81 23.55
N PRO B 334 -13.06 -38.79 24.21
CA PRO B 334 -13.53 -39.98 23.48
C PRO B 334 -14.42 -39.60 22.31
N GLU B 335 -14.13 -40.20 21.14
CA GLU B 335 -14.81 -40.05 19.86
C GLU B 335 -14.59 -38.69 19.19
N HIS B 336 -13.88 -37.76 19.84
CA HIS B 336 -13.67 -36.42 19.29
C HIS B 336 -12.21 -36.20 18.94
N ASP B 337 -11.61 -37.16 18.26
CA ASP B 337 -10.17 -37.18 18.08
C ASP B 337 -9.71 -36.56 16.77
N GLY B 338 -10.51 -36.59 15.72
CA GLY B 338 -9.86 -36.30 14.46
C GLY B 338 -9.57 -34.85 14.14
N GLY B 339 -9.68 -33.93 15.09
CA GLY B 339 -9.63 -32.53 14.72
C GLY B 339 -11.02 -31.95 14.60
N ALA B 340 -11.89 -32.30 15.55
CA ALA B 340 -13.23 -31.74 15.62
C ALA B 340 -13.16 -30.34 16.20
N PHE B 341 -14.12 -29.50 15.81
CA PHE B 341 -14.17 -28.17 16.38
C PHE B 341 -15.63 -27.77 16.51
N GLU B 342 -15.88 -26.64 17.14
CA GLU B 342 -17.25 -26.32 17.45
C GLU B 342 -17.41 -24.83 17.67
N ALA B 343 -18.63 -24.37 17.47
CA ALA B 343 -19.10 -23.08 17.94
C ALA B 343 -19.86 -23.29 19.26
N GLN B 344 -19.69 -22.39 20.22
CA GLN B 344 -20.61 -22.46 21.36
C GLN B 344 -21.10 -21.08 21.79
N GLY B 345 -22.11 -21.13 22.64
CA GLY B 345 -22.81 -19.94 23.10
C GLY B 345 -23.48 -20.26 24.41
N ILE B 346 -23.66 -19.24 25.25
CA ILE B 346 -23.95 -19.53 26.64
C ILE B 346 -25.34 -20.13 26.77
N PHE B 347 -25.57 -20.77 27.92
CA PHE B 347 -26.77 -21.52 28.27
C PHE B 347 -26.92 -22.82 27.49
N GLY B 348 -25.89 -23.24 26.76
CA GLY B 348 -25.85 -24.54 26.12
C GLY B 348 -26.10 -24.57 24.61
N GLN B 349 -25.52 -23.62 23.88
CA GLN B 349 -25.64 -23.58 22.42
C GLN B 349 -24.38 -24.16 21.80
N TYR B 350 -24.55 -25.08 20.85
CA TYR B 350 -23.43 -25.77 20.24
C TYR B 350 -23.68 -25.97 18.76
N LEU B 351 -22.63 -25.77 17.97
CA LEU B 351 -22.57 -26.10 16.55
C LEU B 351 -21.27 -26.87 16.36
N TYR B 352 -21.32 -28.18 16.51
CA TYR B 352 -20.16 -29.04 16.49
C TYR B 352 -19.96 -29.60 15.09
N ILE B 353 -18.70 -29.63 14.65
CA ILE B 353 -18.37 -30.04 13.29
C ILE B 353 -17.18 -30.99 13.36
N ASN B 354 -17.31 -32.14 12.73
CA ASN B 354 -16.33 -33.21 12.81
C ASN B 354 -16.06 -33.64 11.37
N ARG B 355 -14.94 -33.16 10.84
CA ARG B 355 -14.69 -33.33 9.43
C ARG B 355 -14.40 -34.80 9.09
N LYS B 356 -13.61 -35.48 9.91
CA LYS B 356 -13.22 -36.85 9.57
C LYS B 356 -14.38 -37.82 9.72
N GLU B 357 -15.32 -37.54 10.61
CA GLU B 357 -16.55 -38.33 10.71
C GLU B 357 -17.68 -37.77 9.86
N LYS B 358 -17.43 -36.68 9.14
CA LYS B 358 -18.43 -36.02 8.29
C LYS B 358 -19.74 -35.77 9.05
N ILE B 359 -19.63 -35.34 10.31
CA ILE B 359 -20.79 -35.12 11.16
C ILE B 359 -20.91 -33.64 11.49
N VAL B 360 -22.14 -33.14 11.43
CA VAL B 360 -22.50 -31.83 11.94
C VAL B 360 -23.52 -32.05 13.04
N ALA B 361 -23.34 -31.40 14.19
CA ALA B 361 -24.34 -31.45 15.25
C ALA B 361 -24.75 -30.05 15.65
N VAL B 362 -26.04 -29.85 15.90
CA VAL B 362 -26.57 -28.61 16.45
C VAL B 362 -27.28 -28.92 17.76
N VAL B 363 -26.92 -28.24 18.83
CA VAL B 363 -27.62 -28.38 20.10
C VAL B 363 -28.09 -27.01 20.56
N TRP B 364 -29.39 -26.91 20.85
CA TRP B 364 -29.99 -25.79 21.54
C TRP B 364 -30.43 -26.27 22.91
N SER B 365 -29.88 -25.64 23.97
CA SER B 365 -30.29 -25.81 25.36
C SER B 365 -30.81 -24.50 25.94
N ALA B 366 -31.28 -24.57 27.19
CA ALA B 366 -31.66 -23.40 27.97
C ALA B 366 -31.34 -23.76 29.42
N TRP B 367 -30.05 -23.70 29.74
CA TRP B 367 -29.58 -23.97 31.08
C TRP B 367 -30.08 -22.89 32.03
N PRO B 368 -30.05 -23.16 33.34
CA PRO B 368 -30.31 -22.07 34.30
C PRO B 368 -29.15 -21.07 34.42
N LYS B 369 -27.91 -21.53 34.31
CA LYS B 369 -26.79 -20.61 34.40
C LYS B 369 -26.04 -20.59 33.07
N PRO B 370 -25.33 -19.51 32.74
CA PRO B 370 -24.71 -19.45 31.40
C PRO B 370 -23.66 -20.54 31.15
N GLU B 371 -23.07 -21.10 32.21
CA GLU B 371 -22.01 -22.11 32.08
C GLU B 371 -22.19 -23.16 33.18
N MET B 372 -22.32 -24.42 32.77
CA MET B 372 -22.36 -25.55 33.70
C MET B 372 -21.47 -26.66 33.13
N ASP B 373 -20.31 -26.88 33.77
CA ASP B 373 -19.33 -27.84 33.26
C ASP B 373 -19.88 -29.26 33.23
N ASP B 374 -20.77 -29.61 34.16
CA ASP B 374 -21.42 -30.91 34.11
C ASP B 374 -22.24 -31.03 32.84
N ARG B 375 -23.05 -30.01 32.54
CA ARG B 375 -23.88 -30.08 31.36
C ARG B 375 -23.03 -30.03 30.10
N GLU B 376 -21.87 -29.40 30.15
CA GLU B 376 -21.00 -29.42 28.98
C GLU B 376 -20.38 -30.81 28.79
N GLU B 377 -19.83 -31.40 29.84
CA GLU B 377 -19.29 -32.75 29.72
C GLU B 377 -20.36 -33.73 29.26
N GLU B 378 -21.58 -33.56 29.76
CA GLU B 378 -22.68 -34.43 29.36
C GLU B 378 -23.05 -34.22 27.90
N THR B 379 -23.01 -32.97 27.42
CA THR B 379 -23.29 -32.74 26.01
C THR B 379 -22.20 -33.36 25.13
N TYR B 380 -20.95 -33.28 25.56
CA TYR B 380 -19.88 -33.93 24.80
C TYR B 380 -20.04 -35.45 24.83
N ALA B 381 -20.50 -36.00 25.96
CA ALA B 381 -20.73 -37.44 26.04
C ALA B 381 -21.80 -37.88 25.07
N PHE B 382 -22.93 -37.19 25.10
CA PHE B 382 -24.03 -37.51 24.19
C PHE B 382 -23.58 -37.42 22.74
N LEU B 383 -22.87 -36.35 22.39
CA LEU B 383 -22.35 -36.24 21.04
C LEU B 383 -21.42 -37.39 20.69
N GLY B 384 -20.55 -37.79 21.63
CA GLY B 384 -19.65 -38.88 21.34
C GLY B 384 -20.39 -40.18 21.10
N ALA B 385 -21.45 -40.40 21.87
CA ALA B 385 -22.31 -41.55 21.63
C ALA B 385 -22.85 -41.52 20.21
N ALA B 386 -23.36 -40.36 19.79
CA ALA B 386 -23.87 -40.24 18.42
C ALA B 386 -22.77 -40.53 17.40
N VAL B 387 -21.57 -40.01 17.64
CA VAL B 387 -20.46 -40.20 16.70
C VAL B 387 -20.12 -41.67 16.57
N LYS B 388 -20.05 -42.36 17.72
CA LYS B 388 -19.69 -43.78 17.74
C LYS B 388 -20.79 -44.64 17.11
N ALA B 389 -22.06 -44.29 17.35
CA ALA B 389 -23.18 -45.03 16.80
C ALA B 389 -23.43 -44.73 15.34
N LEU B 390 -22.77 -43.72 14.79
CA LEU B 390 -22.89 -43.43 13.37
C LEU B 390 -21.68 -43.89 12.56
N ARG B 391 -20.62 -44.38 13.22
CA ARG B 391 -19.38 -44.68 12.50
C ARG B 391 -19.61 -45.76 11.43
N GLU C 7 35.99 38.69 -8.69
CA GLU C 7 34.67 38.12 -8.82
C GLU C 7 34.33 37.27 -7.59
N ASN C 8 34.70 37.78 -6.41
CA ASN C 8 34.36 37.11 -5.15
C ASN C 8 32.87 37.24 -4.88
N PRO C 9 32.16 36.13 -4.68
CA PRO C 9 30.70 36.17 -4.65
C PRO C 9 30.19 37.02 -3.51
N ARG C 10 29.05 37.65 -3.74
CA ARG C 10 28.46 38.55 -2.77
C ARG C 10 27.14 37.89 -2.38
N ILE C 11 27.23 37.02 -1.39
CA ILE C 11 26.15 36.21 -0.86
C ILE C 11 25.85 36.70 0.56
N GLY C 12 24.68 37.31 0.74
CA GLY C 12 24.34 37.90 2.03
C GLY C 12 24.07 36.86 3.12
N ARG C 13 23.82 37.37 4.33
CA ARG C 13 23.38 36.50 5.42
C ARG C 13 21.99 35.94 5.12
N ALA C 14 21.69 34.78 5.70
CA ALA C 14 20.37 34.17 5.55
C ALA C 14 19.25 35.14 5.98
N ALA C 15 19.45 35.87 7.07
CA ALA C 15 18.38 36.69 7.60
C ALA C 15 18.06 37.89 6.71
N ASP C 16 18.97 38.23 5.79
CA ASP C 16 18.89 39.48 5.04
C ASP C 16 18.25 39.30 3.67
N LEU C 17 17.59 38.16 3.43
CA LEU C 17 17.11 37.83 2.09
C LEU C 17 16.28 38.94 1.48
N TYR C 18 15.38 39.53 2.26
CA TYR C 18 14.43 40.51 1.78
C TYR C 18 14.97 41.93 1.80
N GLU C 19 16.27 42.11 2.14
CA GLU C 19 16.86 43.40 2.46
C GLU C 19 18.18 43.67 1.73
N LEU C 20 18.70 42.72 0.96
CA LEU C 20 20.02 42.85 0.41
C LEU C 20 20.17 44.14 -0.38
N ILE C 21 21.37 44.69 -0.39
CA ILE C 21 21.64 45.88 -1.18
C ILE C 21 21.94 45.42 -2.62
N PRO C 22 21.74 46.28 -3.62
CA PRO C 22 21.95 45.87 -5.02
C PRO C 22 23.17 45.00 -5.27
N GLU C 23 24.33 45.35 -4.69
CA GLU C 23 25.53 44.60 -5.01
C GLU C 23 25.39 43.13 -4.63
N TYR C 24 24.48 42.78 -3.72
CA TYR C 24 24.35 41.41 -3.23
C TYR C 24 23.15 40.64 -3.80
N GLN C 25 22.30 41.25 -4.61
CA GLN C 25 21.08 40.55 -5.00
C GLN C 25 21.37 39.39 -5.94
N PRO C 26 22.00 39.58 -7.11
CA PRO C 26 22.11 38.46 -8.06
C PRO C 26 22.88 37.27 -7.52
N ASP C 27 23.98 37.50 -6.81
CA ASP C 27 24.78 36.38 -6.32
C ASP C 27 24.02 35.58 -5.28
N THR C 28 23.25 36.24 -4.41
CA THR C 28 22.43 35.49 -3.46
C THR C 28 21.30 34.76 -4.17
N TYR C 29 20.70 35.40 -5.17
CA TYR C 29 19.55 34.80 -5.83
C TYR C 29 19.94 33.54 -6.57
N ARG C 30 21.18 33.46 -7.05
CA ARG C 30 21.65 32.30 -7.79
C ARG C 30 22.60 31.42 -6.96
N ASN C 31 22.51 31.50 -5.62
CA ASN C 31 23.31 30.62 -4.76
C ASN C 31 22.58 30.28 -3.47
N MET C 32 21.25 30.16 -3.52
CA MET C 32 20.47 29.99 -2.30
C MET C 32 20.78 28.70 -1.57
N ASP C 33 21.27 27.69 -2.30
CA ASP C 33 21.72 26.45 -1.66
C ASP C 33 23.00 26.64 -0.86
N LYS C 34 23.63 27.81 -0.98
CA LYS C 34 24.77 28.15 -0.13
C LYS C 34 24.34 28.89 1.12
N VAL C 35 23.07 29.25 1.26
CA VAL C 35 22.59 30.04 2.36
C VAL C 35 21.57 29.29 3.22
N TYR C 36 20.71 28.51 2.58
CA TYR C 36 19.60 27.81 3.22
C TYR C 36 19.70 26.32 2.92
N PRO C 37 19.19 25.47 3.81
CA PRO C 37 19.11 24.04 3.49
C PRO C 37 18.22 23.84 2.29
N THR C 38 18.50 22.80 1.50
CA THR C 38 17.71 22.52 0.30
C THR C 38 17.66 21.03 0.00
N ARG C 39 16.64 20.62 -0.75
CA ARG C 39 16.61 19.30 -1.39
C ARG C 39 16.69 19.45 -2.90
N VAL C 40 17.34 18.49 -3.54
CA VAL C 40 17.46 18.50 -5.00
C VAL C 40 16.13 18.10 -5.62
N ILE C 41 15.78 18.73 -6.76
CA ILE C 41 14.72 18.26 -7.63
C ILE C 41 15.41 17.58 -8.81
N HIS C 42 15.44 16.25 -8.77
CA HIS C 42 16.22 15.50 -9.74
C HIS C 42 15.58 15.51 -11.13
N LYS C 43 16.42 15.57 -12.15
CA LYS C 43 15.97 15.48 -13.53
C LYS C 43 16.05 14.03 -13.99
N GLY C 44 15.63 13.81 -15.23
CA GLY C 44 15.63 12.48 -15.81
C GLY C 44 16.89 12.25 -16.61
N THR C 45 16.78 11.33 -17.57
CA THR C 45 17.83 11.11 -18.55
C THR C 45 17.46 11.68 -19.92
N LYS C 46 16.19 11.60 -20.30
CA LYS C 46 15.75 12.22 -21.54
C LYS C 46 15.26 13.64 -21.25
N VAL C 47 15.60 14.56 -22.14
CA VAL C 47 15.33 15.99 -21.94
C VAL C 47 14.36 16.47 -23.01
N ARG C 48 13.30 17.16 -22.58
CA ARG C 48 12.35 17.77 -23.51
C ARG C 48 13.06 18.85 -24.31
N PRO C 49 13.08 18.76 -25.63
CA PRO C 49 13.79 19.76 -26.43
C PRO C 49 12.98 21.05 -26.53
N LEU C 50 13.70 22.18 -26.46
CA LEU C 50 13.16 23.51 -26.68
C LEU C 50 13.80 24.04 -27.97
N PRO C 51 13.27 23.71 -29.13
CA PRO C 51 13.94 24.06 -30.38
C PRO C 51 13.89 25.56 -30.64
N ALA C 52 14.84 26.03 -31.44
CA ALA C 52 14.81 27.42 -31.88
C ALA C 52 13.56 27.68 -32.72
N GLY C 53 12.98 28.86 -32.55
CA GLY C 53 11.82 29.25 -33.34
C GLY C 53 12.08 30.56 -34.05
N VAL C 54 11.02 31.28 -34.44
CA VAL C 54 11.19 32.59 -35.07
C VAL C 54 11.81 33.54 -34.06
N ALA C 55 12.91 34.19 -34.43
CA ALA C 55 13.56 35.10 -33.51
C ALA C 55 12.86 36.46 -33.51
N ILE C 56 12.69 37.04 -32.32
CA ILE C 56 12.00 38.32 -32.18
C ILE C 56 12.87 39.32 -31.45
N ALA C 57 12.64 40.59 -31.75
CA ALA C 57 13.36 41.71 -31.15
C ALA C 57 12.34 42.78 -30.81
N PRO C 58 11.51 42.54 -29.80
CA PRO C 58 10.33 43.40 -29.60
C PRO C 58 10.73 44.79 -29.12
N ARG C 59 9.90 45.76 -29.50
CA ARG C 59 10.06 47.14 -29.15
C ARG C 59 8.73 47.61 -28.60
N TYR C 60 8.76 48.48 -27.59
CA TYR C 60 7.54 48.88 -26.91
C TYR C 60 7.67 50.31 -26.43
N ARG C 61 6.55 51.03 -26.43
CA ARG C 61 6.54 52.42 -26.01
C ARG C 61 6.18 52.53 -24.54
N ILE C 62 6.80 53.49 -23.86
CA ILE C 62 6.34 53.96 -22.56
C ILE C 62 6.82 55.40 -22.44
N GLY C 63 6.11 56.19 -21.64
CA GLY C 63 6.35 57.61 -21.61
C GLY C 63 6.21 58.21 -23.00
N GLY C 64 7.31 58.70 -23.56
CA GLY C 64 7.30 59.20 -24.92
C GLY C 64 8.43 58.59 -25.73
N GLU C 65 8.83 57.37 -25.38
CA GLU C 65 9.95 56.75 -26.06
C GLU C 65 9.76 55.25 -26.16
N GLU C 66 10.47 54.68 -27.13
CA GLU C 66 10.35 53.28 -27.53
C GLU C 66 11.64 52.55 -27.19
N TYR C 67 11.51 51.35 -26.63
CA TYR C 67 12.63 50.59 -26.10
C TYR C 67 12.66 49.17 -26.66
N GLY C 68 13.88 48.66 -26.77
CA GLY C 68 14.11 47.28 -27.12
C GLY C 68 14.30 46.41 -25.90
N VAL C 69 14.80 45.19 -26.13
CA VAL C 69 14.99 44.26 -25.01
C VAL C 69 16.21 44.65 -24.20
N ASP C 70 17.28 45.13 -24.86
CA ASP C 70 18.46 45.56 -24.12
C ASP C 70 18.13 46.73 -23.21
N ASP C 71 17.33 47.67 -23.71
CA ASP C 71 16.81 48.75 -22.88
C ASP C 71 15.94 48.21 -21.74
N PHE C 72 15.04 47.26 -22.03
CA PHE C 72 14.19 46.70 -20.97
C PHE C 72 15.04 46.14 -19.84
N MET C 73 16.03 45.31 -20.20
CA MET C 73 16.89 44.67 -19.20
C MET C 73 17.72 45.68 -18.43
N ARG C 74 18.25 46.71 -19.10
CA ARG C 74 19.03 47.71 -18.39
C ARG C 74 18.15 48.51 -17.42
N ARG C 75 16.93 48.89 -17.84
CA ARG C 75 16.12 49.72 -16.96
C ARG C 75 15.45 48.94 -15.82
N ASN C 76 15.37 47.61 -15.87
CA ASN C 76 14.79 46.88 -14.75
C ASN C 76 15.72 45.88 -14.06
N ARG C 77 17.01 45.89 -14.39
CA ARG C 77 17.97 44.98 -13.78
C ARG C 77 17.51 43.53 -13.94
N VAL C 78 17.20 43.19 -15.19
CA VAL C 78 16.62 41.90 -15.54
C VAL C 78 17.72 40.86 -15.71
N GLY C 79 17.55 39.70 -15.09
CA GLY C 79 18.60 38.69 -15.07
C GLY C 79 18.43 37.63 -16.13
N GLY C 80 17.21 37.48 -16.64
CA GLY C 80 16.99 36.57 -17.74
C GLY C 80 15.62 36.74 -18.38
N VAL C 81 15.53 36.58 -19.70
CA VAL C 81 14.24 36.56 -20.38
C VAL C 81 14.19 35.33 -21.28
N LEU C 82 13.15 34.54 -21.12
CA LEU C 82 12.83 33.46 -22.04
C LEU C 82 11.44 33.71 -22.59
N VAL C 83 11.27 33.60 -23.90
CA VAL C 83 9.97 33.73 -24.54
C VAL C 83 9.86 32.57 -25.52
N LEU C 84 8.96 31.64 -25.20
CA LEU C 84 8.62 30.48 -26.01
C LEU C 84 7.32 30.74 -26.75
N LYS C 85 7.32 30.40 -28.05
CA LYS C 85 6.13 30.46 -28.88
C LYS C 85 5.92 29.11 -29.54
N ASP C 86 4.77 28.49 -29.30
CA ASP C 86 4.52 27.13 -29.76
C ASP C 86 5.65 26.20 -29.34
N GLY C 87 6.15 26.37 -28.12
CA GLY C 87 7.21 25.50 -27.63
C GLY C 87 8.55 25.68 -28.30
N LYS C 88 8.68 26.60 -29.25
CA LYS C 88 9.94 26.96 -29.85
C LYS C 88 10.45 28.25 -29.23
N VAL C 89 11.77 28.42 -29.18
CA VAL C 89 12.41 29.50 -28.44
C VAL C 89 12.46 30.75 -29.31
N ALA C 90 11.67 31.76 -28.94
CA ALA C 90 11.66 33.02 -29.67
C ALA C 90 12.66 34.03 -29.10
N LEU C 91 12.85 34.03 -27.78
CA LEU C 91 13.72 35.02 -27.19
C LEU C 91 14.41 34.42 -25.99
N GLU C 92 15.72 34.66 -25.85
CA GLU C 92 16.45 34.07 -24.75
C GLU C 92 17.69 34.93 -24.49
N ARG C 93 17.63 35.76 -23.45
CA ARG C 93 18.74 36.61 -23.04
C ARG C 93 19.03 36.37 -21.58
N TYR C 94 20.29 36.57 -21.20
CA TYR C 94 20.70 36.53 -19.81
C TYR C 94 21.33 37.87 -19.46
N GLY C 95 21.26 38.24 -18.18
CA GLY C 95 21.83 39.46 -17.68
C GLY C 95 22.42 39.26 -16.30
N LEU C 96 23.00 40.34 -15.76
CA LEU C 96 23.54 40.36 -14.39
C LEU C 96 24.59 39.28 -14.16
N GLY C 97 25.26 38.85 -15.21
CA GLY C 97 26.21 37.76 -15.07
C GLY C 97 25.59 36.38 -14.94
N ASN C 98 24.43 36.15 -15.56
CA ASN C 98 23.82 34.83 -15.62
C ASN C 98 24.21 34.17 -16.94
N ASP C 99 24.01 32.87 -17.01
CA ASP C 99 24.17 32.15 -18.26
C ASP C 99 23.23 30.94 -18.25
N GLU C 100 23.30 30.11 -19.29
CA GLU C 100 22.31 29.05 -19.46
C GLU C 100 22.36 28.03 -18.33
N ARG C 101 23.43 27.97 -17.56
CA ARG C 101 23.56 27.02 -16.46
C ARG C 101 23.19 27.64 -15.12
N THR C 102 22.84 28.92 -15.11
CA THR C 102 22.45 29.57 -13.87
C THR C 102 21.14 28.98 -13.35
N ARG C 103 21.09 28.73 -12.06
CA ARG C 103 19.85 28.48 -11.35
C ARG C 103 19.54 29.67 -10.45
N TRP C 104 18.32 30.17 -10.54
CA TRP C 104 17.91 31.45 -9.98
C TRP C 104 16.69 31.22 -9.10
N THR C 105 16.74 31.71 -7.86
CA THR C 105 15.62 31.56 -6.93
C THR C 105 14.34 32.18 -7.52
N SER C 106 13.21 31.70 -7.03
CA SER C 106 11.91 31.97 -7.65
C SER C 106 11.02 32.88 -6.82
N PHE C 107 11.27 32.97 -5.52
CA PHE C 107 10.32 33.51 -4.57
C PHE C 107 8.94 32.92 -4.86
N SER C 108 7.90 33.75 -4.77
CA SER C 108 6.53 33.27 -4.79
C SER C 108 6.13 32.62 -6.11
N VAL C 109 6.98 32.68 -7.14
CA VAL C 109 6.68 31.91 -8.34
C VAL C 109 6.43 30.44 -7.97
N VAL C 110 7.18 29.90 -7.00
CA VAL C 110 6.99 28.48 -6.67
C VAL C 110 5.58 28.16 -6.19
N LYS C 111 4.82 29.16 -5.72
CA LYS C 111 3.41 28.95 -5.38
C LYS C 111 2.68 28.27 -6.53
N SER C 112 2.76 28.86 -7.73
CA SER C 112 2.11 28.30 -8.90
C SER C 112 2.63 26.91 -9.22
N ILE C 113 3.90 26.63 -8.91
CA ILE C 113 4.41 25.28 -9.12
C ILE C 113 3.76 24.32 -8.14
N SER C 114 3.65 24.73 -6.88
CA SER C 114 3.14 23.78 -5.89
C SER C 114 1.64 23.54 -6.11
N SER C 115 0.88 24.58 -6.48
CA SER C 115 -0.50 24.39 -6.88
C SER C 115 -0.61 23.36 -7.99
N THR C 116 0.29 23.44 -8.96
CA THR C 116 0.25 22.49 -10.06
C THR C 116 0.51 21.08 -9.53
N LEU C 117 1.40 20.97 -8.55
CA LEU C 117 1.61 19.68 -7.91
C LEU C 117 0.35 19.23 -7.17
N VAL C 118 -0.37 20.17 -6.55
CA VAL C 118 -1.68 19.81 -6.00
C VAL C 118 -2.53 19.19 -7.09
N GLY C 119 -2.55 19.83 -8.25
CA GLY C 119 -3.24 19.26 -9.40
C GLY C 119 -2.84 17.83 -9.65
N ALA C 120 -1.52 17.57 -9.71
CA ALA C 120 -1.08 16.21 -9.99
C ALA C 120 -1.63 15.23 -8.96
N ALA C 121 -1.57 15.61 -7.68
CA ALA C 121 -2.05 14.71 -6.64
C ALA C 121 -3.54 14.47 -6.75
N VAL C 122 -4.27 15.44 -7.31
CA VAL C 122 -5.70 15.22 -7.52
C VAL C 122 -5.91 14.23 -8.66
N GLN C 123 -5.11 14.33 -9.72
CA GLN C 123 -5.25 13.42 -10.85
C GLN C 123 -4.99 11.99 -10.42
N GLN C 124 -4.03 11.78 -9.52
CA GLN C 124 -3.81 10.49 -8.87
C GLN C 124 -4.82 10.22 -7.76
N GLY C 125 -5.83 11.07 -7.60
CA GLY C 125 -6.82 10.87 -6.56
C GLY C 125 -6.25 10.76 -5.16
N LEU C 126 -5.14 11.45 -4.89
CA LEU C 126 -4.58 11.44 -3.53
C LEU C 126 -5.27 12.43 -2.62
N LEU C 127 -6.00 13.40 -3.18
CA LEU C 127 -6.83 14.31 -2.41
C LEU C 127 -7.77 15.04 -3.33
N ALA C 128 -8.86 15.55 -2.75
CA ALA C 128 -9.93 16.24 -3.44
C ALA C 128 -10.00 17.70 -2.99
N LEU C 129 -10.36 18.58 -3.93
CA LEU C 129 -10.32 20.01 -3.69
C LEU C 129 -11.23 20.48 -2.57
N ASP C 130 -12.27 19.72 -2.24
CA ASP C 130 -13.18 20.14 -1.19
C ASP C 130 -12.96 19.36 0.09
N GLN C 131 -11.79 18.76 0.23
CA GLN C 131 -11.58 18.04 1.49
C GLN C 131 -11.00 18.97 2.56
N PRO C 132 -11.40 18.76 3.82
CA PRO C 132 -10.94 19.65 4.89
C PRO C 132 -9.43 19.52 5.07
N VAL C 133 -8.75 20.67 5.07
CA VAL C 133 -7.30 20.73 5.15
C VAL C 133 -6.78 20.00 6.37
N ASP C 134 -7.54 19.98 7.46
CA ASP C 134 -7.09 19.30 8.67
C ASP C 134 -7.35 17.80 8.66
N LYS C 135 -7.86 17.24 7.55
CA LYS C 135 -7.87 15.79 7.41
C LYS C 135 -6.45 15.26 7.29
N TYR C 136 -5.59 15.98 6.55
CA TYR C 136 -4.22 15.55 6.29
C TYR C 136 -3.23 16.15 7.28
N LEU C 137 -3.59 17.25 7.94
CA LEU C 137 -2.71 17.93 8.88
C LEU C 137 -3.44 18.00 10.23
N PRO C 138 -3.50 16.89 10.97
CA PRO C 138 -4.27 16.90 12.23
C PRO C 138 -3.83 17.95 13.23
N SER C 139 -2.59 18.46 13.14
CA SER C 139 -2.18 19.52 14.07
C SER C 139 -3.01 20.77 13.88
N LEU C 140 -3.64 20.94 12.72
CA LEU C 140 -4.50 22.08 12.48
C LEU C 140 -5.90 21.89 13.03
N ALA C 141 -6.17 20.80 13.74
CA ALA C 141 -7.50 20.58 14.29
C ALA C 141 -7.73 21.58 15.41
N GLY C 142 -8.89 22.24 15.39
CA GLY C 142 -9.20 23.24 16.38
C GLY C 142 -8.59 24.62 16.13
N SER C 143 -7.72 24.76 15.13
CA SER C 143 -7.23 26.06 14.72
C SER C 143 -8.28 26.76 13.86
N ALA C 144 -7.94 27.93 13.31
CA ALA C 144 -8.85 28.57 12.38
C ALA C 144 -8.86 27.89 11.03
N TYR C 145 -7.95 26.95 10.82
CA TYR C 145 -7.84 26.23 9.57
C TYR C 145 -8.70 24.98 9.52
N GLN C 146 -9.23 24.55 10.65
CA GLN C 146 -10.12 23.41 10.63
C GLN C 146 -11.38 23.77 9.86
N GLY C 147 -11.76 22.90 8.93
CA GLY C 147 -12.87 23.17 8.05
C GLY C 147 -12.50 23.88 6.77
N VAL C 148 -11.31 24.48 6.71
CA VAL C 148 -10.87 25.11 5.47
C VAL C 148 -10.54 24.03 4.45
N THR C 149 -10.97 24.22 3.21
CA THR C 149 -10.80 23.16 2.23
C THR C 149 -9.57 23.41 1.40
N VAL C 150 -9.11 22.34 0.73
CA VAL C 150 -7.97 22.43 -0.16
C VAL C 150 -8.20 23.45 -1.24
N GLU C 151 -9.46 23.64 -1.66
CA GLU C 151 -9.71 24.63 -2.69
C GLU C 151 -9.60 26.06 -2.15
N GLN C 152 -10.04 26.31 -0.91
CA GLN C 152 -9.94 27.66 -0.36
C GLN C 152 -8.49 28.04 -0.06
N VAL C 153 -7.67 27.07 0.35
CA VAL C 153 -6.23 27.32 0.45
C VAL C 153 -5.67 27.63 -0.93
N LEU C 154 -6.00 26.79 -1.90
CA LEU C 154 -5.52 27.04 -3.26
C LEU C 154 -5.88 28.42 -3.77
N GLN C 155 -6.95 29.04 -3.25
CA GLN C 155 -7.43 30.32 -3.72
C GLN C 155 -7.13 31.48 -2.76
N MET C 156 -6.27 31.26 -1.75
CA MET C 156 -5.90 32.31 -0.79
C MET C 156 -7.14 32.94 -0.16
N SER C 157 -8.15 32.11 0.15
CA SER C 157 -9.43 32.59 0.63
C SER C 157 -9.87 31.92 1.93
N SER C 158 -8.93 31.31 2.66
CA SER C 158 -9.27 30.62 3.90
C SER C 158 -9.94 31.52 4.94
N GLY C 159 -9.82 32.84 4.81
CA GLY C 159 -10.38 33.73 5.81
C GLY C 159 -9.57 33.90 7.09
N VAL C 160 -8.48 33.14 7.26
CA VAL C 160 -7.64 33.32 8.43
C VAL C 160 -6.94 34.68 8.36
N ARG C 161 -6.76 35.31 9.51
CA ARG C 161 -6.09 36.60 9.59
C ARG C 161 -4.58 36.41 9.40
N TRP C 162 -3.98 37.23 8.55
CA TRP C 162 -2.56 37.07 8.25
C TRP C 162 -1.96 38.43 7.91
N ASN C 163 -0.98 38.85 8.70
CA ASN C 163 -0.28 40.11 8.49
C ASN C 163 0.96 39.83 7.64
N GLU C 164 0.95 40.32 6.41
CA GLU C 164 1.99 40.05 5.43
C GLU C 164 3.03 41.17 5.37
N THR C 165 2.70 42.36 5.88
CA THR C 165 3.62 43.49 5.82
C THR C 165 4.97 43.06 6.37
N TYR C 166 6.03 43.39 5.62
CA TYR C 166 7.36 42.92 6.01
C TYR C 166 8.04 43.81 7.05
N ARG C 167 7.75 45.12 7.04
CA ARG C 167 8.45 46.03 7.95
C ARG C 167 8.11 45.74 9.41
N ASP C 168 6.88 45.35 9.69
CA ASP C 168 6.45 45.14 11.08
C ASP C 168 7.24 43.99 11.70
N PRO C 169 7.80 44.16 12.89
CA PRO C 169 8.46 43.02 13.55
C PRO C 169 7.50 41.89 13.89
N LYS C 170 6.35 42.19 14.51
CA LYS C 170 5.41 41.17 14.94
C LYS C 170 4.58 40.59 13.77
N SER C 171 4.99 40.87 12.54
CA SER C 171 4.25 40.45 11.36
C SER C 171 4.23 38.92 11.23
N ASP C 172 3.15 38.41 10.64
CA ASP C 172 3.02 36.96 10.46
C ASP C 172 3.98 36.46 9.39
N ARG C 173 4.22 37.27 8.34
CA ARG C 173 5.29 36.96 7.40
C ARG C 173 6.64 36.94 8.12
N ARG C 174 6.87 37.91 9.00
CA ARG C 174 8.14 37.97 9.73
C ARG C 174 8.28 36.80 10.69
N GLN C 175 7.20 36.43 11.39
CA GLN C 175 7.29 35.26 12.26
C GLN C 175 7.53 33.98 11.45
N MET C 176 6.97 33.90 10.24
CA MET C 176 7.26 32.72 9.42
C MET C 176 8.73 32.68 9.04
N PHE C 177 9.29 33.84 8.67
CA PHE C 177 10.71 33.91 8.31
C PHE C 177 11.60 33.54 9.49
N ASP C 178 11.27 34.03 10.69
CA ASP C 178 12.01 33.63 11.88
C ASP C 178 11.90 32.13 12.13
N ALA C 179 10.74 31.52 11.82
CA ALA C 179 10.58 30.07 11.96
C ALA C 179 11.51 29.32 11.00
N GLN C 180 11.60 29.78 9.75
CA GLN C 180 12.59 29.25 8.81
C GLN C 180 14.01 29.36 9.35
N LEU C 181 14.37 30.54 9.89
CA LEU C 181 15.74 30.75 10.34
C LEU C 181 16.09 29.98 11.62
N ALA C 182 15.08 29.63 12.45
CA ALA C 182 15.32 28.77 13.60
C ALA C 182 15.53 27.32 13.22
N GLU C 183 15.08 26.92 12.01
CA GLU C 183 15.30 25.59 11.43
C GLU C 183 14.74 24.47 12.30
N ARG C 184 13.62 24.72 12.97
CA ARG C 184 13.03 23.71 13.82
C ARG C 184 11.86 23.08 13.10
N PRO C 185 11.84 21.76 12.91
CA PRO C 185 10.82 21.16 12.05
C PRO C 185 9.42 21.41 12.57
N GLY C 186 8.56 21.90 11.69
CA GLY C 186 7.16 22.07 12.02
C GLY C 186 6.80 23.41 12.60
N GLY C 187 7.78 24.30 12.80
CA GLY C 187 7.48 25.59 13.43
C GLY C 187 6.48 26.43 12.64
N ILE C 188 6.59 26.42 11.32
CA ILE C 188 5.65 27.21 10.51
C ILE C 188 4.23 26.70 10.72
N LEU C 189 4.08 25.39 10.85
CA LEU C 189 2.76 24.81 11.10
C LEU C 189 2.28 25.18 12.49
N ARG C 190 3.18 25.19 13.47
CA ARG C 190 2.82 25.63 14.82
C ARG C 190 2.29 27.05 14.80
N LEU C 191 2.90 27.93 13.99
CA LEU C 191 2.40 29.30 13.90
C LEU C 191 1.06 29.38 13.19
N LEU C 192 0.89 28.59 12.12
CA LEU C 192 -0.39 28.60 11.39
C LEU C 192 -1.54 28.10 12.26
N ALA C 193 -1.27 27.15 13.17
CA ALA C 193 -2.32 26.68 14.06
C ALA C 193 -2.82 27.78 15.00
N SER C 194 -1.96 28.72 15.35
CA SER C 194 -2.28 29.74 16.34
C SER C 194 -2.84 31.02 15.74
N LEU C 195 -3.19 31.02 14.43
CA LEU C 195 -3.77 32.24 13.87
C LEU C 195 -5.29 32.25 14.08
N PRO C 196 -5.86 33.42 14.30
CA PRO C 196 -7.30 33.54 14.52
C PRO C 196 -8.04 33.78 13.21
N ARG C 197 -9.36 33.62 13.27
CA ARG C 197 -10.21 33.73 12.09
C ARG C 197 -10.70 35.17 11.94
N GLN C 198 -10.59 35.72 10.73
CA GLN C 198 -10.91 37.11 10.45
C GLN C 198 -12.04 37.29 9.45
N TYR C 199 -12.34 36.27 8.64
CA TYR C 199 -13.47 36.28 7.73
C TYR C 199 -14.02 34.87 7.65
N PRO C 200 -15.28 34.71 7.22
CA PRO C 200 -15.76 33.37 6.89
C PRO C 200 -14.99 32.84 5.69
N SER C 201 -14.77 31.53 5.68
CA SER C 201 -13.95 30.90 4.65
C SER C 201 -14.57 31.09 3.27
N GLY C 202 -13.70 31.08 2.25
CA GLY C 202 -14.12 31.25 0.88
C GLY C 202 -14.58 32.64 0.50
N THR C 203 -14.71 33.55 1.44
CA THR C 203 -15.25 34.86 1.10
C THR C 203 -14.19 35.89 0.70
N HIS C 204 -13.01 35.88 1.34
CA HIS C 204 -12.10 37.04 1.29
C HIS C 204 -10.66 36.64 0.99
N PHE C 205 -10.14 37.11 -0.15
CA PHE C 205 -8.74 36.90 -0.53
C PHE C 205 -7.79 37.70 0.38
N THR C 206 -6.97 37.00 1.16
CA THR C 206 -5.78 37.54 1.83
C THR C 206 -4.56 36.84 1.24
N TYR C 207 -3.62 37.62 0.71
CA TYR C 207 -2.39 37.04 0.19
C TYR C 207 -1.50 36.66 1.37
N SER C 208 -1.26 35.36 1.53
CA SER C 208 -0.60 34.83 2.72
C SER C 208 0.38 33.75 2.30
N THR C 209 1.63 33.86 2.73
CA THR C 209 2.65 32.90 2.33
C THR C 209 2.64 31.67 3.23
N GLY C 210 2.25 31.81 4.50
CA GLY C 210 2.14 30.64 5.35
C GLY C 210 1.02 29.71 4.91
N GLU C 211 -0.09 30.30 4.49
CA GLU C 211 -1.17 29.53 3.87
C GLU C 211 -0.68 28.82 2.62
N SER C 212 0.13 29.48 1.81
CA SER C 212 0.61 28.81 0.62
C SER C 212 1.59 27.68 0.98
N HIS C 213 2.34 27.83 2.06
CA HIS C 213 3.18 26.73 2.53
C HIS C 213 2.34 25.55 3.02
N LEU C 214 1.13 25.85 3.51
CA LEU C 214 0.17 24.79 3.83
C LEU C 214 0.04 23.77 2.70
N GLN C 215 0.15 24.21 1.44
CA GLN C 215 0.11 23.27 0.32
C GLN C 215 1.22 22.24 0.44
N SER C 216 2.47 22.68 0.55
CA SER C 216 3.61 21.79 0.73
C SER C 216 3.33 20.74 1.81
N GLU C 217 2.84 21.21 2.96
CA GLU C 217 2.52 20.27 4.04
C GLU C 217 1.46 19.25 3.59
N LEU C 218 0.40 19.72 2.94
CA LEU C 218 -0.63 18.84 2.39
C LEU C 218 -0.06 17.79 1.45
N LEU C 219 0.78 18.22 0.49
CA LEU C 219 1.33 17.24 -0.45
C LEU C 219 2.23 16.23 0.25
N HIS C 220 2.96 16.65 1.28
CA HIS C 220 3.73 15.63 1.98
C HIS C 220 2.82 14.66 2.74
N ALA C 221 1.70 15.15 3.26
CA ALA C 221 0.78 14.25 3.96
C ALA C 221 0.06 13.30 2.99
N ALA C 222 -0.28 13.79 1.78
CA ALA C 222 -1.06 13.00 0.83
C ALA C 222 -0.20 12.05 0.00
N THR C 223 1.05 12.41 -0.29
CA THR C 223 1.92 11.54 -1.06
C THR C 223 2.96 10.84 -0.22
N ARG C 224 3.13 11.24 1.03
CA ARG C 224 4.06 10.61 1.96
C ARG C 224 5.50 10.62 1.43
N ILE C 225 5.81 11.45 0.44
CA ILE C 225 7.19 11.57 -0.06
C ILE C 225 7.59 13.04 -0.15
N PRO C 226 8.88 13.37 0.01
CA PRO C 226 9.34 14.75 -0.15
C PRO C 226 8.80 15.40 -1.42
N VAL C 227 8.31 16.63 -1.27
CA VAL C 227 7.66 17.31 -2.38
C VAL C 227 8.63 17.52 -3.53
N SER C 228 9.92 17.58 -3.25
CA SER C 228 10.88 17.73 -4.35
C SER C 228 10.94 16.45 -5.17
N ASP C 229 10.84 15.30 -4.52
CA ASP C 229 10.81 14.04 -5.25
C ASP C 229 9.52 13.88 -6.04
N TYR C 230 8.39 14.24 -5.42
CA TYR C 230 7.10 14.20 -6.12
C TYR C 230 7.14 15.07 -7.37
N LEU C 231 7.64 16.31 -7.23
CA LEU C 231 7.81 17.18 -8.39
C LEU C 231 8.70 16.54 -9.44
N SER C 232 9.71 15.79 -9.01
CA SER C 232 10.60 15.14 -9.98
C SER C 232 9.88 14.01 -10.73
N GLU C 233 9.11 13.18 -10.03
CA GLU C 233 8.45 12.05 -10.66
C GLU C 233 7.35 12.54 -11.60
N ARG C 234 6.56 13.51 -11.12
CA ARG C 234 5.42 14.01 -11.87
C ARG C 234 5.86 14.85 -13.06
N ILE C 235 6.87 15.69 -12.89
CA ILE C 235 7.22 16.66 -13.93
C ILE C 235 8.70 16.66 -14.28
N TRP C 236 9.56 16.88 -13.29
CA TRP C 236 10.94 17.28 -13.56
C TRP C 236 11.72 16.20 -14.28
N ALA C 237 11.67 14.97 -13.77
CA ALA C 237 12.33 13.86 -14.45
C ALA C 237 11.52 13.28 -15.59
N ARG C 238 10.20 13.49 -15.60
CA ARG C 238 9.33 12.81 -16.55
C ARG C 238 9.26 13.56 -17.89
N MET C 239 8.95 14.86 -17.83
CA MET C 239 9.08 15.71 -19.00
C MET C 239 10.51 15.70 -19.54
N GLY C 240 11.49 15.71 -18.64
CA GLY C 240 12.87 15.92 -19.01
C GLY C 240 13.32 17.36 -18.90
N MET C 241 13.65 17.82 -17.70
CA MET C 241 14.28 19.13 -17.59
C MET C 241 15.76 19.01 -17.92
N GLU C 242 16.36 20.14 -18.34
CA GLU C 242 17.80 20.20 -18.64
C GLU C 242 18.64 19.84 -17.44
N SER C 243 18.51 20.59 -16.36
CA SER C 243 19.33 20.35 -15.19
C SER C 243 18.41 20.19 -14.00
N ASP C 244 19.01 19.71 -12.91
CA ASP C 244 18.31 19.65 -11.63
C ASP C 244 17.86 21.04 -11.21
N GLY C 245 16.82 21.06 -10.37
CA GLY C 245 16.52 22.21 -9.55
C GLY C 245 16.89 21.95 -8.10
N PHE C 246 16.52 22.90 -7.24
CA PHE C 246 16.51 22.59 -5.82
C PHE C 246 15.46 23.46 -5.15
N TRP C 247 15.15 23.11 -3.91
CA TRP C 247 14.01 23.67 -3.18
C TRP C 247 14.48 23.95 -1.77
N GLN C 248 14.18 25.17 -1.29
CA GLN C 248 14.58 25.59 0.04
C GLN C 248 13.71 24.93 1.10
N LEU C 249 14.32 24.55 2.22
CA LEU C 249 13.66 23.75 3.25
C LEU C 249 13.43 24.53 4.53
N GLU C 250 12.43 24.08 5.28
CA GLU C 250 12.15 24.64 6.59
C GLU C 250 13.20 24.24 7.63
N SER C 251 14.00 23.21 7.36
CA SER C 251 15.00 22.74 8.33
C SER C 251 15.95 21.81 7.58
N PRO C 252 17.07 21.39 8.16
CA PRO C 252 17.96 20.47 7.43
C PRO C 252 17.26 19.15 7.10
N ALA C 253 17.31 18.80 5.81
CA ALA C 253 16.60 17.65 5.27
C ALA C 253 15.14 17.64 5.74
N GLY C 254 14.51 18.81 5.68
CA GLY C 254 13.13 18.94 6.13
C GLY C 254 12.12 19.25 5.04
N GLN C 255 11.08 19.96 5.42
CA GLN C 255 9.95 20.21 4.53
C GLN C 255 10.25 21.39 3.61
N GLU C 256 10.12 21.17 2.30
CA GLU C 256 10.11 22.23 1.30
C GLU C 256 9.30 23.44 1.77
N ILE C 257 9.68 24.64 1.36
CA ILE C 257 8.89 25.83 1.64
C ILE C 257 7.91 26.02 0.49
N GLY C 258 6.61 25.94 0.79
CA GLY C 258 5.62 25.95 -0.27
C GLY C 258 5.48 27.29 -0.99
N SER C 259 5.91 28.38 -0.35
CA SER C 259 5.65 29.74 -0.80
C SER C 259 6.88 30.47 -1.35
N SER C 260 8.03 29.80 -1.39
CA SER C 260 9.29 30.42 -1.85
C SER C 260 10.32 29.30 -1.87
N GLY C 261 11.36 29.48 -2.66
CA GLY C 261 12.54 28.68 -2.41
C GLY C 261 13.06 27.78 -3.50
N LEU C 262 12.46 27.86 -4.68
CA LEU C 262 12.83 26.97 -5.77
C LEU C 262 13.77 27.69 -6.71
N SER C 263 14.79 26.97 -7.18
CA SER C 263 15.72 27.50 -8.15
C SER C 263 15.84 26.51 -9.30
N ALA C 264 15.99 27.05 -10.50
CA ALA C 264 16.05 26.24 -11.70
C ALA C 264 16.65 27.12 -12.79
N THR C 265 17.03 26.48 -13.91
CA THR C 265 17.54 27.27 -15.01
C THR C 265 16.41 28.04 -15.66
N LEU C 266 16.77 28.92 -16.61
CA LEU C 266 15.78 29.69 -17.34
C LEU C 266 14.91 28.78 -18.20
N ARG C 267 15.57 27.88 -18.94
CA ARG C 267 14.81 27.01 -19.82
C ARG C 267 14.01 25.97 -19.05
N ASP C 268 14.42 25.57 -17.84
CA ASP C 268 13.61 24.63 -17.07
C ASP C 268 12.35 25.31 -16.56
N TYR C 269 12.46 26.58 -16.17
CA TYR C 269 11.27 27.38 -15.88
C TYR C 269 10.33 27.40 -17.09
N GLY C 270 10.90 27.62 -18.29
CA GLY C 270 10.07 27.68 -19.48
C GLY C 270 9.41 26.35 -19.82
N ARG C 271 10.15 25.25 -19.63
CA ARG C 271 9.58 23.93 -19.81
C ARG C 271 8.39 23.71 -18.87
N PHE C 272 8.51 24.13 -17.61
CA PHE C 272 7.36 23.99 -16.71
C PHE C 272 6.17 24.79 -17.21
N GLY C 273 6.42 26.03 -17.65
CA GLY C 273 5.34 26.82 -18.24
C GLY C 273 4.71 26.15 -19.45
N GLN C 274 5.53 25.49 -20.26
CA GLN C 274 5.08 24.82 -21.47
C GLN C 274 4.27 23.57 -21.14
N PHE C 275 4.63 22.88 -20.05
CA PHE C 275 3.83 21.77 -19.52
C PHE C 275 2.45 22.26 -19.09
N VAL C 276 2.38 23.44 -18.46
CA VAL C 276 1.05 23.96 -18.13
C VAL C 276 0.30 24.37 -19.39
N LEU C 277 0.99 24.87 -20.41
CA LEU C 277 0.34 25.19 -21.68
C LEU C 277 -0.34 23.97 -22.27
N GLU C 278 0.38 22.87 -22.36
CA GLU C 278 -0.11 21.58 -22.83
C GLU C 278 -0.98 20.86 -21.81
N ASP C 279 -1.77 21.60 -21.02
CA ASP C 279 -2.74 21.06 -20.06
C ASP C 279 -2.23 19.86 -19.26
N GLY C 280 -0.97 19.91 -18.86
CA GLY C 280 -0.42 18.90 -17.98
C GLY C 280 -0.31 17.50 -18.54
N VAL C 281 -0.03 17.37 -19.85
CA VAL C 281 0.11 16.06 -20.48
C VAL C 281 1.55 15.93 -21.00
N ILE C 282 2.23 14.85 -20.61
CA ILE C 282 3.56 14.52 -21.09
C ILE C 282 3.51 13.15 -21.76
N ASP C 283 4.02 13.06 -22.99
CA ASP C 283 4.03 11.82 -23.78
C ASP C 283 2.72 11.04 -23.65
N GLY C 284 1.60 11.75 -23.88
CA GLY C 284 0.29 11.15 -23.87
C GLY C 284 -0.32 10.89 -22.51
N GLU C 285 0.43 11.07 -21.42
CA GLU C 285 -0.05 10.79 -20.06
C GLU C 285 -0.58 12.06 -19.41
N ARG C 286 -1.75 11.97 -18.78
CA ARG C 286 -2.40 13.08 -18.10
C ARG C 286 -1.84 13.23 -16.69
N ILE C 287 -1.02 14.25 -16.47
CA ILE C 287 -0.48 14.47 -15.14
C ILE C 287 -1.40 15.34 -14.29
N LEU C 288 -2.11 16.27 -14.91
CA LEU C 288 -3.08 17.26 -14.49
C LEU C 288 -4.49 16.83 -14.88
N PRO C 289 -5.45 16.97 -13.95
CA PRO C 289 -6.84 16.64 -14.28
C PRO C 289 -7.34 17.49 -15.43
N GLU C 290 -8.36 16.99 -16.11
CA GLU C 290 -8.91 17.70 -17.25
C GLU C 290 -9.66 18.95 -16.78
N GLY C 291 -9.53 20.02 -17.57
CA GLY C 291 -10.00 21.32 -17.18
C GLY C 291 -9.28 21.95 -16.01
N TRP C 292 -8.11 21.45 -15.61
CA TRP C 292 -7.50 21.96 -14.36
C TRP C 292 -6.92 23.35 -14.54
N VAL C 293 -6.03 23.53 -15.52
CA VAL C 293 -5.58 24.83 -15.97
C VAL C 293 -6.76 25.79 -16.10
N ASP C 294 -7.88 25.30 -16.62
CA ASP C 294 -9.06 26.16 -16.79
C ASP C 294 -9.56 26.65 -15.43
N ARG C 295 -9.89 25.72 -14.53
CA ARG C 295 -10.36 26.09 -13.20
C ARG C 295 -9.34 26.88 -12.41
N ALA C 296 -8.06 26.78 -12.77
CA ALA C 296 -6.98 27.39 -12.02
C ALA C 296 -6.70 28.82 -12.45
N SER C 297 -7.14 29.21 -13.65
CA SER C 297 -7.03 30.56 -14.16
C SER C 297 -8.40 31.20 -14.39
N ARG C 298 -9.42 30.69 -13.70
CA ARG C 298 -10.80 31.11 -13.90
C ARG C 298 -10.96 32.59 -13.58
N VAL C 299 -11.55 33.33 -14.51
CA VAL C 299 -11.92 34.73 -14.32
C VAL C 299 -13.42 34.83 -14.56
N GLU C 300 -14.19 35.01 -13.49
CA GLU C 300 -15.64 35.15 -13.57
C GLU C 300 -16.05 36.38 -12.77
N ALA C 301 -16.54 37.41 -13.48
CA ALA C 301 -16.71 38.74 -12.91
C ALA C 301 -17.55 38.78 -11.64
N SER C 302 -18.16 37.68 -11.24
CA SER C 302 -18.93 37.63 -10.00
C SER C 302 -18.13 37.07 -8.83
N SER C 303 -17.02 36.40 -9.12
CA SER C 303 -16.16 35.84 -8.10
C SER C 303 -15.51 36.97 -7.29
N HIS C 304 -15.26 36.69 -6.01
CA HIS C 304 -14.46 37.60 -5.21
C HIS C 304 -12.99 37.62 -5.62
N LEU C 305 -12.59 36.81 -6.61
CA LEU C 305 -11.24 36.77 -7.12
C LEU C 305 -11.15 37.33 -8.54
N ALA C 306 -12.17 38.04 -8.98
CA ALA C 306 -12.20 38.49 -10.35
C ALA C 306 -11.18 39.60 -10.53
N PRO C 307 -10.50 39.67 -11.68
CA PRO C 307 -9.66 40.83 -11.96
C PRO C 307 -10.35 42.13 -11.60
N GLY C 308 -9.62 43.11 -11.04
CA GLY C 308 -10.21 44.38 -10.65
C GLY C 308 -10.94 44.37 -9.34
N LYS C 309 -11.07 43.22 -8.69
CA LYS C 309 -11.74 43.10 -7.40
C LYS C 309 -10.77 42.92 -6.26
N LEU C 310 -9.54 42.50 -6.54
CA LEU C 310 -8.55 42.31 -5.50
C LEU C 310 -7.96 43.66 -5.07
N TYR C 311 -7.46 43.70 -3.84
CA TYR C 311 -6.87 44.90 -3.23
C TYR C 311 -7.73 46.13 -3.50
N ASP C 312 -9.05 45.93 -3.31
CA ASP C 312 -10.04 47.01 -3.35
C ASP C 312 -10.08 47.72 -4.69
N GLY C 313 -9.84 46.98 -5.77
CA GLY C 313 -9.85 47.55 -7.09
C GLY C 313 -8.58 48.24 -7.50
N GLU C 314 -7.64 48.42 -6.57
CA GLU C 314 -6.37 49.09 -6.85
C GLU C 314 -5.42 48.24 -7.68
N TYR C 315 -5.72 46.95 -7.88
CA TYR C 315 -4.88 46.05 -8.68
C TYR C 315 -5.71 45.50 -9.84
N ALA C 316 -5.05 45.38 -10.99
CA ALA C 316 -5.69 44.93 -12.22
C ALA C 316 -6.00 43.45 -12.23
N LEU C 317 -5.15 42.63 -11.61
CA LEU C 317 -5.20 41.19 -11.80
C LEU C 317 -5.99 40.48 -10.71
N GLY C 318 -6.64 39.38 -11.10
CA GLY C 318 -7.35 38.51 -10.19
C GLY C 318 -6.53 37.28 -9.83
N TYR C 319 -7.12 36.43 -8.99
CA TYR C 319 -6.45 35.24 -8.48
C TYR C 319 -7.23 33.97 -8.82
N GLY C 320 -6.48 32.90 -9.13
CA GLY C 320 -7.05 31.58 -9.33
C GLY C 320 -6.59 30.54 -8.33
N TYR C 321 -5.92 29.49 -8.80
CA TYR C 321 -5.37 28.46 -7.92
C TYR C 321 -3.87 28.74 -7.75
N GLN C 322 -3.57 29.80 -6.98
CA GLN C 322 -2.22 30.31 -6.82
C GLN C 322 -1.68 30.85 -8.14
N TRP C 323 -2.56 31.32 -9.02
CA TRP C 323 -2.17 32.07 -10.21
C TRP C 323 -2.84 33.44 -10.22
N TRP C 324 -2.12 34.44 -10.69
CA TRP C 324 -2.69 35.73 -10.99
C TRP C 324 -3.26 35.68 -12.40
N THR C 325 -4.49 36.12 -12.55
CA THR C 325 -5.20 36.05 -13.83
C THR C 325 -5.34 37.45 -14.41
N PHE C 326 -4.99 37.60 -15.71
CA PHE C 326 -5.11 38.88 -16.41
C PHE C 326 -6.58 39.16 -16.73
N PRO C 327 -7.00 40.43 -16.62
CA PRO C 327 -8.40 40.77 -16.91
C PRO C 327 -8.75 40.48 -18.36
N VAL C 328 -10.04 40.19 -18.58
CA VAL C 328 -10.55 39.85 -19.91
C VAL C 328 -11.60 40.87 -20.30
N GLY C 329 -11.75 41.05 -21.61
CA GLY C 329 -12.80 41.89 -22.13
C GLY C 329 -12.37 43.33 -22.29
N ALA C 330 -13.24 44.26 -21.91
CA ALA C 330 -12.94 45.67 -22.07
C ALA C 330 -11.86 46.16 -21.11
N LYS C 331 -11.62 45.45 -20.01
CA LYS C 331 -10.61 45.89 -19.05
C LYS C 331 -9.28 45.15 -19.21
N ALA C 332 -9.02 44.57 -20.38
CA ALA C 332 -7.75 43.88 -20.60
C ALA C 332 -6.63 44.87 -20.87
N LEU C 333 -5.44 44.55 -20.37
CA LEU C 333 -4.26 45.31 -20.74
C LEU C 333 -3.87 44.98 -22.18
N PRO C 334 -3.33 45.97 -22.91
CA PRO C 334 -2.94 45.75 -24.31
C PRO C 334 -2.17 44.45 -24.57
N GLU C 335 -2.80 43.56 -25.33
CA GLU C 335 -2.29 42.28 -25.87
C GLU C 335 -2.31 41.13 -24.86
N HIS C 336 -2.93 41.29 -23.69
CA HIS C 336 -3.08 40.19 -22.73
C HIS C 336 -4.56 39.81 -22.52
N ASP C 337 -5.27 39.38 -23.56
CA ASP C 337 -6.70 39.09 -23.48
C ASP C 337 -7.03 37.63 -23.72
N GLY C 338 -6.03 36.77 -23.91
CA GLY C 338 -6.35 35.38 -24.18
C GLY C 338 -6.66 34.54 -22.96
N GLY C 339 -7.36 35.14 -21.99
CA GLY C 339 -7.38 34.56 -20.65
C GLY C 339 -6.01 34.30 -20.09
N ALA C 340 -5.10 35.26 -20.25
CA ALA C 340 -3.71 35.02 -19.88
C ALA C 340 -3.55 35.05 -18.36
N PHE C 341 -2.54 34.33 -17.86
CA PHE C 341 -2.27 34.27 -16.43
C PHE C 341 -0.77 34.11 -16.21
N GLU C 342 -0.34 34.22 -14.95
CA GLU C 342 1.08 34.14 -14.66
C GLU C 342 1.30 33.72 -13.22
N ALA C 343 2.53 33.30 -12.95
CA ALA C 343 3.10 33.26 -11.62
C ALA C 343 3.98 34.50 -11.42
N GLN C 344 4.06 34.97 -10.18
CA GLN C 344 4.98 36.07 -9.96
C GLN C 344 5.59 36.01 -8.57
N GLY C 345 6.78 36.59 -8.47
CA GLY C 345 7.50 36.64 -7.21
C GLY C 345 8.23 37.95 -7.04
N ILE C 346 8.43 38.34 -5.78
CA ILE C 346 8.97 39.66 -5.45
C ILE C 346 10.32 39.90 -6.13
N PHE C 347 10.64 41.17 -6.33
CA PHE C 347 11.86 41.67 -6.96
C PHE C 347 11.89 41.45 -8.46
N GLY C 348 10.81 40.95 -9.06
CA GLY C 348 10.65 40.95 -10.51
C GLY C 348 10.68 39.59 -11.18
N GLN C 349 10.17 38.55 -10.53
CA GLN C 349 10.11 37.25 -11.17
C GLN C 349 8.72 37.06 -11.77
N TYR C 350 8.69 36.58 -13.02
CA TYR C 350 7.44 36.38 -13.75
C TYR C 350 7.51 35.07 -14.52
N LEU C 351 6.43 34.30 -14.46
CA LEU C 351 6.25 33.10 -15.29
C LEU C 351 4.88 33.24 -15.96
N TYR C 352 4.88 33.85 -17.14
CA TYR C 352 3.68 34.27 -17.84
C TYR C 352 3.26 33.20 -18.85
N ILE C 353 1.97 32.92 -18.90
CA ILE C 353 1.43 31.87 -19.76
C ILE C 353 0.20 32.41 -20.46
N ASN C 354 0.22 32.40 -21.80
CA ASN C 354 -0.91 32.86 -22.61
C ASN C 354 -1.31 31.69 -23.51
N ARG C 355 -2.38 30.99 -23.09
CA ARG C 355 -2.79 29.76 -23.77
C ARG C 355 -3.32 30.05 -25.17
N LYS C 356 -4.13 31.08 -25.33
CA LYS C 356 -4.64 31.40 -26.66
C LYS C 356 -3.51 31.72 -27.64
N GLU C 357 -2.44 32.34 -27.17
CA GLU C 357 -1.32 32.66 -28.05
C GLU C 357 -0.24 31.59 -28.08
N LYS C 358 -0.44 30.48 -27.37
CA LYS C 358 0.57 29.43 -27.18
C LYS C 358 1.94 30.01 -26.82
N ILE C 359 1.95 30.97 -25.88
CA ILE C 359 3.19 31.64 -25.48
C ILE C 359 3.49 31.38 -24.01
N VAL C 360 4.75 31.06 -23.71
CA VAL C 360 5.26 31.05 -22.34
C VAL C 360 6.38 32.09 -22.23
N ALA C 361 6.39 32.87 -21.16
CA ALA C 361 7.44 33.86 -20.93
C ALA C 361 7.97 33.73 -19.51
N VAL C 362 9.29 33.71 -19.37
CA VAL C 362 9.99 33.69 -18.09
C VAL C 362 10.80 34.97 -17.98
N VAL C 363 10.76 35.60 -16.81
CA VAL C 363 11.52 36.83 -16.55
C VAL C 363 12.14 36.77 -15.15
N TRP C 364 13.48 36.80 -15.09
CA TRP C 364 14.24 36.98 -13.86
C TRP C 364 14.70 38.43 -13.76
N SER C 365 14.35 39.10 -12.65
CA SER C 365 14.77 40.46 -12.35
C SER C 365 15.43 40.56 -10.97
N ALA C 366 16.05 41.72 -10.69
CA ALA C 366 16.65 42.02 -9.36
C ALA C 366 16.34 43.48 -9.01
N TRP C 367 15.10 43.74 -8.60
CA TRP C 367 14.68 45.08 -8.24
C TRP C 367 15.24 45.46 -6.87
N PRO C 368 15.47 46.75 -6.63
CA PRO C 368 15.87 47.19 -5.29
C PRO C 368 14.79 46.97 -4.24
N LYS C 369 13.47 47.32 -4.58
CA LYS C 369 12.39 47.03 -3.65
C LYS C 369 11.66 45.77 -4.07
N PRO C 370 11.06 45.03 -3.13
CA PRO C 370 10.32 43.83 -3.52
C PRO C 370 9.17 44.09 -4.49
N GLU C 371 8.62 45.29 -4.52
CA GLU C 371 7.44 45.57 -5.33
C GLU C 371 7.55 46.96 -5.92
N MET C 372 7.48 47.07 -7.25
CA MET C 372 7.66 48.33 -7.95
C MET C 372 6.69 48.39 -9.14
N ASP C 373 5.70 49.29 -9.04
CA ASP C 373 4.58 49.27 -9.98
C ASP C 373 4.97 49.72 -11.37
N ASP C 374 5.89 50.70 -11.46
CA ASP C 374 6.35 51.16 -12.77
C ASP C 374 7.05 50.04 -13.53
N ARG C 375 7.83 49.21 -12.84
CA ARG C 375 8.47 48.11 -13.53
C ARG C 375 7.54 46.93 -13.74
N GLU C 376 6.49 46.78 -12.92
CA GLU C 376 5.45 45.81 -13.26
C GLU C 376 4.79 46.15 -14.59
N GLU C 377 4.30 47.40 -14.72
CA GLU C 377 3.64 47.71 -15.97
C GLU C 377 4.62 47.78 -17.12
N GLU C 378 5.88 48.12 -16.85
CA GLU C 378 6.91 47.99 -17.87
C GLU C 378 7.07 46.55 -18.34
N THR C 379 7.07 45.58 -17.41
CA THR C 379 7.28 44.19 -17.79
C THR C 379 6.09 43.67 -18.58
N TYR C 380 4.88 44.02 -18.16
CA TYR C 380 3.71 43.66 -18.95
C TYR C 380 3.76 44.33 -20.32
N ALA C 381 4.25 45.57 -20.40
CA ALA C 381 4.31 46.27 -21.68
C ALA C 381 5.28 45.58 -22.63
N PHE C 382 6.47 45.26 -22.14
CA PHE C 382 7.45 44.56 -22.96
C PHE C 382 6.94 43.19 -23.37
N LEU C 383 6.21 42.52 -22.48
CA LEU C 383 5.69 41.21 -22.84
C LEU C 383 4.57 41.34 -23.87
N GLY C 384 3.71 42.36 -23.74
CA GLY C 384 2.67 42.58 -24.74
C GLY C 384 3.25 42.92 -26.10
N ALA C 385 4.33 43.70 -26.11
CA ALA C 385 5.08 43.89 -27.35
C ALA C 385 5.56 42.55 -27.92
N ALA C 386 6.04 41.64 -27.05
CA ALA C 386 6.48 40.34 -27.57
C ALA C 386 5.30 39.57 -28.15
N VAL C 387 4.15 39.63 -27.47
CA VAL C 387 2.94 38.96 -27.95
C VAL C 387 2.62 39.43 -29.36
N LYS C 388 2.46 40.76 -29.53
CA LYS C 388 2.20 41.34 -30.83
C LYS C 388 3.27 40.96 -31.84
N ALA C 389 4.52 40.84 -31.39
CA ALA C 389 5.59 40.54 -32.33
C ALA C 389 5.52 39.11 -32.81
N LEU C 390 4.96 38.20 -32.01
CA LEU C 390 4.87 36.79 -32.38
C LEU C 390 3.52 36.39 -32.96
N ARG C 391 2.57 37.32 -33.05
CA ARG C 391 1.22 37.01 -33.48
C ARG C 391 1.21 36.47 -34.92
N GLU D 7 19.05 5.27 -11.85
CA GLU D 7 17.97 5.57 -10.92
C GLU D 7 18.38 6.61 -9.85
N ASN D 8 17.41 7.62 -9.47
CA ASN D 8 17.76 8.54 -8.39
C ASN D 8 17.20 8.07 -7.04
N PRO D 9 17.84 8.46 -5.93
CA PRO D 9 17.52 7.83 -4.64
C PRO D 9 16.39 8.51 -3.88
N ARG D 10 15.53 7.65 -3.33
CA ARG D 10 14.33 8.06 -2.60
C ARG D 10 14.66 8.15 -1.11
N ILE D 11 15.07 9.33 -0.65
CA ILE D 11 15.50 9.55 0.73
C ILE D 11 14.54 10.50 1.42
N GLY D 12 14.00 10.08 2.58
CA GLY D 12 12.92 10.80 3.22
C GLY D 12 13.38 11.98 4.09
N ARG D 13 12.38 12.77 4.50
CA ARG D 13 12.51 13.80 5.51
C ARG D 13 13.21 13.26 6.74
N ALA D 14 13.89 14.13 7.51
CA ALA D 14 14.52 13.68 8.74
C ALA D 14 13.47 13.25 9.76
N ALA D 15 12.37 13.98 9.85
CA ALA D 15 11.36 13.59 10.83
C ALA D 15 10.59 12.33 10.46
N ASP D 16 10.69 11.83 9.22
CA ASP D 16 9.89 10.69 8.78
C ASP D 16 10.59 9.36 8.98
N LEU D 17 11.70 9.33 9.72
CA LEU D 17 12.54 8.15 9.76
C LEU D 17 11.76 6.92 10.18
N TYR D 18 10.83 7.08 11.12
CA TYR D 18 10.14 5.94 11.69
C TYR D 18 8.86 5.60 10.92
N GLU D 19 8.58 6.30 9.82
CA GLU D 19 7.34 6.14 9.07
C GLU D 19 7.59 6.23 7.58
N LEU D 20 8.73 5.77 7.10
CA LEU D 20 8.99 5.86 5.68
C LEU D 20 8.20 4.78 4.96
N ILE D 21 7.50 5.17 3.91
CA ILE D 21 6.84 4.19 3.05
C ILE D 21 7.90 3.21 2.54
N PRO D 22 7.51 1.99 2.15
CA PRO D 22 8.52 0.98 1.79
C PRO D 22 9.47 1.40 0.68
N GLU D 23 9.02 2.25 -0.26
CA GLU D 23 9.89 2.66 -1.36
C GLU D 23 11.01 3.57 -0.89
N TYR D 24 10.95 4.08 0.33
CA TYR D 24 11.97 4.97 0.85
C TYR D 24 12.89 4.32 1.88
N GLN D 25 12.48 3.21 2.49
CA GLN D 25 13.26 2.58 3.55
C GLN D 25 14.68 2.21 3.12
N PRO D 26 14.88 1.37 2.09
CA PRO D 26 16.28 1.00 1.77
C PRO D 26 17.17 2.20 1.48
N ASP D 27 16.67 3.15 0.69
CA ASP D 27 17.52 4.23 0.22
C ASP D 27 18.00 5.12 1.38
N THR D 28 17.11 5.46 2.30
CA THR D 28 17.54 6.23 3.45
C THR D 28 18.39 5.39 4.41
N TYR D 29 18.04 4.11 4.63
CA TYR D 29 18.79 3.35 5.64
C TYR D 29 20.25 3.20 5.26
N ARG D 30 20.58 3.30 3.97
CA ARG D 30 21.97 3.25 3.55
C ARG D 30 22.53 4.62 3.19
N ASN D 31 21.85 5.70 3.61
CA ASN D 31 22.26 7.07 3.31
C ASN D 31 21.96 7.99 4.49
N MET D 32 22.02 7.45 5.71
CA MET D 32 21.77 8.25 6.91
C MET D 32 22.66 9.50 6.99
N ASP D 33 23.84 9.50 6.33
CA ASP D 33 24.74 10.64 6.39
C ASP D 33 24.36 11.77 5.45
N LYS D 34 23.26 11.65 4.72
CA LYS D 34 22.72 12.76 3.94
C LYS D 34 21.43 13.28 4.53
N VAL D 35 21.07 12.83 5.73
CA VAL D 35 19.84 13.22 6.39
C VAL D 35 20.09 13.84 7.76
N TYR D 36 21.10 13.33 8.47
CA TYR D 36 21.42 13.68 9.85
C TYR D 36 22.90 14.03 9.98
N PRO D 37 23.24 14.84 10.97
CA PRO D 37 24.64 15.09 11.26
C PRO D 37 25.33 13.85 11.79
N THR D 38 26.54 13.60 11.31
CA THR D 38 27.25 12.36 11.56
C THR D 38 28.74 12.64 11.82
N ARG D 39 29.34 11.81 12.67
CA ARG D 39 30.79 11.71 12.83
C ARG D 39 31.30 10.38 12.28
N VAL D 40 32.43 10.44 11.55
CA VAL D 40 33.01 9.25 10.93
C VAL D 40 33.62 8.34 11.99
N ILE D 41 33.59 7.04 11.75
CA ILE D 41 34.32 6.07 12.58
C ILE D 41 35.45 5.54 11.72
N HIS D 42 36.66 6.01 12.01
CA HIS D 42 37.78 5.78 11.11
C HIS D 42 38.25 4.32 11.16
N LYS D 43 38.60 3.80 10.00
CA LYS D 43 39.18 2.46 9.85
C LYS D 43 40.68 2.53 10.06
N GLY D 44 41.27 1.38 10.36
CA GLY D 44 42.70 1.27 10.57
C GLY D 44 43.50 1.22 9.30
N THR D 45 44.68 0.61 9.39
CA THR D 45 45.49 0.26 8.22
C THR D 45 45.41 -1.25 7.95
N LYS D 46 45.73 -2.06 8.95
CA LYS D 46 45.48 -3.49 8.87
C LYS D 46 43.98 -3.76 9.00
N VAL D 47 43.38 -4.27 7.93
CA VAL D 47 42.01 -4.77 7.98
C VAL D 47 42.07 -6.25 8.32
N ARG D 48 41.38 -6.64 9.40
CA ARG D 48 41.37 -8.05 9.77
C ARG D 48 40.66 -8.86 8.68
N PRO D 49 41.28 -9.95 8.20
CA PRO D 49 40.67 -10.73 7.12
C PRO D 49 39.44 -11.51 7.59
N LEU D 50 38.62 -11.87 6.60
CA LEU D 50 37.45 -12.72 6.81
C LEU D 50 37.45 -13.76 5.71
N PRO D 51 38.24 -14.83 5.86
CA PRO D 51 38.45 -15.76 4.75
C PRO D 51 37.19 -16.57 4.48
N ALA D 52 37.02 -16.94 3.21
CA ALA D 52 35.94 -17.83 2.85
C ALA D 52 36.14 -19.18 3.53
N GLY D 53 35.06 -19.73 4.08
CA GLY D 53 35.10 -21.06 4.66
C GLY D 53 33.97 -21.95 4.18
N VAL D 54 33.32 -22.64 5.12
CA VAL D 54 32.28 -23.61 4.83
C VAL D 54 31.07 -22.91 4.21
N ALA D 55 31.05 -22.77 2.88
CA ALA D 55 29.87 -22.25 2.20
C ALA D 55 28.66 -23.15 2.50
N ILE D 56 27.46 -22.58 2.38
CA ILE D 56 26.25 -23.25 2.88
C ILE D 56 25.04 -22.57 2.25
N ALA D 57 23.96 -23.33 2.08
CA ALA D 57 22.67 -22.81 1.61
C ALA D 57 21.55 -23.47 2.41
N PRO D 58 21.32 -23.01 3.63
CA PRO D 58 20.36 -23.68 4.52
C PRO D 58 18.94 -23.55 4.02
N ARG D 59 18.06 -24.30 4.70
CA ARG D 59 16.62 -24.21 4.50
C ARG D 59 15.94 -24.78 5.74
N TYR D 60 14.64 -24.60 5.81
CA TYR D 60 13.92 -24.71 7.07
C TYR D 60 12.42 -24.58 6.80
N ARG D 61 11.64 -25.14 7.71
CA ARG D 61 10.19 -25.23 7.57
C ARG D 61 9.57 -24.38 8.69
N ILE D 62 9.04 -23.21 8.32
CA ILE D 62 8.29 -22.40 9.27
C ILE D 62 6.99 -23.11 9.65
N GLY D 63 6.05 -23.14 8.73
CA GLY D 63 4.84 -23.91 8.88
C GLY D 63 4.98 -25.23 8.16
N GLY D 64 3.92 -25.62 7.47
CA GLY D 64 4.00 -26.81 6.65
C GLY D 64 4.65 -26.52 5.30
N GLU D 65 5.54 -25.52 5.26
CA GLU D 65 6.15 -25.09 4.01
C GLU D 65 7.63 -24.86 4.23
N GLU D 66 8.44 -25.30 3.27
CA GLU D 66 9.90 -25.18 3.33
C GLU D 66 10.40 -24.04 2.45
N TYR D 67 11.31 -23.22 2.99
CA TYR D 67 11.89 -22.07 2.30
C TYR D 67 13.40 -22.14 2.38
N GLY D 68 14.06 -21.57 1.36
CA GLY D 68 15.50 -21.46 1.33
C GLY D 68 15.99 -20.04 1.62
N VAL D 69 17.27 -19.81 1.31
CA VAL D 69 17.84 -18.49 1.53
C VAL D 69 17.24 -17.48 0.56
N ASP D 70 17.02 -17.88 -0.70
CA ASP D 70 16.34 -17.01 -1.65
C ASP D 70 14.95 -16.64 -1.16
N ASP D 71 14.18 -17.66 -0.75
CA ASP D 71 12.87 -17.42 -0.17
C ASP D 71 12.97 -16.46 1.01
N PHE D 72 13.70 -16.86 2.07
CA PHE D 72 13.82 -16.06 3.29
C PHE D 72 14.17 -14.59 3.00
N MET D 73 15.13 -14.36 2.10
CA MET D 73 15.47 -12.99 1.74
C MET D 73 14.31 -12.28 1.06
N ARG D 74 13.53 -13.00 0.25
CA ARG D 74 12.38 -12.37 -0.42
C ARG D 74 11.25 -12.06 0.56
N ARG D 75 10.99 -12.96 1.51
CA ARG D 75 9.82 -12.84 2.38
C ARG D 75 10.01 -11.88 3.55
N ASN D 76 11.23 -11.44 3.83
CA ASN D 76 11.46 -10.55 4.98
C ASN D 76 11.98 -9.19 4.54
N ARG D 77 12.04 -8.94 3.23
CA ARG D 77 12.68 -7.76 2.64
C ARG D 77 14.06 -7.54 3.26
N VAL D 78 14.84 -8.61 3.22
CA VAL D 78 16.17 -8.64 3.80
C VAL D 78 17.12 -7.91 2.85
N GLY D 79 17.93 -7.02 3.40
CA GLY D 79 18.94 -6.32 2.62
C GLY D 79 20.31 -6.94 2.77
N GLY D 80 20.48 -7.79 3.77
CA GLY D 80 21.75 -8.49 3.90
C GLY D 80 21.74 -9.61 4.91
N VAL D 81 22.52 -10.64 4.64
CA VAL D 81 22.69 -11.77 5.54
C VAL D 81 24.15 -12.18 5.50
N LEU D 82 24.79 -12.23 6.66
CA LEU D 82 26.18 -12.65 6.77
C LEU D 82 26.27 -13.66 7.92
N VAL D 83 26.46 -14.93 7.59
CA VAL D 83 26.75 -15.98 8.56
C VAL D 83 28.26 -16.24 8.54
N LEU D 84 28.87 -16.21 9.73
CA LEU D 84 30.27 -16.55 9.94
C LEU D 84 30.36 -17.73 10.90
N LYS D 85 30.92 -18.83 10.42
CA LYS D 85 31.41 -19.94 11.25
C LYS D 85 32.89 -19.74 11.51
N ASP D 86 33.28 -19.87 12.78
CA ASP D 86 34.70 -19.94 13.16
C ASP D 86 35.52 -18.86 12.46
N GLY D 87 34.96 -17.65 12.37
CA GLY D 87 35.67 -16.55 11.76
C GLY D 87 35.84 -16.63 10.25
N LYS D 88 35.15 -17.56 9.59
CA LYS D 88 35.17 -17.68 8.14
C LYS D 88 33.76 -17.51 7.62
N VAL D 89 33.65 -17.08 6.37
CA VAL D 89 32.36 -16.67 5.81
C VAL D 89 31.58 -17.91 5.40
N ALA D 90 30.46 -18.16 6.10
CA ALA D 90 29.55 -19.21 5.63
C ALA D 90 28.61 -18.67 4.55
N LEU D 91 27.94 -17.55 4.80
CA LEU D 91 27.01 -16.98 3.83
C LEU D 91 27.14 -15.46 3.80
N GLU D 92 27.23 -14.88 2.60
CA GLU D 92 27.34 -13.43 2.46
C GLU D 92 26.48 -13.02 1.27
N ARG D 93 25.23 -12.61 1.54
CA ARG D 93 24.31 -12.20 0.48
C ARG D 93 23.72 -10.82 0.78
N TYR D 94 23.60 -10.00 -0.27
CA TYR D 94 23.03 -8.67 -0.19
C TYR D 94 21.78 -8.58 -1.04
N GLY D 95 20.86 -7.70 -0.64
CA GLY D 95 19.64 -7.45 -1.40
C GLY D 95 19.22 -5.99 -1.45
N LEU D 96 18.03 -5.73 -1.99
CA LEU D 96 17.46 -4.38 -2.12
C LEU D 96 18.44 -3.40 -2.77
N GLY D 97 19.40 -3.88 -3.55
CA GLY D 97 20.38 -3.01 -4.16
C GLY D 97 21.67 -2.86 -3.37
N ASN D 98 21.75 -3.45 -2.18
CA ASN D 98 22.97 -3.38 -1.40
C ASN D 98 24.08 -4.19 -2.07
N ASP D 99 25.31 -3.69 -1.95
CA ASP D 99 26.51 -4.45 -2.28
C ASP D 99 27.42 -4.51 -1.05
N GLU D 100 28.64 -5.03 -1.24
CA GLU D 100 29.57 -5.13 -0.13
C GLU D 100 30.05 -3.75 0.37
N ARG D 101 29.72 -2.67 -0.35
CA ARG D 101 30.16 -1.34 -0.02
C ARG D 101 29.07 -0.48 0.61
N THR D 102 27.83 -0.94 0.65
CA THR D 102 26.81 -0.11 1.28
C THR D 102 26.92 -0.22 2.79
N ARG D 103 26.53 0.86 3.46
CA ARG D 103 26.51 0.91 4.91
C ARG D 103 25.08 1.15 5.36
N TRP D 104 24.66 0.43 6.38
CA TRP D 104 23.25 0.27 6.72
C TRP D 104 23.06 0.68 8.17
N THR D 105 22.03 1.49 8.41
CA THR D 105 21.82 2.02 9.76
C THR D 105 21.51 0.89 10.71
N SER D 106 22.05 1.00 11.91
CA SER D 106 21.96 -0.04 12.92
C SER D 106 20.60 -0.07 13.60
N PHE D 107 19.99 1.09 13.80
CA PHE D 107 18.97 1.24 14.83
C PHE D 107 19.58 0.78 16.16
N SER D 108 18.74 0.32 17.09
CA SER D 108 19.14 0.00 18.45
C SER D 108 20.15 -1.14 18.50
N VAL D 109 20.51 -1.69 17.35
CA VAL D 109 21.65 -2.60 17.30
C VAL D 109 22.84 -1.96 17.98
N VAL D 110 23.06 -0.65 17.71
CA VAL D 110 24.20 0.08 18.27
C VAL D 110 24.15 0.12 19.79
N LYS D 111 22.96 -0.02 20.40
CA LYS D 111 22.89 -0.12 21.86
C LYS D 111 23.88 -1.14 22.39
N SER D 112 24.01 -2.28 21.71
CA SER D 112 24.96 -3.28 22.18
C SER D 112 26.39 -2.81 21.96
N ILE D 113 26.66 -2.16 20.83
CA ILE D 113 28.00 -1.62 20.59
C ILE D 113 28.41 -0.68 21.72
N SER D 114 27.59 0.34 21.99
CA SER D 114 27.86 1.21 23.15
C SER D 114 28.15 0.41 24.41
N SER D 115 27.40 -0.67 24.66
CA SER D 115 27.64 -1.44 25.87
C SER D 115 29.03 -2.04 25.84
N THR D 116 29.38 -2.65 24.71
CA THR D 116 30.75 -3.12 24.50
C THR D 116 31.75 -2.01 24.80
N LEU D 117 31.47 -0.80 24.31
CA LEU D 117 32.36 0.33 24.53
C LEU D 117 32.50 0.64 26.01
N VAL D 118 31.40 0.60 26.76
CA VAL D 118 31.52 0.85 28.19
C VAL D 118 32.46 -0.16 28.80
N GLY D 119 32.37 -1.41 28.35
CA GLY D 119 33.28 -2.44 28.81
C GLY D 119 34.72 -2.10 28.52
N ALA D 120 35.00 -1.56 27.33
CA ALA D 120 36.33 -1.06 27.04
C ALA D 120 36.76 -0.02 28.08
N ALA D 121 35.87 0.96 28.35
CA ALA D 121 36.14 1.96 29.37
C ALA D 121 36.21 1.35 30.76
N VAL D 122 35.58 0.20 31.00
CA VAL D 122 35.79 -0.46 32.29
C VAL D 122 37.21 -1.00 32.37
N GLN D 123 37.71 -1.58 31.27
CA GLN D 123 39.02 -2.19 31.26
C GLN D 123 40.11 -1.15 31.41
N GLN D 124 39.82 0.08 31.07
CA GLN D 124 40.78 1.16 31.16
C GLN D 124 40.64 1.95 32.45
N GLY D 125 39.85 1.46 33.40
CA GLY D 125 39.68 2.16 34.65
C GLY D 125 39.04 3.51 34.50
N LEU D 126 38.32 3.75 33.40
CA LEU D 126 37.59 5.00 33.22
C LEU D 126 36.18 4.92 33.78
N LEU D 127 35.61 3.72 33.90
CA LEU D 127 34.27 3.51 34.41
C LEU D 127 34.26 2.26 35.28
N ALA D 128 33.49 2.33 36.36
CA ALA D 128 33.21 1.19 37.24
C ALA D 128 31.71 0.93 37.27
N LEU D 129 31.32 -0.33 37.09
CA LEU D 129 29.91 -0.68 36.99
C LEU D 129 29.12 -0.22 38.21
N ASP D 130 29.67 -0.35 39.41
CA ASP D 130 28.96 -0.05 40.64
C ASP D 130 28.97 1.43 41.01
N GLN D 131 29.25 2.31 40.04
CA GLN D 131 29.31 3.72 40.39
C GLN D 131 28.07 4.45 39.91
N PRO D 132 27.62 5.48 40.64
CA PRO D 132 26.46 6.24 40.18
C PRO D 132 26.76 7.04 38.93
N VAL D 133 25.70 7.39 38.20
CA VAL D 133 25.92 8.06 36.91
C VAL D 133 26.16 9.55 37.08
N ASP D 134 25.88 10.11 38.26
CA ASP D 134 26.23 11.51 38.52
C ASP D 134 27.69 11.68 38.93
N LYS D 135 28.37 10.60 39.31
CA LYS D 135 29.81 10.66 39.49
C LYS D 135 30.48 11.15 38.20
N TYR D 136 29.99 10.70 37.05
CA TYR D 136 30.56 11.11 35.77
C TYR D 136 29.75 12.18 35.05
N LEU D 137 28.48 12.36 35.40
CA LEU D 137 27.59 13.32 34.75
C LEU D 137 26.85 14.15 35.80
N PRO D 138 27.52 15.15 36.38
CA PRO D 138 26.85 15.94 37.42
C PRO D 138 25.61 16.67 36.93
N SER D 139 25.43 16.82 35.62
CA SER D 139 24.18 17.39 35.10
C SER D 139 22.97 16.64 35.65
N LEU D 140 23.10 15.34 35.87
CA LEU D 140 22.05 14.46 36.37
C LEU D 140 22.00 14.42 37.88
N ALA D 141 22.62 15.37 38.57
CA ALA D 141 22.48 15.45 40.02
C ALA D 141 21.14 16.06 40.36
N GLY D 142 20.47 15.48 41.37
CA GLY D 142 19.15 15.93 41.74
C GLY D 142 18.02 15.29 40.95
N SER D 143 18.32 14.87 39.72
CA SER D 143 17.34 14.23 38.88
C SER D 143 17.01 12.83 39.41
N ALA D 144 15.94 12.23 38.85
CA ALA D 144 15.59 10.88 39.24
C ALA D 144 16.73 9.90 38.95
N TYR D 145 17.69 10.27 38.11
CA TYR D 145 18.78 9.39 37.74
C TYR D 145 19.88 9.32 38.78
N GLN D 146 19.93 10.30 39.69
CA GLN D 146 20.96 10.31 40.70
C GLN D 146 20.95 9.02 41.52
N GLY D 147 22.10 8.36 41.57
CA GLY D 147 22.26 7.13 42.30
C GLY D 147 22.12 5.88 41.46
N VAL D 148 21.50 5.98 40.29
CA VAL D 148 21.47 4.82 39.40
C VAL D 148 22.92 4.47 39.03
N THR D 149 23.31 3.22 39.27
CA THR D 149 24.63 2.75 38.94
C THR D 149 24.75 2.48 37.45
N VAL D 150 25.99 2.50 36.96
CA VAL D 150 26.24 2.30 35.53
C VAL D 150 25.76 0.91 35.08
N GLU D 151 25.86 -0.10 35.94
CA GLU D 151 25.32 -1.42 35.60
C GLU D 151 23.80 -1.39 35.46
N GLN D 152 23.11 -0.65 36.33
CA GLN D 152 21.66 -0.54 36.22
C GLN D 152 21.27 0.08 34.89
N VAL D 153 22.00 1.11 34.46
CA VAL D 153 21.73 1.72 33.16
C VAL D 153 22.01 0.73 32.04
N LEU D 154 23.05 -0.11 32.18
CA LEU D 154 23.30 -1.14 31.16
C LEU D 154 22.18 -2.17 31.08
N GLN D 155 21.45 -2.38 32.17
CA GLN D 155 20.39 -3.38 32.22
C GLN D 155 19.02 -2.75 32.20
N MET D 156 18.92 -1.51 31.72
CA MET D 156 17.64 -0.83 31.49
C MET D 156 16.79 -0.75 32.76
N SER D 157 17.39 -0.97 33.94
CA SER D 157 16.66 -1.10 35.18
C SER D 157 16.89 0.09 36.11
N SER D 158 16.87 1.31 35.57
CA SER D 158 17.06 2.46 36.44
C SER D 158 15.88 2.69 37.37
N GLY D 159 14.69 2.21 36.98
CA GLY D 159 13.46 2.58 37.65
C GLY D 159 12.84 3.87 37.18
N VAL D 160 13.54 4.69 36.40
CA VAL D 160 13.01 5.98 35.96
C VAL D 160 11.81 5.76 35.04
N ARG D 161 10.81 6.63 35.14
CA ARG D 161 9.62 6.52 34.33
C ARG D 161 9.92 6.90 32.90
N TRP D 162 9.75 5.98 31.97
CA TRP D 162 10.01 6.24 30.56
C TRP D 162 8.86 5.69 29.73
N ASN D 163 8.29 6.54 28.87
CA ASN D 163 7.16 6.21 27.99
C ASN D 163 7.70 5.96 26.58
N GLU D 164 7.98 4.68 26.27
CA GLU D 164 8.55 4.32 24.97
C GLU D 164 7.56 4.39 23.80
N THR D 165 6.28 4.63 24.07
CA THR D 165 5.27 4.56 23.03
C THR D 165 5.50 5.65 21.99
N TYR D 166 5.78 5.22 20.75
CA TYR D 166 5.98 6.19 19.68
C TYR D 166 4.68 6.91 19.34
N ARG D 167 3.57 6.17 19.25
CA ARG D 167 2.28 6.72 18.84
C ARG D 167 1.85 7.93 19.68
N ASP D 168 2.42 8.14 20.85
CA ASP D 168 2.03 9.24 21.72
C ASP D 168 2.84 10.48 21.40
N PRO D 169 2.24 11.56 20.89
CA PRO D 169 3.03 12.75 20.52
C PRO D 169 3.69 13.44 21.70
N LYS D 170 3.15 13.31 22.91
CA LYS D 170 3.77 13.85 24.11
C LYS D 170 4.58 12.80 24.87
N SER D 171 5.03 11.75 24.20
CA SER D 171 5.73 10.68 24.86
C SER D 171 7.23 10.99 24.96
N ASP D 172 7.87 10.30 25.90
CA ASP D 172 9.29 10.51 26.16
C ASP D 172 10.13 10.21 24.91
N ARG D 173 9.87 9.09 24.23
CA ARG D 173 10.61 8.79 23.00
C ARG D 173 10.41 9.88 21.96
N ARG D 174 9.17 10.37 21.84
CA ARG D 174 8.91 11.41 20.85
C ARG D 174 9.61 12.71 21.21
N GLN D 175 9.68 13.02 22.51
CA GLN D 175 10.42 14.20 22.95
C GLN D 175 11.90 14.08 22.61
N MET D 176 12.49 12.91 22.89
CA MET D 176 13.87 12.66 22.50
C MET D 176 14.08 12.93 21.03
N PHE D 177 13.19 12.39 20.19
CA PHE D 177 13.35 12.55 18.74
C PHE D 177 13.18 14.00 18.32
N ASP D 178 12.33 14.75 19.02
CA ASP D 178 12.18 16.17 18.74
C ASP D 178 13.46 16.94 19.06
N ALA D 179 14.06 16.66 20.23
CA ALA D 179 15.34 17.30 20.57
C ALA D 179 16.40 16.97 19.53
N GLN D 180 16.38 15.73 19.01
CA GLN D 180 17.31 15.37 17.95
C GLN D 180 17.07 16.19 16.70
N LEU D 181 15.81 16.34 16.31
CA LEU D 181 15.49 17.14 15.12
C LEU D 181 15.72 18.62 15.36
N ALA D 182 15.79 19.03 16.62
CA ALA D 182 16.09 20.40 16.97
C ALA D 182 17.56 20.76 16.79
N GLU D 183 18.44 19.76 16.80
CA GLU D 183 19.89 19.98 16.72
C GLU D 183 20.38 20.88 17.87
N ARG D 184 20.00 20.51 19.08
CA ARG D 184 20.34 21.30 20.25
C ARG D 184 21.28 20.50 21.11
N PRO D 185 22.52 20.93 21.33
CA PRO D 185 23.43 20.15 22.16
C PRO D 185 22.83 20.02 23.55
N GLY D 186 22.92 18.82 24.12
CA GLY D 186 22.39 18.59 25.45
C GLY D 186 20.87 18.53 25.58
N GLY D 187 20.12 18.56 24.47
CA GLY D 187 18.67 18.44 24.56
C GLY D 187 18.22 17.15 25.22
N ILE D 188 18.73 16.03 24.73
CA ILE D 188 18.32 14.73 25.27
C ILE D 188 18.66 14.65 26.75
N LEU D 189 19.74 15.31 27.18
CA LEU D 189 20.15 15.20 28.57
C LEU D 189 19.26 16.02 29.51
N ARG D 190 18.86 17.24 29.11
CA ARG D 190 17.88 17.99 29.91
C ARG D 190 16.57 17.24 30.01
N LEU D 191 16.08 16.66 28.90
CA LEU D 191 14.86 15.87 29.01
C LEU D 191 15.03 14.66 29.92
N LEU D 192 16.20 13.99 29.88
CA LEU D 192 16.42 12.85 30.77
C LEU D 192 16.48 13.29 32.23
N ALA D 193 16.90 14.52 32.49
CA ALA D 193 16.95 14.99 33.88
C ALA D 193 15.57 15.34 34.40
N SER D 194 14.67 15.81 33.51
CA SER D 194 13.31 16.15 33.92
C SER D 194 12.45 14.95 34.34
N LEU D 195 12.79 13.72 33.90
CA LEU D 195 11.95 12.55 34.17
C LEU D 195 11.78 12.30 35.67
N PRO D 196 10.68 11.63 36.08
CA PRO D 196 10.52 11.25 37.49
C PRO D 196 10.72 9.75 37.76
N ARG D 197 11.01 9.40 39.01
CA ARG D 197 11.29 8.00 39.36
C ARG D 197 9.99 7.21 39.54
N GLN D 198 9.96 5.99 39.01
CA GLN D 198 8.79 5.14 39.10
C GLN D 198 8.99 3.87 39.92
N TYR D 199 10.07 3.12 39.68
CA TYR D 199 10.36 1.90 40.42
C TYR D 199 11.64 2.06 41.24
N PRO D 200 11.81 1.24 42.28
CA PRO D 200 13.12 1.18 42.94
C PRO D 200 14.20 0.76 41.95
N SER D 201 15.39 1.33 42.11
CA SER D 201 16.47 1.08 41.17
C SER D 201 16.84 -0.40 41.17
N GLY D 202 17.35 -0.86 40.03
CA GLY D 202 17.84 -2.22 39.88
C GLY D 202 16.80 -3.32 39.89
N THR D 203 15.51 -3.00 39.92
CA THR D 203 14.46 -4.00 40.08
C THR D 203 13.60 -4.20 38.84
N HIS D 204 13.31 -3.16 38.07
CA HIS D 204 12.35 -3.28 36.99
C HIS D 204 12.94 -2.82 35.66
N PHE D 205 12.85 -3.70 34.65
CA PHE D 205 13.31 -3.41 33.30
C PHE D 205 12.30 -2.53 32.56
N THR D 206 12.82 -1.52 31.84
CA THR D 206 12.01 -0.55 31.08
C THR D 206 12.83 -0.15 29.86
N TYR D 207 12.58 -0.80 28.73
CA TYR D 207 13.32 -0.49 27.50
C TYR D 207 13.20 0.99 27.15
N SER D 208 14.31 1.70 27.17
CA SER D 208 14.32 3.15 27.03
C SER D 208 15.46 3.54 26.10
N THR D 209 15.19 4.47 25.17
CA THR D 209 16.26 4.92 24.29
C THR D 209 17.07 6.06 24.88
N GLY D 210 16.42 6.95 25.65
CA GLY D 210 17.18 7.93 26.41
C GLY D 210 18.12 7.29 27.41
N GLU D 211 17.68 6.21 28.06
CA GLU D 211 18.56 5.48 28.95
C GLU D 211 19.82 4.97 28.22
N SER D 212 19.68 4.51 26.97
CA SER D 212 20.87 4.08 26.23
C SER D 212 21.74 5.26 25.82
N HIS D 213 21.12 6.35 25.35
CA HIS D 213 21.92 7.52 25.02
C HIS D 213 22.71 8.01 26.23
N LEU D 214 22.26 7.64 27.44
CA LEU D 214 23.06 7.92 28.62
C LEU D 214 24.43 7.21 28.56
N GLN D 215 24.53 6.06 27.89
CA GLN D 215 25.84 5.43 27.71
C GLN D 215 26.76 6.31 26.89
N SER D 216 26.22 6.94 25.84
CA SER D 216 27.03 7.85 25.03
C SER D 216 27.57 9.00 25.88
N GLU D 217 26.68 9.64 26.64
CA GLU D 217 27.12 10.78 27.44
C GLU D 217 28.10 10.36 28.52
N LEU D 218 27.93 9.18 29.10
CA LEU D 218 28.87 8.67 30.09
C LEU D 218 30.24 8.42 29.47
N LEU D 219 30.28 7.70 28.35
CA LEU D 219 31.55 7.42 27.71
C LEU D 219 32.26 8.72 27.38
N HIS D 220 31.51 9.72 26.94
CA HIS D 220 32.15 10.99 26.65
C HIS D 220 32.70 11.63 27.92
N ALA D 221 31.86 11.76 28.96
CA ALA D 221 32.30 12.31 30.23
C ALA D 221 33.55 11.61 30.79
N ALA D 222 33.69 10.31 30.55
CA ALA D 222 34.80 9.58 31.16
C ALA D 222 36.06 9.55 30.30
N THR D 223 35.95 9.68 28.97
CA THR D 223 37.13 9.70 28.12
C THR D 223 37.47 11.08 27.58
N ARG D 224 36.52 12.01 27.58
CA ARG D 224 36.71 13.38 27.08
C ARG D 224 37.04 13.42 25.59
N ILE D 225 36.67 12.38 24.85
CA ILE D 225 36.85 12.39 23.39
C ILE D 225 35.58 11.86 22.74
N PRO D 226 35.34 12.22 21.48
CA PRO D 226 34.12 11.76 20.81
C PRO D 226 34.01 10.24 20.81
N VAL D 227 32.77 9.74 20.96
CA VAL D 227 32.58 8.31 21.11
C VAL D 227 32.97 7.57 19.83
N SER D 228 32.76 8.19 18.67
CA SER D 228 33.21 7.57 17.42
C SER D 228 34.70 7.34 17.43
N ASP D 229 35.47 8.31 17.96
CA ASP D 229 36.92 8.16 18.03
C ASP D 229 37.32 7.11 19.05
N TYR D 230 36.64 7.08 20.21
CA TYR D 230 36.92 6.04 21.18
C TYR D 230 36.68 4.66 20.58
N LEU D 231 35.55 4.48 19.88
CA LEU D 231 35.28 3.22 19.19
C LEU D 231 36.32 2.92 18.12
N SER D 232 36.80 3.95 17.42
CA SER D 232 37.80 3.72 16.40
C SER D 232 39.10 3.21 17.03
N GLU D 233 39.59 3.92 18.05
CA GLU D 233 40.85 3.51 18.68
C GLU D 233 40.71 2.16 19.36
N ARG D 234 39.56 1.84 19.93
CA ARG D 234 39.47 0.57 20.64
C ARG D 234 39.22 -0.61 19.71
N ILE D 235 38.45 -0.42 18.62
CA ILE D 235 37.98 -1.56 17.84
C ILE D 235 38.08 -1.37 16.33
N TRP D 236 37.51 -0.28 15.80
CA TRP D 236 37.40 -0.15 14.35
C TRP D 236 38.76 -0.15 13.66
N ALA D 237 39.68 0.68 14.14
CA ALA D 237 41.00 0.76 13.54
C ALA D 237 41.97 -0.27 14.11
N ARG D 238 41.71 -0.76 15.33
CA ARG D 238 42.63 -1.63 16.07
C ARG D 238 42.69 -3.02 15.43
N MET D 239 41.65 -3.82 15.63
CA MET D 239 41.53 -5.07 14.89
C MET D 239 41.64 -4.80 13.40
N GLY D 240 40.68 -4.05 12.86
CA GLY D 240 40.67 -3.73 11.46
C GLY D 240 39.31 -3.99 10.85
N MET D 241 38.56 -2.94 10.58
CA MET D 241 37.34 -3.05 9.81
C MET D 241 37.59 -2.60 8.37
N GLU D 242 36.86 -3.23 7.45
CA GLU D 242 37.06 -2.98 6.03
C GLU D 242 37.01 -1.50 5.69
N SER D 243 35.96 -0.82 6.12
CA SER D 243 35.77 0.57 5.72
C SER D 243 35.35 1.41 6.93
N ASP D 244 35.18 2.70 6.66
CA ASP D 244 34.74 3.64 7.67
C ASP D 244 33.30 3.37 8.03
N GLY D 245 32.99 3.51 9.32
CA GLY D 245 31.63 3.65 9.75
C GLY D 245 31.24 5.11 9.82
N PHE D 246 30.00 5.37 10.22
CA PHE D 246 29.70 6.68 10.75
C PHE D 246 28.58 6.54 11.76
N TRP D 247 28.33 7.63 12.46
CA TRP D 247 27.45 7.60 13.62
C TRP D 247 26.64 8.89 13.64
N GLN D 248 25.35 8.74 13.86
CA GLN D 248 24.44 9.88 13.80
C GLN D 248 24.55 10.65 15.11
N LEU D 249 24.57 11.97 15.02
CA LEU D 249 24.79 12.79 16.20
C LEU D 249 23.54 13.57 16.59
N GLU D 250 23.56 14.03 17.84
CA GLU D 250 22.48 14.84 18.39
C GLU D 250 22.41 16.20 17.72
N SER D 251 23.56 16.75 17.36
CA SER D 251 23.65 18.09 16.78
C SER D 251 24.80 18.07 15.77
N PRO D 252 24.96 19.08 14.90
CA PRO D 252 26.17 19.14 14.05
C PRO D 252 27.45 19.22 14.88
N ALA D 253 28.40 18.33 14.56
CA ALA D 253 29.62 18.12 15.32
C ALA D 253 29.33 17.93 16.81
N GLY D 254 28.19 17.32 17.13
CA GLY D 254 27.68 17.12 18.48
C GLY D 254 27.96 15.73 19.03
N GLN D 255 27.05 15.26 19.90
CA GLN D 255 27.23 14.01 20.63
C GLN D 255 26.59 12.83 19.88
N GLU D 256 27.23 11.67 19.98
CA GLU D 256 26.72 10.49 19.31
C GLU D 256 25.44 10.01 19.97
N ILE D 257 24.45 9.65 19.15
CA ILE D 257 23.23 9.09 19.70
C ILE D 257 23.55 7.71 20.26
N GLY D 258 23.39 7.56 21.58
CA GLY D 258 23.82 6.34 22.21
C GLY D 258 22.95 5.15 21.87
N SER D 259 21.74 5.40 21.39
CA SER D 259 20.73 4.36 21.23
C SER D 259 20.39 4.05 19.78
N SER D 260 20.99 4.74 18.81
CA SER D 260 20.70 4.48 17.41
C SER D 260 21.74 5.21 16.57
N GLY D 261 21.74 4.93 15.27
CA GLY D 261 22.40 5.80 14.32
C GLY D 261 23.73 5.34 13.76
N LEU D 262 24.27 4.20 14.18
CA LEU D 262 25.52 3.73 13.60
C LEU D 262 25.26 3.06 12.25
N SER D 263 26.17 3.28 11.30
CA SER D 263 26.07 2.69 9.96
C SER D 263 27.40 2.10 9.52
N ALA D 264 27.39 0.81 9.17
CA ALA D 264 28.59 0.10 8.74
C ALA D 264 28.22 -0.86 7.61
N THR D 265 29.25 -1.43 6.99
CA THR D 265 29.04 -2.46 5.97
C THR D 265 28.76 -3.80 6.63
N LEU D 266 28.25 -4.74 5.83
CA LEU D 266 27.80 -6.03 6.35
C LEU D 266 28.95 -6.76 7.03
N ARG D 267 30.09 -6.84 6.35
CA ARG D 267 31.22 -7.57 6.90
C ARG D 267 31.77 -6.90 8.15
N ASP D 268 31.76 -5.56 8.21
CA ASP D 268 32.28 -4.86 9.39
C ASP D 268 31.40 -5.10 10.61
N TYR D 269 30.09 -5.17 10.41
CA TYR D 269 29.17 -5.62 11.47
C TYR D 269 29.53 -7.03 11.93
N GLY D 270 29.76 -7.93 10.97
CA GLY D 270 30.18 -9.27 11.35
C GLY D 270 31.48 -9.26 12.12
N ARG D 271 32.42 -8.39 11.73
CA ARG D 271 33.69 -8.28 12.45
C ARG D 271 33.48 -7.80 13.88
N PHE D 272 32.54 -6.88 14.10
CA PHE D 272 32.27 -6.49 15.48
C PHE D 272 31.70 -7.67 16.26
N GLY D 273 30.76 -8.40 15.66
CA GLY D 273 30.22 -9.58 16.32
C GLY D 273 31.28 -10.62 16.59
N GLN D 274 32.31 -10.68 15.74
CA GLN D 274 33.41 -11.61 15.97
C GLN D 274 34.32 -11.13 17.09
N PHE D 275 34.54 -9.81 17.17
CA PHE D 275 35.19 -9.23 18.32
C PHE D 275 34.50 -9.67 19.61
N VAL D 276 33.18 -9.54 19.65
CA VAL D 276 32.48 -9.91 20.88
C VAL D 276 32.50 -11.42 21.09
N LEU D 277 32.52 -12.19 20.00
CA LEU D 277 32.60 -13.64 20.10
C LEU D 277 33.92 -14.07 20.74
N GLU D 278 35.01 -13.46 20.30
CA GLU D 278 36.34 -13.75 20.81
C GLU D 278 36.62 -13.07 22.16
N ASP D 279 35.58 -12.74 22.92
CA ASP D 279 35.70 -12.12 24.25
C ASP D 279 36.57 -10.86 24.23
N GLY D 280 36.59 -10.21 23.08
CA GLY D 280 37.23 -8.90 22.99
C GLY D 280 38.72 -8.95 23.21
N VAL D 281 39.41 -9.87 22.57
CA VAL D 281 40.86 -9.84 22.49
C VAL D 281 41.22 -9.57 21.05
N ILE D 282 42.19 -8.68 20.83
CA ILE D 282 42.60 -8.26 19.49
C ILE D 282 44.12 -8.38 19.45
N ASP D 283 44.63 -9.33 18.66
CA ASP D 283 46.06 -9.62 18.59
C ASP D 283 46.62 -10.02 19.96
N GLY D 284 45.82 -10.73 20.76
CA GLY D 284 46.19 -11.08 22.10
C GLY D 284 45.91 -9.99 23.12
N GLU D 285 45.99 -8.73 22.70
CA GLU D 285 45.63 -7.62 23.58
C GLU D 285 44.15 -7.72 23.96
N ARG D 286 43.86 -7.52 25.25
CA ARG D 286 42.51 -7.64 25.78
C ARG D 286 41.87 -6.25 25.82
N ILE D 287 40.74 -6.09 25.12
CA ILE D 287 40.05 -4.80 25.05
C ILE D 287 38.90 -4.72 26.06
N LEU D 288 38.16 -5.82 26.25
CA LEU D 288 37.11 -5.94 27.25
C LEU D 288 37.64 -6.59 28.52
N PRO D 289 36.98 -6.39 29.66
CA PRO D 289 37.33 -7.16 30.86
C PRO D 289 37.20 -8.65 30.60
N GLU D 290 37.94 -9.43 31.39
CA GLU D 290 37.82 -10.88 31.32
C GLU D 290 36.42 -11.30 31.78
N GLY D 291 35.69 -12.00 30.92
CA GLY D 291 34.36 -12.42 31.26
C GLY D 291 33.32 -11.33 31.24
N TRP D 292 33.64 -10.15 30.70
CA TRP D 292 32.62 -9.14 30.47
C TRP D 292 31.54 -9.66 29.52
N VAL D 293 31.95 -10.33 28.43
CA VAL D 293 30.96 -10.85 27.49
C VAL D 293 30.01 -11.79 28.20
N ASP D 294 30.48 -12.46 29.25
CA ASP D 294 29.62 -13.44 29.89
C ASP D 294 28.64 -12.77 30.85
N ARG D 295 29.12 -11.85 31.68
CA ARG D 295 28.23 -11.14 32.60
C ARG D 295 27.29 -10.19 31.88
N ALA D 296 27.61 -9.83 30.64
CA ALA D 296 26.75 -9.00 29.80
C ALA D 296 25.66 -9.81 29.11
N SER D 297 25.82 -11.14 29.08
CA SER D 297 24.79 -12.04 28.58
C SER D 297 24.31 -12.98 29.66
N ARG D 298 24.66 -12.73 30.93
CA ARG D 298 24.25 -13.62 32.01
C ARG D 298 22.74 -13.83 31.98
N VAL D 299 22.36 -15.10 32.04
CA VAL D 299 20.97 -15.54 32.01
C VAL D 299 20.70 -16.19 33.36
N GLU D 300 20.17 -15.42 34.28
CA GLU D 300 19.98 -15.86 35.65
C GLU D 300 18.48 -15.93 35.90
N ALA D 301 18.03 -16.96 36.60
CA ALA D 301 16.59 -17.27 36.65
C ALA D 301 15.81 -16.41 37.63
N SER D 302 16.43 -15.99 38.73
CA SER D 302 15.75 -15.17 39.74
C SER D 302 15.87 -13.66 39.49
N SER D 303 16.46 -13.27 38.36
CA SER D 303 16.56 -11.86 37.98
C SER D 303 15.36 -11.45 37.14
N HIS D 304 14.92 -10.21 37.33
CA HIS D 304 13.85 -9.61 36.54
C HIS D 304 14.23 -9.48 35.07
N LEU D 305 15.41 -9.98 34.69
CA LEU D 305 15.93 -9.93 33.33
C LEU D 305 16.04 -11.31 32.70
N ALA D 306 15.32 -12.29 33.22
CA ALA D 306 15.50 -13.64 32.70
C ALA D 306 14.70 -13.82 31.42
N PRO D 307 15.14 -14.72 30.54
CA PRO D 307 14.34 -15.05 29.35
C PRO D 307 12.90 -15.40 29.72
N GLY D 308 11.96 -14.92 28.91
CA GLY D 308 10.56 -15.14 29.21
C GLY D 308 10.05 -14.41 30.43
N LYS D 309 10.77 -13.37 30.88
CA LYS D 309 10.32 -12.51 31.98
C LYS D 309 9.94 -11.11 31.54
N LEU D 310 10.56 -10.58 30.50
CA LEU D 310 10.23 -9.24 30.01
C LEU D 310 8.92 -9.27 29.24
N TYR D 311 8.13 -8.20 29.41
CA TYR D 311 6.87 -7.98 28.70
C TYR D 311 5.83 -9.04 29.10
N ASP D 312 5.50 -9.04 30.40
CA ASP D 312 4.55 -9.99 31.00
C ASP D 312 4.86 -11.42 30.61
N GLY D 313 6.15 -11.73 30.46
CA GLY D 313 6.57 -13.04 30.03
C GLY D 313 6.03 -13.49 28.68
N GLU D 314 5.52 -12.54 27.88
CA GLU D 314 5.06 -12.85 26.53
C GLU D 314 6.13 -12.58 25.48
N TYR D 315 7.36 -12.29 25.92
CA TYR D 315 8.54 -12.21 25.07
C TYR D 315 9.56 -13.24 25.55
N ALA D 316 9.96 -14.14 24.65
CA ALA D 316 10.87 -15.22 24.99
C ALA D 316 12.29 -14.76 25.32
N LEU D 317 12.64 -13.51 25.03
CA LEU D 317 14.01 -13.05 25.20
C LEU D 317 14.19 -12.32 26.53
N GLY D 318 15.39 -12.48 27.11
CA GLY D 318 15.81 -11.75 28.27
C GLY D 318 16.87 -10.71 27.93
N TYR D 319 17.26 -9.96 28.95
CA TYR D 319 18.17 -8.82 28.76
C TYR D 319 19.47 -9.01 29.53
N GLY D 320 20.53 -8.43 28.97
CA GLY D 320 21.82 -8.37 29.65
C GLY D 320 22.36 -6.95 29.76
N TYR D 321 23.62 -6.76 29.37
CA TYR D 321 24.22 -5.41 29.26
C TYR D 321 23.91 -4.90 27.87
N GLN D 322 22.68 -4.38 27.71
CA GLN D 322 22.15 -3.97 26.40
C GLN D 322 22.28 -5.08 25.36
N TRP D 323 22.05 -6.33 25.77
CA TRP D 323 21.89 -7.43 24.84
C TRP D 323 20.61 -8.21 25.16
N TRP D 324 20.06 -8.85 24.11
CA TRP D 324 18.96 -9.79 24.30
C TRP D 324 19.54 -11.19 24.47
N THR D 325 19.02 -11.91 25.46
CA THR D 325 19.54 -13.22 25.83
C THR D 325 18.48 -14.27 25.50
N PHE D 326 18.88 -15.27 24.69
CA PHE D 326 18.00 -16.37 24.32
C PHE D 326 17.81 -17.32 25.51
N PRO D 327 16.68 -18.02 25.56
CA PRO D 327 16.47 -18.96 26.67
C PRO D 327 17.34 -20.19 26.54
N VAL D 328 17.59 -20.83 27.68
CA VAL D 328 18.49 -21.98 27.79
C VAL D 328 17.72 -23.15 28.40
N GLY D 329 18.13 -24.36 28.03
CA GLY D 329 17.52 -25.56 28.59
C GLY D 329 16.14 -25.93 28.08
N ALA D 330 15.17 -26.01 29.00
CA ALA D 330 13.85 -26.51 28.64
C ALA D 330 13.06 -25.49 27.83
N LYS D 331 13.16 -24.20 28.18
CA LYS D 331 12.48 -23.17 27.41
C LYS D 331 13.31 -22.67 26.22
N ALA D 332 14.44 -23.32 25.94
CA ALA D 332 15.29 -22.96 24.82
C ALA D 332 14.53 -23.00 23.49
N LEU D 333 15.18 -22.48 22.47
CA LEU D 333 14.61 -22.42 21.13
C LEU D 333 15.44 -23.27 20.18
N PRO D 334 14.78 -23.94 19.20
CA PRO D 334 15.48 -24.89 18.32
C PRO D 334 16.81 -24.37 17.77
N GLU D 335 17.91 -24.88 18.35
CA GLU D 335 19.33 -24.62 18.00
C GLU D 335 19.86 -23.34 18.62
N HIS D 336 19.10 -22.69 19.51
CA HIS D 336 19.57 -21.48 20.20
C HIS D 336 19.72 -21.75 21.69
N ASP D 337 20.43 -22.81 22.06
CA ASP D 337 20.52 -23.20 23.46
C ASP D 337 21.85 -22.82 24.11
N GLY D 338 22.91 -22.64 23.34
CA GLY D 338 24.22 -22.38 23.90
C GLY D 338 24.43 -21.02 24.53
N GLY D 339 23.46 -20.57 25.33
CA GLY D 339 23.45 -19.22 25.87
C GLY D 339 23.76 -18.19 24.82
N ALA D 340 23.04 -18.23 23.71
CA ALA D 340 23.25 -17.26 22.65
C ALA D 340 22.58 -15.94 22.99
N PHE D 341 23.08 -14.87 22.37
CA PHE D 341 22.55 -13.52 22.62
C PHE D 341 22.59 -12.73 21.32
N GLU D 342 21.79 -11.67 21.28
CA GLU D 342 21.69 -10.87 20.07
C GLU D 342 21.57 -9.39 20.42
N ALA D 343 22.05 -8.57 19.49
CA ALA D 343 21.65 -7.18 19.36
C ALA D 343 20.49 -7.12 18.38
N GLN D 344 19.47 -6.34 18.72
CA GLN D 344 18.26 -6.30 17.93
C GLN D 344 17.85 -4.85 17.71
N GLY D 345 17.44 -4.55 16.48
CA GLY D 345 17.06 -3.21 16.11
C GLY D 345 15.85 -3.23 15.19
N ILE D 346 15.11 -2.14 15.25
CA ILE D 346 13.83 -1.85 14.62
C ILE D 346 13.84 -2.19 13.12
N PHE D 347 12.68 -2.59 12.58
CA PHE D 347 12.48 -2.98 11.18
C PHE D 347 13.28 -4.21 10.77
N GLY D 348 13.71 -5.02 11.76
CA GLY D 348 14.36 -6.30 11.54
C GLY D 348 15.86 -6.29 11.31
N GLN D 349 16.60 -5.59 12.17
CA GLN D 349 18.06 -5.65 12.19
C GLN D 349 18.52 -6.56 13.33
N TYR D 350 19.53 -7.39 13.04
CA TYR D 350 19.88 -8.50 13.92
C TYR D 350 21.38 -8.72 13.90
N LEU D 351 22.01 -8.73 15.08
CA LEU D 351 23.38 -9.24 15.26
C LEU D 351 23.36 -10.39 16.27
N TYR D 352 23.68 -11.58 15.82
CA TYR D 352 23.46 -12.81 16.55
C TYR D 352 24.81 -13.42 16.89
N ILE D 353 25.09 -13.63 18.17
CA ILE D 353 26.28 -14.34 18.60
C ILE D 353 25.82 -15.60 19.33
N ASN D 354 26.29 -16.75 18.86
CA ASN D 354 26.21 -17.99 19.62
C ASN D 354 27.64 -18.49 19.70
N ARG D 355 28.29 -18.27 20.84
CA ARG D 355 29.71 -18.59 20.94
C ARG D 355 29.94 -20.06 21.20
N LYS D 356 28.96 -20.75 21.80
CA LYS D 356 29.11 -22.19 21.97
C LYS D 356 29.17 -22.91 20.62
N GLU D 357 28.73 -22.27 19.53
CA GLU D 357 28.91 -22.81 18.18
C GLU D 357 29.84 -21.96 17.32
N LYS D 358 30.57 -21.01 17.91
CA LYS D 358 31.53 -20.17 17.19
C LYS D 358 30.88 -19.52 15.95
N ILE D 359 29.69 -18.96 16.16
CA ILE D 359 28.84 -18.45 15.08
C ILE D 359 28.47 -16.99 15.36
N VAL D 360 28.64 -16.14 14.34
CA VAL D 360 28.10 -14.80 14.37
C VAL D 360 27.30 -14.60 13.09
N ALA D 361 26.25 -13.77 13.16
CA ALA D 361 25.35 -13.60 12.03
C ALA D 361 24.72 -12.21 12.02
N VAL D 362 24.87 -11.50 10.89
CA VAL D 362 24.27 -10.19 10.65
C VAL D 362 23.06 -10.34 9.74
N VAL D 363 21.97 -9.66 10.08
CA VAL D 363 20.77 -9.61 9.25
C VAL D 363 20.31 -8.16 9.14
N TRP D 364 20.35 -7.63 7.92
CA TRP D 364 19.71 -6.38 7.54
C TRP D 364 18.42 -6.69 6.81
N SER D 365 17.33 -6.07 7.25
CA SER D 365 16.04 -6.22 6.60
C SER D 365 15.40 -4.85 6.49
N ALA D 366 14.14 -4.82 6.00
CA ALA D 366 13.39 -3.55 5.91
C ALA D 366 11.90 -3.83 6.03
N TRP D 367 11.49 -4.29 7.21
CA TRP D 367 10.09 -4.55 7.49
C TRP D 367 9.26 -3.28 7.31
N PRO D 368 7.99 -3.41 6.93
CA PRO D 368 7.13 -2.21 6.94
C PRO D 368 6.79 -1.73 8.34
N LYS D 369 6.62 -2.61 9.25
CA LYS D 369 6.33 -2.21 10.61
C LYS D 369 7.58 -2.34 11.47
N PRO D 370 7.66 -1.55 12.55
CA PRO D 370 8.84 -1.65 13.44
C PRO D 370 8.97 -3.00 14.14
N GLU D 371 7.86 -3.60 14.61
CA GLU D 371 7.88 -4.91 15.25
C GLU D 371 6.89 -5.84 14.55
N MET D 372 7.40 -6.87 13.89
CA MET D 372 6.50 -7.82 13.23
C MET D 372 6.95 -9.20 13.68
N ASP D 373 6.17 -9.81 14.59
CA ASP D 373 6.58 -11.08 15.19
C ASP D 373 6.69 -12.22 14.17
N ASP D 374 5.92 -12.15 13.08
CA ASP D 374 6.07 -13.16 12.03
C ASP D 374 7.50 -13.17 11.50
N ARG D 375 8.00 -12.01 11.07
CA ARG D 375 9.35 -11.97 10.52
C ARG D 375 10.43 -12.21 11.57
N GLU D 376 10.15 -11.93 12.85
CA GLU D 376 11.11 -12.28 13.90
C GLU D 376 11.23 -13.80 14.06
N GLU D 377 10.10 -14.49 14.29
CA GLU D 377 10.09 -15.95 14.36
C GLU D 377 10.71 -16.57 13.11
N GLU D 378 10.40 -16.02 11.93
CA GLU D 378 10.95 -16.53 10.69
C GLU D 378 12.47 -16.39 10.67
N THR D 379 12.99 -15.22 11.06
CA THR D 379 14.43 -15.03 11.11
C THR D 379 15.08 -15.99 12.10
N TYR D 380 14.43 -16.19 13.25
CA TYR D 380 15.02 -17.08 14.25
C TYR D 380 15.08 -18.51 13.71
N ALA D 381 14.00 -18.96 13.08
CA ALA D 381 14.01 -20.29 12.45
C ALA D 381 15.08 -20.39 11.37
N PHE D 382 15.23 -19.35 10.55
CA PHE D 382 16.26 -19.37 9.51
C PHE D 382 17.63 -19.54 10.13
N LEU D 383 17.93 -18.76 11.17
CA LEU D 383 19.23 -18.85 11.81
C LEU D 383 19.40 -20.20 12.51
N GLY D 384 18.32 -20.81 13.01
CA GLY D 384 18.45 -22.15 13.57
C GLY D 384 18.80 -23.18 12.52
N ALA D 385 18.18 -23.06 11.35
CA ALA D 385 18.57 -23.89 10.21
C ALA D 385 20.05 -23.74 9.90
N ALA D 386 20.55 -22.50 9.96
CA ALA D 386 21.98 -22.29 9.68
C ALA D 386 22.85 -22.87 10.79
N VAL D 387 22.37 -22.83 12.05
CA VAL D 387 23.08 -23.48 13.16
C VAL D 387 23.31 -24.96 12.86
N LYS D 388 22.20 -25.68 12.54
CA LYS D 388 22.33 -27.07 12.12
C LYS D 388 23.31 -27.23 10.97
N ALA D 389 23.05 -26.53 9.86
CA ALA D 389 23.81 -26.69 8.63
C ALA D 389 25.29 -26.35 8.77
N LEU D 390 25.70 -25.67 9.85
CA LEU D 390 27.12 -25.42 10.08
C LEU D 390 27.72 -26.20 11.23
N ARG D 391 26.88 -26.70 12.14
CA ARG D 391 27.32 -27.34 13.38
C ARG D 391 28.33 -28.46 13.17
#